data_8IM1
#
_entry.id   8IM1
#
_cell.length_a   68.070
_cell.length_b   74.830
_cell.length_c   94.640
_cell.angle_alpha   111.33
_cell.angle_beta   100.68
_cell.angle_gamma   104.42
#
_symmetry.space_group_name_H-M   'P 1'
#
loop_
_entity.id
_entity.type
_entity.pdbx_description
1 polymer 'MCherry fluorescent protein'
2 polymer LaM1
3 non-polymer 'SULFATE ION'
4 water water
#
loop_
_entity_poly.entity_id
_entity_poly.type
_entity_poly.pdbx_seq_one_letter_code
_entity_poly.pdbx_strand_id
1 'polypeptide(L)'
;GMVSKGEEDNMAIIKEFMRFKVHMEGSVNGHEFEIEGEGEGRPYEGTQTAKLKVTKGGPLPFAWDILSPQF(CH6)SKAY
VKHPADIPDYLKLSFPEGFKWERVMNFEDGGVVTVTQDSSLQDGEFIYKVKLRGTNFPSDGPVMQKKTMGWEASSERMYP
EDGALKGEIKQRLKLKDGGHYDAEVKTTYKAKKPVQLPGAYNVNIKLDITSHNEDYTIVEQYERAEGRHSTGGMDELYK
;
A,C,E,G
2 'polypeptide(L)'
;GSAQVQLVESGGGLVQAGDSLRLSCAASGRTFENYAMGWFRQAPGKEREFVGAVSWGGGRTYYADNVKGRFTISRDNAKK
NTVYLQMNSLKPEDTAVYYCAAKSVLTIATMRVPDEYNYWGQGTQVTVS
;
B,D,F,H
#
loop_
_chem_comp.id
_chem_comp.type
_chem_comp.name
_chem_comp.formula
SO4 non-polymer 'SULFATE ION' 'O4 S -2'
#
# COMPACT_ATOMS: atom_id res chain seq x y z
N ALA A 12 35.55 16.90 -45.30
CA ALA A 12 36.56 16.79 -44.23
C ALA A 12 36.15 17.62 -43.03
N ILE A 13 34.86 17.63 -42.71
CA ILE A 13 34.37 18.40 -41.57
C ILE A 13 34.73 17.69 -40.28
N ILE A 14 34.34 16.43 -40.14
CA ILE A 14 34.63 15.63 -38.96
C ILE A 14 35.78 14.70 -39.32
N LYS A 15 36.99 15.06 -38.89
CA LYS A 15 38.17 14.29 -39.20
C LYS A 15 38.28 13.08 -38.27
N GLU A 16 39.17 12.15 -38.63
CA GLU A 16 39.37 10.95 -37.83
C GLU A 16 39.99 11.26 -36.47
N PHE A 17 40.55 12.45 -36.30
CA PHE A 17 41.04 12.93 -35.00
C PHE A 17 40.50 14.33 -34.77
N MET A 18 39.90 14.55 -33.61
CA MET A 18 39.28 15.83 -33.31
C MET A 18 39.50 16.18 -31.85
N ARG A 19 39.87 17.42 -31.59
CA ARG A 19 39.93 17.94 -30.22
C ARG A 19 38.62 18.64 -29.89
N PHE A 20 38.43 18.94 -28.61
CA PHE A 20 37.31 19.75 -28.19
C PHE A 20 37.68 20.53 -26.94
N LYS A 21 36.97 21.63 -26.74
CA LYS A 21 37.01 22.40 -25.50
C LYS A 21 35.62 22.40 -24.90
N VAL A 22 35.54 22.26 -23.58
CA VAL A 22 34.26 22.21 -22.89
C VAL A 22 34.30 23.21 -21.74
N HIS A 23 33.19 23.92 -21.54
CA HIS A 23 32.98 24.79 -20.40
C HIS A 23 31.65 24.42 -19.76
N MET A 24 31.66 24.22 -18.44
CA MET A 24 30.46 23.91 -17.69
C MET A 24 30.24 24.93 -16.59
N GLU A 25 29.05 25.52 -16.58
CA GLU A 25 28.57 26.33 -15.46
C GLU A 25 27.51 25.51 -14.74
N GLY A 26 27.72 25.25 -13.46
CA GLY A 26 26.86 24.34 -12.74
C GLY A 26 26.54 24.82 -11.35
N SER A 27 25.51 24.20 -10.78
CA SER A 27 25.11 24.40 -9.39
C SER A 27 24.47 23.11 -8.91
N VAL A 28 24.94 22.61 -7.76
CA VAL A 28 24.45 21.37 -7.18
C VAL A 28 24.13 21.63 -5.72
N ASN A 29 22.87 21.47 -5.34
CA ASN A 29 22.40 21.75 -3.99
C ASN A 29 22.85 23.13 -3.51
N GLY A 30 22.87 24.08 -4.44
CA GLY A 30 23.23 25.45 -4.13
C GLY A 30 24.69 25.79 -4.31
N HIS A 31 25.57 24.81 -4.43
CA HIS A 31 27.00 25.06 -4.60
C HIS A 31 27.28 25.32 -6.08
N GLU A 32 27.57 26.56 -6.43
CA GLU A 32 27.86 26.94 -7.80
C GLU A 32 29.34 26.74 -8.10
N PHE A 33 29.65 26.54 -9.38
CA PHE A 33 31.00 26.19 -9.79
C PHE A 33 31.13 26.37 -11.29
N GLU A 34 32.38 26.48 -11.74
CA GLU A 34 32.70 26.41 -13.16
C GLU A 34 33.80 25.38 -13.39
N ILE A 35 33.72 24.73 -14.55
CA ILE A 35 34.70 23.75 -14.97
C ILE A 35 35.12 24.07 -16.40
N GLU A 36 36.42 24.01 -16.67
CA GLU A 36 36.94 24.15 -18.01
C GLU A 36 37.73 22.89 -18.37
N GLY A 37 37.63 22.49 -19.63
CA GLY A 37 38.25 21.24 -20.04
C GLY A 37 38.68 21.27 -21.49
N GLU A 38 39.64 20.40 -21.79
CA GLU A 38 40.10 20.18 -23.16
C GLU A 38 40.19 18.68 -23.37
N GLY A 39 39.81 18.23 -24.57
CA GLY A 39 39.80 16.83 -24.85
C GLY A 39 40.15 16.56 -26.30
N GLU A 40 40.30 15.26 -26.60
CA GLU A 40 40.55 14.82 -27.95
C GLU A 40 40.08 13.38 -28.06
N GLY A 41 39.87 12.93 -29.29
CA GLY A 41 39.45 11.57 -29.51
C GLY A 41 39.41 11.26 -30.99
N ARG A 42 39.01 10.04 -31.29
CA ARG A 42 38.83 9.59 -32.67
C ARG A 42 37.35 9.31 -32.89
N PRO A 43 36.61 10.24 -33.51
CA PRO A 43 35.15 10.14 -33.50
C PRO A 43 34.60 8.90 -34.15
N TYR A 44 35.26 8.37 -35.18
CA TYR A 44 34.73 7.20 -35.86
C TYR A 44 35.10 5.91 -35.15
N GLU A 45 36.12 5.93 -34.29
CA GLU A 45 36.42 4.80 -33.43
C GLU A 45 35.66 4.83 -32.12
N GLY A 46 34.93 5.91 -31.84
CA GLY A 46 34.11 6.01 -30.65
C GLY A 46 34.87 6.21 -29.35
N THR A 47 36.11 6.69 -29.43
CA THR A 47 36.95 6.85 -28.24
C THR A 47 37.29 8.32 -28.05
N GLN A 48 37.52 8.71 -26.80
CA GLN A 48 37.84 10.08 -26.47
C GLN A 48 38.39 10.17 -25.05
N THR A 49 39.21 11.19 -24.81
CA THR A 49 39.72 11.49 -23.48
C THR A 49 39.60 12.99 -23.26
N ALA A 50 39.63 13.38 -21.99
CA ALA A 50 39.60 14.81 -21.66
C ALA A 50 40.19 15.01 -20.28
N LYS A 51 40.65 16.23 -20.04
CA LYS A 51 41.14 16.66 -18.74
C LYS A 51 40.32 17.86 -18.30
N LEU A 52 39.64 17.72 -17.16
CA LEU A 52 38.74 18.75 -16.65
C LEU A 52 39.36 19.41 -15.42
N LYS A 53 39.20 20.72 -15.32
CA LYS A 53 39.72 21.49 -14.20
C LYS A 53 38.59 22.30 -13.58
N VAL A 54 38.40 22.16 -12.27
CA VAL A 54 37.47 23.01 -11.54
C VAL A 54 38.11 24.39 -11.41
N THR A 55 37.64 25.34 -12.22
CA THR A 55 38.23 26.67 -12.27
C THR A 55 37.63 27.64 -11.27
N LYS A 56 36.39 27.42 -10.86
CA LYS A 56 35.73 28.29 -9.89
C LYS A 56 34.88 27.44 -8.96
N GLY A 57 34.83 27.84 -7.69
CA GLY A 57 34.01 27.15 -6.72
C GLY A 57 34.57 25.83 -6.22
N GLY A 58 35.86 25.58 -6.42
CA GLY A 58 36.45 24.35 -5.95
C GLY A 58 36.94 24.46 -4.53
N PRO A 59 37.12 23.31 -3.85
CA PRO A 59 36.84 21.95 -4.31
C PRO A 59 35.36 21.60 -4.20
N LEU A 60 34.86 20.73 -5.08
CA LEU A 60 33.43 20.42 -5.09
C LEU A 60 33.07 19.58 -3.87
N PRO A 61 31.96 19.90 -3.20
CA PRO A 61 31.56 19.12 -2.02
C PRO A 61 30.67 17.94 -2.35
N PHE A 62 30.65 17.53 -3.62
CA PHE A 62 29.79 16.44 -4.06
C PHE A 62 30.56 15.53 -5.01
N ALA A 63 29.93 14.41 -5.35
CA ALA A 63 30.59 13.40 -6.17
C ALA A 63 30.81 13.91 -7.58
N TRP A 64 32.05 13.77 -8.07
CA TRP A 64 32.34 14.11 -9.45
C TRP A 64 31.51 13.30 -10.43
N ASP A 65 31.09 12.10 -10.02
CA ASP A 65 30.48 11.16 -10.95
C ASP A 65 29.17 11.68 -11.56
N ILE A 66 28.48 12.60 -10.87
CA ILE A 66 27.25 13.13 -11.46
C ILE A 66 27.55 14.10 -12.60
N LEU A 67 28.78 14.62 -12.67
CA LEU A 67 29.15 15.53 -13.76
C LEU A 67 29.83 14.81 -14.91
N SER A 68 30.48 13.69 -14.67
CA SER A 68 31.29 13.03 -15.69
C SER A 68 30.53 12.75 -16.99
N PRO A 69 29.25 12.35 -17.00
CA PRO A 69 28.57 12.11 -18.28
C PRO A 69 28.11 13.36 -19.01
N GLN A 70 28.38 14.56 -18.50
CA GLN A 70 27.97 15.78 -19.18
C GLN A 70 29.08 16.41 -20.00
N PHE A 71 30.28 15.85 -19.98
CA PHE A 71 31.41 16.40 -20.73
C PHE A 71 31.57 15.72 -22.09
N1 CH6 A 72 30.93 14.55 -21.56
CE CH6 A 72 35.78 12.81 -22.24
SD CH6 A 72 34.60 11.52 -21.73
CG1 CH6 A 72 33.01 11.79 -22.57
CB1 CH6 A 72 32.00 12.38 -21.56
CA1 CH6 A 72 31.02 13.31 -22.30
C1 CH6 A 72 29.64 12.63 -22.40
N2 CH6 A 72 29.52 11.26 -22.08
CB2 CH6 A 72 27.60 9.70 -22.09
CA2 CH6 A 72 28.13 10.92 -22.28
C2 CH6 A 72 27.36 12.20 -22.78
O2 CH6 A 72 26.20 12.31 -23.04
N3 CH6 A 72 28.42 13.25 -22.82
CA3 CH6 A 72 28.19 14.65 -23.21
C3 CH6 A 72 29.04 15.11 -24.41
O3 CH6 A 72 28.70 16.16 -25.04
N SER A 73 29.04 13.97 -25.26
CA SER A 73 29.98 14.16 -26.35
C SER A 73 29.76 13.05 -27.37
N LYS A 74 28.52 12.93 -27.82
CA LYS A 74 28.08 11.80 -28.63
C LYS A 74 28.49 11.91 -30.09
N ALA A 75 29.27 12.93 -30.46
CA ALA A 75 29.90 12.90 -31.77
C ALA A 75 31.00 11.83 -31.83
N TYR A 76 31.55 11.45 -30.68
CA TYR A 76 32.58 10.41 -30.60
C TYR A 76 31.93 9.06 -30.31
N VAL A 77 31.05 8.63 -31.21
CA VAL A 77 30.40 7.33 -31.11
C VAL A 77 30.64 6.58 -32.41
N LYS A 78 31.25 5.40 -32.31
CA LYS A 78 31.47 4.57 -33.50
C LYS A 78 30.14 4.00 -33.98
N HIS A 79 29.86 4.19 -35.26
CA HIS A 79 28.62 3.72 -35.86
C HIS A 79 28.92 2.67 -36.93
N PRO A 80 28.03 1.71 -37.14
CA PRO A 80 28.15 0.85 -38.32
C PRO A 80 27.75 1.62 -39.57
N ALA A 81 28.09 1.03 -40.72
CA ALA A 81 27.87 1.73 -41.98
C ALA A 81 26.41 1.91 -42.31
N ASP A 82 25.50 1.19 -41.64
CA ASP A 82 24.08 1.26 -41.94
C ASP A 82 23.28 2.04 -40.91
N ILE A 83 23.94 2.79 -40.03
CA ILE A 83 23.27 3.64 -39.06
C ILE A 83 23.71 5.08 -39.32
N PRO A 84 22.80 6.00 -39.64
CA PRO A 84 23.19 7.39 -39.87
C PRO A 84 23.61 8.11 -38.60
N ASP A 85 24.89 8.48 -38.50
CA ASP A 85 25.35 9.27 -37.36
C ASP A 85 24.73 10.66 -37.42
N TYR A 86 23.54 10.79 -36.82
CA TYR A 86 22.77 12.02 -36.88
C TYR A 86 23.56 13.22 -36.35
N LEU A 87 24.40 12.99 -35.34
CA LEU A 87 25.11 14.10 -34.70
C LEU A 87 26.36 14.51 -35.46
N LYS A 88 26.97 13.58 -36.21
CA LYS A 88 28.13 13.95 -37.03
C LYS A 88 27.71 14.81 -38.22
N LEU A 89 26.56 14.50 -38.82
CA LEU A 89 26.08 15.25 -39.98
C LEU A 89 25.53 16.63 -39.62
N SER A 90 25.26 16.89 -38.35
CA SER A 90 24.75 18.19 -37.94
C SER A 90 25.81 19.30 -38.03
N PHE A 91 27.07 18.96 -38.17
CA PHE A 91 28.14 19.94 -38.23
C PHE A 91 28.36 20.41 -39.65
N PRO A 92 28.98 21.59 -39.85
CA PRO A 92 29.67 22.47 -38.88
C PRO A 92 28.74 23.25 -37.95
N GLU A 93 27.45 23.33 -38.24
CA GLU A 93 26.54 24.11 -37.38
C GLU A 93 26.47 23.50 -35.99
N GLY A 94 26.32 22.19 -35.90
CA GLY A 94 26.30 21.50 -34.63
C GLY A 94 24.90 21.12 -34.18
N PHE A 95 24.77 20.94 -32.87
CA PHE A 95 23.51 20.49 -32.28
C PHE A 95 23.48 20.91 -30.82
N LYS A 96 22.29 20.77 -30.23
CA LYS A 96 22.08 20.97 -28.81
C LYS A 96 21.49 19.71 -28.21
N TRP A 97 21.64 19.55 -26.89
CA TRP A 97 20.91 18.50 -26.20
C TRP A 97 20.49 18.97 -24.82
N GLU A 98 19.42 18.35 -24.33
CA GLU A 98 18.84 18.62 -23.02
C GLU A 98 18.62 17.29 -22.32
N ARG A 99 18.90 17.26 -21.02
CA ARG A 99 18.94 16.00 -20.30
C ARG A 99 18.36 16.17 -18.90
N VAL A 100 17.62 15.16 -18.45
CA VAL A 100 17.17 15.06 -17.06
C VAL A 100 17.66 13.73 -16.50
N MET A 101 18.40 13.81 -15.40
CA MET A 101 18.79 12.62 -14.65
C MET A 101 18.01 12.60 -13.35
N ASN A 102 17.21 11.57 -13.15
CA ASN A 102 16.45 11.38 -11.92
C ASN A 102 17.09 10.25 -11.13
N PHE A 103 17.52 10.56 -9.91
CA PHE A 103 18.15 9.56 -9.07
C PHE A 103 17.13 8.90 -8.15
N GLU A 104 17.49 7.71 -7.67
CA GLU A 104 16.53 6.88 -6.92
C GLU A 104 16.12 7.54 -5.61
N ASP A 105 16.96 8.38 -5.03
CA ASP A 105 16.70 8.96 -3.72
C ASP A 105 16.10 10.37 -3.80
N GLY A 106 15.73 10.83 -5.00
CA GLY A 106 15.11 12.12 -5.17
C GLY A 106 16.01 13.17 -5.80
N GLY A 107 17.31 12.93 -5.87
CA GLY A 107 18.19 13.89 -6.53
C GLY A 107 17.81 14.06 -7.99
N VAL A 108 17.89 15.29 -8.47
CA VAL A 108 17.51 15.63 -9.84
C VAL A 108 18.62 16.50 -10.44
N VAL A 109 19.06 16.14 -11.64
CA VAL A 109 20.04 16.91 -12.39
C VAL A 109 19.45 17.22 -13.76
N THR A 110 19.45 18.50 -14.14
CA THR A 110 19.02 18.94 -15.46
C THR A 110 20.19 19.60 -16.16
N VAL A 111 20.37 19.28 -17.44
CA VAL A 111 21.52 19.73 -18.22
C VAL A 111 21.03 20.23 -19.57
N THR A 112 21.57 21.37 -19.99
CA THR A 112 21.45 21.84 -21.37
C THR A 112 22.85 22.04 -21.94
N GLN A 113 22.99 21.79 -23.24
CA GLN A 113 24.30 21.80 -23.85
C GLN A 113 24.21 22.31 -25.28
N ASP A 114 25.25 23.02 -25.70
CA ASP A 114 25.40 23.49 -27.07
C ASP A 114 26.71 22.95 -27.62
N SER A 115 26.67 22.43 -28.85
CA SER A 115 27.84 21.85 -29.50
C SER A 115 28.01 22.51 -30.86
N SER A 116 29.17 23.12 -31.07
CA SER A 116 29.48 23.79 -32.32
C SER A 116 30.91 23.49 -32.72
N LEU A 117 31.24 23.80 -33.97
CA LEU A 117 32.58 23.61 -34.51
C LEU A 117 33.20 24.97 -34.80
N GLN A 118 34.36 25.24 -34.21
CA GLN A 118 35.06 26.50 -34.41
C GLN A 118 36.54 26.21 -34.56
N ASP A 119 37.12 26.68 -35.67
CA ASP A 119 38.56 26.49 -35.95
C ASP A 119 38.94 25.02 -35.98
N GLY A 120 38.04 24.20 -36.52
CA GLY A 120 38.32 22.78 -36.66
C GLY A 120 38.26 21.97 -35.38
N GLU A 121 37.72 22.53 -34.30
CA GLU A 121 37.58 21.79 -33.05
C GLU A 121 36.20 22.03 -32.47
N PHE A 122 35.70 21.03 -31.73
CA PHE A 122 34.40 21.14 -31.11
C PHE A 122 34.45 22.08 -29.92
N ILE A 123 33.39 22.85 -29.73
CA ILE A 123 33.21 23.71 -28.57
C ILE A 123 31.95 23.25 -27.85
N TYR A 124 32.08 22.87 -26.59
CA TYR A 124 30.98 22.40 -25.77
C TYR A 124 30.69 23.42 -24.67
N LYS A 125 29.43 23.87 -24.60
CA LYS A 125 28.98 24.78 -23.55
C LYS A 125 27.88 24.09 -22.77
N VAL A 126 28.13 23.85 -21.48
CA VAL A 126 27.25 23.04 -20.65
C VAL A 126 26.74 23.87 -19.49
N LYS A 127 25.43 23.75 -19.22
CA LYS A 127 24.81 24.33 -18.04
C LYS A 127 24.09 23.23 -17.28
N LEU A 128 24.37 23.13 -15.98
CA LEU A 128 23.87 22.03 -15.16
C LEU A 128 23.27 22.57 -13.88
N ARG A 129 22.15 21.99 -13.47
CA ARG A 129 21.52 22.30 -12.19
C ARG A 129 21.16 21.00 -11.49
N GLY A 130 21.71 20.79 -10.29
CA GLY A 130 21.35 19.66 -9.48
C GLY A 130 20.71 20.08 -8.17
N THR A 131 19.58 19.46 -7.82
CA THR A 131 18.86 19.81 -6.61
C THR A 131 18.35 18.55 -5.93
N ASN A 132 17.93 18.71 -4.68
CA ASN A 132 17.22 17.71 -3.90
C ASN A 132 18.05 16.47 -3.60
N PHE A 133 19.37 16.59 -3.61
CA PHE A 133 20.21 15.48 -3.19
C PHE A 133 20.24 15.42 -1.66
N PRO A 134 19.92 14.27 -1.07
CA PRO A 134 19.92 14.18 0.40
C PRO A 134 21.30 14.49 0.97
N SER A 135 21.30 15.24 2.08
CA SER A 135 22.55 15.67 2.69
C SER A 135 23.42 14.49 3.10
N ASP A 136 22.80 13.36 3.48
CA ASP A 136 23.53 12.16 3.86
C ASP A 136 23.65 11.17 2.73
N GLY A 137 23.31 11.56 1.50
CA GLY A 137 23.34 10.65 0.37
C GLY A 137 24.71 10.49 -0.20
N PRO A 138 24.86 9.46 -1.05
CA PRO A 138 26.19 9.18 -1.63
C PRO A 138 26.73 10.32 -2.49
N VAL A 139 25.86 11.05 -3.18
CA VAL A 139 26.33 12.16 -4.02
C VAL A 139 26.95 13.25 -3.15
N MET A 140 26.18 13.73 -2.16
CA MET A 140 26.67 14.81 -1.30
C MET A 140 27.81 14.34 -0.40
N GLN A 141 27.82 13.08 -0.01
CA GLN A 141 28.84 12.54 0.87
C GLN A 141 30.03 11.97 0.11
N LYS A 142 30.05 12.11 -1.21
CA LYS A 142 31.17 11.66 -2.05
C LYS A 142 31.50 10.18 -1.79
N LYS A 143 30.49 9.33 -1.94
CA LYS A 143 30.63 7.90 -1.69
C LYS A 143 30.50 7.06 -2.96
N THR A 144 30.54 7.68 -4.13
CA THR A 144 30.43 6.95 -5.39
C THR A 144 31.81 6.64 -5.94
N MET A 145 31.87 5.65 -6.83
CA MET A 145 33.12 5.32 -7.49
C MET A 145 32.85 4.79 -8.91
N GLY A 146 32.23 5.61 -9.73
CA GLY A 146 32.22 5.31 -11.15
C GLY A 146 30.89 4.73 -11.62
N TRP A 147 30.61 4.94 -12.90
CA TRP A 147 29.41 4.42 -13.54
C TRP A 147 29.66 3.03 -14.10
N GLU A 148 28.71 2.13 -13.89
CA GLU A 148 28.75 0.87 -14.61
C GLU A 148 28.56 1.12 -16.10
N ALA A 149 29.09 0.21 -16.91
CA ALA A 149 28.82 0.26 -18.34
C ALA A 149 27.32 0.29 -18.58
N SER A 150 26.89 1.15 -19.50
CA SER A 150 25.48 1.39 -19.72
C SER A 150 25.14 1.23 -21.19
N SER A 151 23.83 1.20 -21.45
CA SER A 151 23.29 1.08 -22.80
C SER A 151 22.26 2.18 -23.01
N GLU A 152 22.51 3.06 -23.96
CA GLU A 152 21.57 4.13 -24.31
C GLU A 152 20.70 3.67 -25.46
N ARG A 153 19.38 3.69 -25.25
CA ARG A 153 18.42 3.37 -26.29
C ARG A 153 18.08 4.67 -27.02
N MET A 154 18.49 4.78 -28.27
CA MET A 154 18.26 5.97 -29.07
C MET A 154 17.17 5.70 -30.10
N TYR A 155 16.31 6.70 -30.31
CA TYR A 155 15.20 6.56 -31.23
C TYR A 155 14.77 7.93 -31.70
N PRO A 156 14.26 8.06 -32.92
CA PRO A 156 13.73 9.34 -33.39
C PRO A 156 12.34 9.61 -32.84
N GLU A 157 12.05 10.89 -32.61
CA GLU A 157 10.72 11.31 -32.19
C GLU A 157 10.56 12.82 -32.29
N ASP A 158 9.49 13.26 -32.96
CA ASP A 158 9.13 14.68 -33.06
C ASP A 158 10.27 15.52 -33.62
N GLY A 159 10.84 15.05 -34.73
CA GLY A 159 11.91 15.78 -35.38
C GLY A 159 13.19 15.90 -34.60
N ALA A 160 13.40 15.02 -33.62
CA ALA A 160 14.61 15.05 -32.80
C ALA A 160 15.05 13.63 -32.51
N LEU A 161 16.28 13.50 -32.01
CA LEU A 161 16.82 12.24 -31.54
C LEU A 161 16.75 12.20 -30.03
N LYS A 162 16.30 11.06 -29.49
CA LYS A 162 16.08 10.92 -28.07
C LYS A 162 16.82 9.68 -27.56
N GLY A 163 17.23 9.74 -26.31
CA GLY A 163 17.94 8.63 -25.69
C GLY A 163 17.45 8.38 -24.28
N GLU A 164 17.26 7.11 -23.96
CA GLU A 164 16.88 6.67 -22.62
C GLU A 164 17.98 5.78 -22.06
N ILE A 165 18.38 6.05 -20.82
CA ILE A 165 19.39 5.24 -20.15
C ILE A 165 18.94 4.97 -18.73
N LYS A 166 19.09 3.72 -18.30
CA LYS A 166 18.96 3.33 -16.90
C LYS A 166 20.38 3.06 -16.41
N GLN A 167 20.94 4.03 -15.68
CA GLN A 167 22.34 4.00 -15.29
C GLN A 167 22.49 3.64 -13.82
N ARG A 168 23.61 3.01 -13.49
CA ARG A 168 23.90 2.57 -12.14
C ARG A 168 25.27 3.10 -11.72
N LEU A 169 25.31 3.79 -10.59
CA LEU A 169 26.56 4.23 -9.98
C LEU A 169 27.00 3.22 -8.95
N LYS A 170 28.25 2.75 -9.06
CA LYS A 170 28.83 1.95 -7.99
C LYS A 170 29.18 2.84 -6.80
N LEU A 171 29.03 2.28 -5.60
CA LEU A 171 29.37 2.99 -4.39
C LEU A 171 30.62 2.41 -3.76
N LYS A 172 31.27 3.22 -2.92
CA LYS A 172 32.56 2.82 -2.35
C LYS A 172 32.43 1.60 -1.46
N ASP A 173 31.37 1.54 -0.64
CA ASP A 173 31.20 0.36 0.22
C ASP A 173 30.94 -0.89 -0.59
N GLY A 174 30.33 -0.77 -1.76
CA GLY A 174 30.10 -1.92 -2.62
C GLY A 174 28.67 -2.10 -3.06
N GLY A 175 27.88 -1.04 -2.99
CA GLY A 175 26.50 -1.08 -3.46
C GLY A 175 26.33 -0.43 -4.82
N HIS A 176 25.09 -0.13 -5.16
CA HIS A 176 24.79 0.60 -6.37
C HIS A 176 23.76 1.69 -6.06
N TYR A 177 23.67 2.65 -6.97
CA TYR A 177 22.83 3.83 -6.80
C TYR A 177 22.34 4.21 -8.20
N ASP A 178 21.02 4.15 -8.40
CA ASP A 178 20.44 4.12 -9.73
C ASP A 178 19.95 5.49 -10.17
N ALA A 179 20.01 5.72 -11.48
CA ALA A 179 19.46 6.92 -12.09
C ALA A 179 18.78 6.55 -13.39
N GLU A 180 17.74 7.31 -13.74
CA GLU A 180 17.05 7.21 -15.01
C GLU A 180 17.31 8.48 -15.79
N VAL A 181 17.77 8.34 -17.04
CA VAL A 181 18.28 9.47 -17.82
C VAL A 181 17.54 9.52 -19.15
N LYS A 182 16.98 10.69 -19.46
CA LYS A 182 16.40 10.95 -20.77
C LYS A 182 17.07 12.19 -21.36
N THR A 183 17.49 12.08 -22.62
CA THR A 183 18.17 13.16 -23.31
C THR A 183 17.49 13.38 -24.66
N THR A 184 17.39 14.65 -25.07
CA THR A 184 16.86 15.01 -26.38
C THR A 184 17.96 15.72 -27.15
N TYR A 185 18.37 15.13 -28.27
CA TYR A 185 19.38 15.71 -29.16
C TYR A 185 18.68 16.32 -30.37
N LYS A 186 19.08 17.53 -30.74
CA LYS A 186 18.45 18.25 -31.85
C LYS A 186 19.52 18.96 -32.65
N ALA A 187 19.60 18.66 -33.94
CA ALA A 187 20.50 19.37 -34.83
C ALA A 187 19.95 20.76 -35.12
N LYS A 188 20.87 21.72 -35.27
CA LYS A 188 20.47 23.09 -35.60
C LYS A 188 19.82 23.17 -36.97
N LYS A 189 20.40 22.47 -37.95
CA LYS A 189 19.84 22.34 -39.28
C LYS A 189 19.27 20.93 -39.46
N PRO A 190 18.13 20.79 -40.14
CA PRO A 190 17.53 19.46 -40.29
C PRO A 190 18.43 18.52 -41.08
N VAL A 191 18.79 17.40 -40.45
CA VAL A 191 19.56 16.35 -41.09
C VAL A 191 18.84 15.02 -40.86
N GLN A 192 19.30 13.99 -41.56
CA GLN A 192 18.60 12.71 -41.61
C GLN A 192 18.55 12.06 -40.23
N LEU A 193 17.35 11.84 -39.74
CA LEU A 193 17.16 11.11 -38.50
C LEU A 193 17.42 9.61 -38.73
N PRO A 194 18.07 8.93 -37.79
CA PRO A 194 18.30 7.49 -37.94
C PRO A 194 17.17 6.69 -37.30
N GLY A 195 17.19 5.39 -37.56
CA GLY A 195 16.29 4.47 -36.90
C GLY A 195 16.68 4.27 -35.45
N ALA A 196 15.85 3.50 -34.74
CA ALA A 196 16.14 3.19 -33.35
C ALA A 196 17.33 2.25 -33.25
N TYR A 197 18.20 2.49 -32.28
CA TYR A 197 19.36 1.66 -32.06
C TYR A 197 19.90 1.90 -30.66
N ASN A 198 20.89 1.11 -30.28
CA ASN A 198 21.50 1.17 -28.95
C ASN A 198 22.92 1.71 -29.06
N VAL A 199 23.39 2.27 -27.94
CA VAL A 199 24.75 2.80 -27.83
C VAL A 199 25.33 2.28 -26.52
N ASN A 200 26.34 1.42 -26.61
CA ASN A 200 27.03 0.95 -25.41
C ASN A 200 28.08 1.97 -25.00
N ILE A 201 28.05 2.37 -23.72
CA ILE A 201 28.91 3.43 -23.22
C ILE A 201 29.69 2.89 -22.03
N LYS A 202 31.02 3.07 -22.06
CA LYS A 202 31.88 2.81 -20.92
C LYS A 202 32.64 4.10 -20.61
N LEU A 203 32.39 4.66 -19.44
CA LEU A 203 32.99 5.93 -19.03
C LEU A 203 33.87 5.69 -17.81
N ASP A 204 35.15 6.01 -17.94
CA ASP A 204 36.13 5.76 -16.89
C ASP A 204 36.77 7.06 -16.43
N ILE A 205 36.99 7.16 -15.11
CA ILE A 205 37.82 8.20 -14.53
C ILE A 205 39.24 7.66 -14.51
N THR A 206 40.08 8.14 -15.44
CA THR A 206 41.41 7.57 -15.58
C THR A 206 42.38 8.11 -14.53
N SER A 207 42.18 9.35 -14.07
CA SER A 207 43.02 9.91 -13.01
C SER A 207 42.32 11.11 -12.40
N HIS A 208 42.76 11.47 -11.20
CA HIS A 208 42.23 12.63 -10.49
C HIS A 208 43.17 12.96 -9.34
N ASN A 209 43.26 14.24 -9.01
CA ASN A 209 44.01 14.62 -7.83
C ASN A 209 43.15 14.42 -6.59
N GLU A 210 43.67 14.85 -5.44
CA GLU A 210 43.05 14.50 -4.15
C GLU A 210 41.62 15.03 -4.06
N ASP A 211 41.43 16.33 -4.34
CA ASP A 211 40.13 16.96 -4.16
C ASP A 211 39.31 17.03 -5.45
N TYR A 212 39.68 16.23 -6.45
CA TYR A 212 38.94 16.17 -7.72
C TYR A 212 38.80 17.53 -8.38
N THR A 213 39.82 18.38 -8.23
CA THR A 213 39.85 19.64 -8.95
C THR A 213 40.48 19.49 -10.34
N ILE A 214 41.20 18.40 -10.58
CA ILE A 214 41.69 18.05 -11.91
C ILE A 214 41.37 16.58 -12.14
N VAL A 215 40.62 16.29 -13.19
CA VAL A 215 40.11 14.95 -13.46
C VAL A 215 40.35 14.62 -14.92
N GLU A 216 40.75 13.39 -15.20
CA GLU A 216 40.89 12.88 -16.55
C GLU A 216 39.85 11.79 -16.79
N GLN A 217 39.18 11.85 -17.93
CA GLN A 217 38.13 10.91 -18.27
C GLN A 217 38.44 10.24 -19.60
N TYR A 218 37.97 9.01 -19.74
CA TYR A 218 38.07 8.27 -20.99
C TYR A 218 36.73 7.60 -21.25
N GLU A 219 36.27 7.67 -22.49
CA GLU A 219 34.98 7.10 -22.84
C GLU A 219 35.07 6.38 -24.17
N ARG A 220 34.47 5.19 -24.22
CA ARG A 220 34.32 4.40 -25.43
C ARG A 220 32.85 4.14 -25.66
N ALA A 221 32.33 4.54 -26.81
CA ALA A 221 30.94 4.37 -27.16
C ALA A 221 30.82 3.84 -28.58
N GLU A 222 29.89 2.92 -28.79
CA GLU A 222 29.68 2.35 -30.12
C GLU A 222 28.20 2.01 -30.28
N GLY A 223 27.67 2.28 -31.47
CA GLY A 223 26.27 2.03 -31.74
C GLY A 223 26.04 0.67 -32.39
N ARG A 224 24.90 0.08 -32.08
CA ARG A 224 24.54 -1.23 -32.61
C ARG A 224 23.02 -1.35 -32.64
N HIS A 225 22.53 -2.28 -33.46
CA HIS A 225 21.11 -2.46 -33.62
C HIS A 225 20.53 -3.26 -32.45
N SER A 226 19.23 -3.10 -32.24
CA SER A 226 18.54 -3.73 -31.12
C SER A 226 18.44 -5.24 -31.31
N GLN B 4 3.04 9.01 -30.89
CA GLN B 4 1.70 9.11 -30.34
C GLN B 4 1.32 7.84 -29.58
N VAL B 5 0.62 8.01 -28.46
CA VAL B 5 0.22 6.90 -27.61
C VAL B 5 -1.30 6.87 -27.54
N GLN B 6 -1.85 5.65 -27.47
CA GLN B 6 -3.28 5.44 -27.27
C GLN B 6 -3.43 4.52 -26.07
N LEU B 7 -4.00 5.03 -24.99
CA LEU B 7 -4.10 4.30 -23.73
C LEU B 7 -5.50 3.72 -23.60
N VAL B 8 -5.57 2.41 -23.36
CA VAL B 8 -6.84 1.70 -23.21
C VAL B 8 -6.82 0.99 -21.86
N GLU B 9 -7.74 1.36 -20.98
CA GLU B 9 -7.83 0.79 -19.65
C GLU B 9 -8.86 -0.34 -19.61
N SER B 10 -8.71 -1.20 -18.61
CA SER B 10 -9.66 -2.29 -18.36
C SER B 10 -9.47 -2.75 -16.92
N GLY B 11 -10.37 -3.64 -16.49
CA GLY B 11 -10.26 -4.27 -15.20
C GLY B 11 -11.13 -3.72 -14.10
N GLY B 12 -12.02 -2.76 -14.40
CA GLY B 12 -12.90 -2.18 -13.43
C GLY B 12 -14.18 -2.98 -13.25
N GLY B 13 -15.09 -2.40 -12.48
CA GLY B 13 -16.39 -3.00 -12.28
C GLY B 13 -16.83 -2.87 -10.85
N LEU B 14 -17.74 -3.75 -10.45
CA LEU B 14 -18.40 -3.72 -9.15
C LEU B 14 -17.76 -4.73 -8.23
N VAL B 15 -17.30 -4.28 -7.06
CA VAL B 15 -16.75 -5.14 -6.02
C VAL B 15 -17.36 -4.74 -4.69
N GLN B 16 -17.03 -5.50 -3.65
CA GLN B 16 -17.49 -5.23 -2.29
C GLN B 16 -16.34 -4.69 -1.45
N ALA B 17 -16.70 -4.08 -0.32
CA ALA B 17 -15.71 -3.49 0.57
C ALA B 17 -14.74 -4.55 1.07
N GLY B 18 -13.45 -4.25 0.96
CA GLY B 18 -12.41 -5.17 1.36
C GLY B 18 -11.87 -6.05 0.25
N ASP B 19 -12.48 -6.01 -0.94
CA ASP B 19 -12.06 -6.86 -2.05
C ASP B 19 -10.79 -6.32 -2.70
N SER B 20 -10.38 -6.98 -3.77
CA SER B 20 -9.23 -6.57 -4.56
C SER B 20 -9.66 -6.34 -6.00
N LEU B 21 -8.89 -5.53 -6.71
CA LEU B 21 -9.17 -5.23 -8.11
C LEU B 21 -7.89 -4.70 -8.75
N ARG B 22 -7.50 -5.30 -9.87
CA ARG B 22 -6.31 -4.89 -10.60
C ARG B 22 -6.75 -4.19 -11.88
N LEU B 23 -6.44 -2.90 -11.98
CA LEU B 23 -6.67 -2.15 -13.20
C LEU B 23 -5.47 -2.26 -14.11
N SER B 24 -5.73 -2.30 -15.41
CA SER B 24 -4.68 -2.37 -16.42
C SER B 24 -4.81 -1.18 -17.36
N CYS B 25 -3.66 -0.69 -17.82
CA CYS B 25 -3.59 0.45 -18.74
C CYS B 25 -2.70 0.03 -19.91
N ALA B 26 -3.32 -0.59 -20.92
CA ALA B 26 -2.58 -1.09 -22.08
C ALA B 26 -2.41 0.02 -23.10
N ALA B 27 -1.17 0.25 -23.52
CA ALA B 27 -0.85 1.29 -24.49
C ALA B 27 -0.50 0.66 -25.84
N SER B 28 -0.62 1.49 -26.88
CA SER B 28 -0.27 1.07 -28.23
C SER B 28 0.09 2.32 -29.03
N GLY B 29 0.78 2.10 -30.14
CA GLY B 29 1.15 3.21 -31.00
C GLY B 29 2.52 3.07 -31.65
N ARG B 30 2.89 4.07 -32.44
CA ARG B 30 4.15 4.06 -33.18
C ARG B 30 5.34 4.51 -32.34
N THR B 31 5.13 4.91 -31.09
CA THR B 31 6.18 5.53 -30.30
C THR B 31 7.21 4.51 -29.84
N PHE B 32 8.46 4.94 -29.83
CA PHE B 32 9.55 4.16 -29.26
C PHE B 32 9.84 4.52 -27.81
N GLU B 33 9.18 5.55 -27.28
CA GLU B 33 9.50 6.08 -25.97
C GLU B 33 8.84 5.28 -24.86
N ASN B 34 9.58 5.06 -23.78
CA ASN B 34 9.01 4.57 -22.53
C ASN B 34 8.51 5.76 -21.74
N TYR B 35 7.22 5.78 -21.45
CA TYR B 35 6.57 6.92 -20.81
C TYR B 35 6.38 6.67 -19.32
N ALA B 36 6.55 7.73 -18.53
CA ALA B 36 6.04 7.71 -17.17
C ALA B 36 4.52 7.61 -17.20
N MET B 37 3.95 7.01 -16.16
CA MET B 37 2.52 6.74 -16.13
C MET B 37 1.95 7.18 -14.79
N GLY B 38 0.83 7.89 -14.84
CA GLY B 38 0.15 8.36 -13.65
C GLY B 38 -1.27 7.82 -13.60
N TRP B 39 -1.75 7.52 -12.40
CA TRP B 39 -3.10 7.07 -12.18
C TRP B 39 -3.88 8.17 -11.47
N PHE B 40 -5.07 8.49 -11.99
CA PHE B 40 -5.95 9.47 -11.40
C PHE B 40 -7.34 8.88 -11.25
N ARG B 41 -8.11 9.42 -10.32
CA ARG B 41 -9.49 9.01 -10.12
C ARG B 41 -10.36 10.25 -9.93
N GLN B 42 -11.64 10.12 -10.26
CA GLN B 42 -12.55 11.27 -10.27
C GLN B 42 -13.93 10.81 -9.82
N ALA B 43 -14.41 11.39 -8.72
CA ALA B 43 -15.78 11.19 -8.28
C ALA B 43 -16.74 11.90 -9.25
N PRO B 44 -18.02 11.51 -9.25
CA PRO B 44 -18.97 12.12 -10.21
C PRO B 44 -18.98 13.64 -10.23
N GLY B 45 -18.84 14.28 -9.06
CA GLY B 45 -18.89 15.73 -9.01
C GLY B 45 -17.61 16.37 -8.48
N LYS B 46 -16.48 15.72 -8.70
CA LYS B 46 -15.20 16.20 -8.20
C LYS B 46 -14.20 16.29 -9.35
N GLU B 47 -12.99 16.71 -9.03
CA GLU B 47 -11.91 16.83 -10.00
C GLU B 47 -11.01 15.60 -9.94
N ARG B 48 -10.23 15.41 -11.00
CA ARG B 48 -9.29 14.29 -11.08
C ARG B 48 -8.26 14.38 -9.96
N GLU B 49 -8.31 13.43 -9.03
CA GLU B 49 -7.40 13.41 -7.90
C GLU B 49 -6.24 12.46 -8.18
N PHE B 50 -5.05 12.86 -7.75
CA PHE B 50 -3.86 12.05 -7.97
C PHE B 50 -3.91 10.78 -7.13
N VAL B 51 -3.74 9.64 -7.78
CA VAL B 51 -3.68 8.34 -7.11
C VAL B 51 -2.24 7.87 -6.96
N GLY B 52 -1.51 7.82 -8.07
CA GLY B 52 -0.13 7.38 -8.02
C GLY B 52 0.54 7.59 -9.36
N ALA B 53 1.84 7.33 -9.38
CA ALA B 53 2.62 7.50 -10.60
C ALA B 53 3.87 6.64 -10.52
N VAL B 54 4.32 6.16 -11.67
CA VAL B 54 5.54 5.39 -11.79
C VAL B 54 6.42 6.03 -12.86
N SER B 55 7.71 6.14 -12.58
CA SER B 55 8.63 6.75 -13.52
C SER B 55 8.73 5.93 -14.81
N TRP B 56 9.30 6.54 -15.84
CA TRP B 56 9.34 5.89 -17.15
C TRP B 56 10.15 4.60 -17.11
N GLY B 57 11.13 4.52 -16.24
CA GLY B 57 11.94 3.33 -16.06
C GLY B 57 11.49 2.41 -14.96
N GLY B 58 10.48 2.79 -14.18
CA GLY B 58 10.00 1.96 -13.09
C GLY B 58 10.77 2.06 -11.80
N GLY B 59 11.86 2.84 -11.76
CA GLY B 59 12.67 2.92 -10.57
C GLY B 59 12.06 3.71 -9.44
N ARG B 60 11.13 4.62 -9.74
CA ARG B 60 10.51 5.46 -8.74
C ARG B 60 8.99 5.40 -8.88
N THR B 61 8.31 5.13 -7.76
CA THR B 61 6.86 5.14 -7.71
C THR B 61 6.41 6.07 -6.59
N TYR B 62 5.35 6.82 -6.85
CA TYR B 62 4.81 7.78 -5.90
C TYR B 62 3.34 7.48 -5.65
N TYR B 63 2.90 7.69 -4.41
CA TYR B 63 1.55 7.35 -4.01
C TYR B 63 0.90 8.52 -3.28
N ALA B 64 -0.38 8.76 -3.56
CA ALA B 64 -1.16 9.65 -2.72
C ALA B 64 -1.26 9.06 -1.32
N ASP B 65 -1.43 9.93 -0.33
CA ASP B 65 -1.42 9.47 1.06
C ASP B 65 -2.64 8.59 1.36
N ASN B 66 -3.80 8.93 0.79
CA ASN B 66 -5.01 8.18 1.09
C ASN B 66 -5.05 6.81 0.45
N VAL B 67 -4.01 6.39 -0.27
CA VAL B 67 -3.94 5.06 -0.86
C VAL B 67 -2.66 4.32 -0.50
N LYS B 68 -1.77 4.93 0.28
CA LYS B 68 -0.52 4.26 0.64
C LYS B 68 -0.81 2.99 1.44
N GLY B 69 0.02 1.97 1.22
CA GLY B 69 -0.13 0.69 1.87
C GLY B 69 -1.19 -0.21 1.27
N ARG B 70 -2.11 0.33 0.48
CA ARG B 70 -3.17 -0.45 -0.14
C ARG B 70 -3.03 -0.55 -1.65
N PHE B 71 -2.66 0.53 -2.32
CA PHE B 71 -2.55 0.55 -3.77
C PHE B 71 -1.11 0.32 -4.20
N THR B 72 -0.93 -0.22 -5.40
CA THR B 72 0.39 -0.51 -5.93
C THR B 72 0.36 -0.36 -7.45
N ILE B 73 1.16 0.57 -7.97
CA ILE B 73 1.39 0.67 -9.41
C ILE B 73 2.64 -0.11 -9.77
N SER B 74 2.62 -0.74 -10.94
CA SER B 74 3.79 -1.46 -11.44
C SER B 74 3.75 -1.45 -12.96
N ARG B 75 4.93 -1.41 -13.56
CA ARG B 75 5.04 -1.52 -15.01
C ARG B 75 5.08 -2.98 -15.42
N ASP B 76 4.55 -3.26 -16.61
CA ASP B 76 4.61 -4.59 -17.19
C ASP B 76 5.92 -4.71 -17.96
N ASN B 77 6.84 -5.53 -17.44
CA ASN B 77 8.14 -5.68 -18.09
C ASN B 77 8.03 -6.35 -19.46
N ALA B 78 6.91 -7.01 -19.76
CA ALA B 78 6.74 -7.70 -21.02
C ALA B 78 6.15 -6.80 -22.09
N LYS B 79 5.12 -6.03 -21.76
CA LYS B 79 4.44 -5.16 -22.72
C LYS B 79 4.86 -3.72 -22.49
N LYS B 80 5.15 -3.01 -23.57
CA LYS B 80 5.69 -1.66 -23.50
C LYS B 80 4.61 -0.66 -23.11
N ASN B 81 4.92 0.19 -22.12
CA ASN B 81 4.07 1.30 -21.69
C ASN B 81 2.73 0.86 -21.15
N THR B 82 2.60 -0.39 -20.70
CA THR B 82 1.41 -0.82 -19.99
C THR B 82 1.74 -0.98 -18.52
N VAL B 83 0.90 -0.42 -17.66
CA VAL B 83 1.10 -0.45 -16.21
C VAL B 83 -0.19 -0.95 -15.57
N TYR B 84 -0.07 -1.32 -14.30
CA TYR B 84 -1.19 -1.83 -13.53
C TYR B 84 -1.36 -1.01 -12.25
N LEU B 85 -2.60 -0.95 -11.78
CA LEU B 85 -2.92 -0.40 -10.47
C LEU B 85 -3.59 -1.50 -9.66
N GLN B 86 -2.85 -2.05 -8.70
CA GLN B 86 -3.39 -3.09 -7.81
C GLN B 86 -4.00 -2.41 -6.60
N MET B 87 -5.29 -2.65 -6.38
CA MET B 87 -6.05 -2.00 -5.31
C MET B 87 -6.48 -3.05 -4.30
N ASN B 88 -5.82 -3.05 -3.13
CA ASN B 88 -6.12 -4.00 -2.07
C ASN B 88 -6.91 -3.31 -0.97
N SER B 89 -7.70 -4.12 -0.24
CA SER B 89 -8.55 -3.67 0.86
C SER B 89 -9.31 -2.39 0.48
N LEU B 90 -10.16 -2.53 -0.53
CA LEU B 90 -10.92 -1.40 -1.04
C LEU B 90 -11.95 -0.91 -0.01
N LYS B 91 -12.34 0.34 -0.14
CA LYS B 91 -13.32 0.99 0.70
C LYS B 91 -14.32 1.71 -0.19
N PRO B 92 -15.53 1.99 0.31
CA PRO B 92 -16.49 2.75 -0.50
C PRO B 92 -15.98 4.12 -0.89
N GLU B 93 -15.05 4.69 -0.12
CA GLU B 93 -14.42 5.96 -0.51
C GLU B 93 -13.73 5.86 -1.87
N ASP B 94 -13.23 4.68 -2.21
CA ASP B 94 -12.43 4.48 -3.42
C ASP B 94 -13.28 4.40 -4.69
N THR B 95 -14.58 4.64 -4.61
CA THR B 95 -15.46 4.56 -5.76
C THR B 95 -15.25 5.79 -6.64
N ALA B 96 -14.86 5.57 -7.90
CA ALA B 96 -14.63 6.65 -8.85
C ALA B 96 -14.35 6.06 -10.22
N VAL B 97 -14.26 6.93 -11.21
CA VAL B 97 -13.72 6.58 -12.51
C VAL B 97 -12.21 6.78 -12.44
N TYR B 98 -11.45 5.71 -12.70
CA TYR B 98 -10.01 5.75 -12.60
C TYR B 98 -9.40 5.95 -13.99
N TYR B 99 -8.40 6.83 -14.06
CA TYR B 99 -7.73 7.17 -15.30
C TYR B 99 -6.24 6.87 -15.20
N CYS B 100 -5.67 6.42 -16.31
CA CYS B 100 -4.22 6.34 -16.46
C CYS B 100 -3.78 7.37 -17.49
N ALA B 101 -2.62 7.98 -17.25
CA ALA B 101 -2.13 9.04 -18.11
C ALA B 101 -0.62 8.90 -18.27
N ALA B 102 -0.12 9.32 -19.43
CA ALA B 102 1.27 9.19 -19.78
C ALA B 102 1.92 10.55 -19.95
N LYS B 103 3.21 10.62 -19.60
CA LYS B 103 4.00 11.82 -19.76
C LYS B 103 5.47 11.41 -19.81
N SER B 104 6.29 12.28 -20.42
CA SER B 104 7.67 11.91 -20.70
C SER B 104 8.45 11.65 -19.42
N VAL B 105 8.43 12.59 -18.48
CA VAL B 105 9.17 12.47 -17.23
C VAL B 105 8.31 12.98 -16.09
N LEU B 106 8.52 12.42 -14.91
CA LEU B 106 7.85 12.86 -13.70
C LEU B 106 8.71 13.92 -13.00
N THR B 107 8.09 15.02 -12.61
CA THR B 107 8.71 16.00 -11.74
C THR B 107 7.77 16.26 -10.56
N ILE B 108 8.37 16.66 -9.43
CA ILE B 108 7.59 16.88 -8.21
C ILE B 108 6.44 17.85 -8.46
N ALA B 109 6.67 18.88 -9.26
CA ALA B 109 5.70 19.93 -9.45
C ALA B 109 4.65 19.61 -10.52
N THR B 110 4.77 18.51 -11.24
CA THR B 110 3.85 18.21 -12.33
C THR B 110 3.13 16.87 -12.22
N MET B 111 3.68 15.89 -11.51
CA MET B 111 3.15 14.54 -11.59
C MET B 111 1.75 14.39 -10.99
N ARG B 112 1.33 15.31 -10.13
CA ARG B 112 0.01 15.26 -9.51
C ARG B 112 -1.00 16.19 -10.15
N VAL B 113 -0.58 17.00 -11.13
CA VAL B 113 -1.45 17.94 -11.81
C VAL B 113 -1.92 17.28 -13.10
N PRO B 114 -3.21 16.96 -13.25
CA PRO B 114 -3.66 16.25 -14.46
C PRO B 114 -3.42 17.01 -15.74
N ASP B 115 -3.39 18.34 -15.70
CA ASP B 115 -3.21 19.14 -16.91
C ASP B 115 -1.82 19.02 -17.51
N GLU B 116 -0.87 18.40 -16.80
CA GLU B 116 0.49 18.26 -17.31
C GLU B 116 0.70 16.98 -18.11
N TYR B 117 -0.27 16.08 -18.12
CA TYR B 117 -0.17 14.84 -18.87
C TYR B 117 -0.75 15.02 -20.27
N ASN B 118 -0.04 14.48 -21.27
CA ASN B 118 -0.43 14.67 -22.66
C ASN B 118 -1.40 13.61 -23.16
N TYR B 119 -1.30 12.38 -22.68
CA TYR B 119 -2.09 11.27 -23.19
C TYR B 119 -2.89 10.67 -22.05
N TRP B 120 -4.18 10.40 -22.30
CA TRP B 120 -5.10 9.93 -21.29
C TRP B 120 -5.85 8.70 -21.77
N GLY B 121 -6.17 7.82 -20.83
CA GLY B 121 -7.06 6.71 -21.13
C GLY B 121 -8.51 7.15 -21.11
N GLN B 122 -9.38 6.23 -21.55
CA GLN B 122 -10.81 6.51 -21.58
C GLN B 122 -11.46 6.46 -20.21
N GLY B 123 -10.78 5.93 -19.21
CA GLY B 123 -11.35 5.78 -17.88
C GLY B 123 -12.12 4.50 -17.71
N THR B 124 -12.06 3.95 -16.51
CA THR B 124 -12.81 2.75 -16.16
C THR B 124 -13.40 2.92 -14.77
N GLN B 125 -14.58 2.34 -14.58
CA GLN B 125 -15.42 2.59 -13.40
C GLN B 125 -15.14 1.54 -12.34
N VAL B 126 -14.86 1.99 -11.12
CA VAL B 126 -14.59 1.12 -9.98
C VAL B 126 -15.59 1.48 -8.89
N THR B 127 -16.53 0.57 -8.62
CA THR B 127 -17.57 0.78 -7.62
C THR B 127 -17.36 -0.17 -6.46
N VAL B 128 -17.26 0.38 -5.26
CA VAL B 128 -17.13 -0.40 -4.03
C VAL B 128 -18.38 -0.18 -3.20
N SER B 129 -19.15 -1.24 -2.98
CA SER B 129 -20.39 -1.15 -2.24
C SER B 129 -20.22 -1.57 -0.78
N ALA C 12 -6.75 -25.52 16.73
CA ALA C 12 -6.40 -26.18 17.99
C ALA C 12 -4.92 -26.55 18.00
N ILE C 13 -4.40 -26.97 16.85
CA ILE C 13 -2.98 -27.24 16.73
C ILE C 13 -2.19 -25.94 16.64
N ILE C 14 -2.52 -25.11 15.65
CA ILE C 14 -1.91 -23.80 15.48
C ILE C 14 -2.91 -22.80 16.03
N LYS C 15 -2.66 -22.29 17.23
CA LYS C 15 -3.53 -21.31 17.85
C LYS C 15 -3.33 -19.93 17.21
N GLU C 16 -4.20 -19.00 17.57
CA GLU C 16 -4.06 -17.63 17.10
C GLU C 16 -2.88 -16.92 17.75
N PHE C 17 -2.35 -17.46 18.83
CA PHE C 17 -1.12 -16.98 19.45
C PHE C 17 -0.19 -18.18 19.67
N MET C 18 1.04 -18.07 19.20
CA MET C 18 2.01 -19.16 19.29
C MET C 18 3.39 -18.61 19.60
N ARG C 19 4.06 -19.24 20.56
CA ARG C 19 5.47 -18.96 20.84
C ARG C 19 6.34 -19.90 20.02
N PHE C 20 7.61 -19.52 19.90
CA PHE C 20 8.59 -20.39 19.26
C PHE C 20 9.96 -20.16 19.87
N LYS C 21 10.80 -21.19 19.81
CA LYS C 21 12.21 -21.11 20.17
C LYS C 21 13.03 -21.47 18.93
N VAL C 22 14.16 -20.78 18.76
CA VAL C 22 15.01 -20.96 17.59
C VAL C 22 16.46 -21.08 18.04
N HIS C 23 17.18 -22.03 17.44
CA HIS C 23 18.61 -22.20 17.65
C HIS C 23 19.29 -22.24 16.29
N MET C 24 20.32 -21.42 16.11
CA MET C 24 21.06 -21.34 14.86
C MET C 24 22.52 -21.67 15.12
N GLU C 25 23.03 -22.66 14.40
CA GLU C 25 24.47 -22.92 14.31
C GLU C 25 24.93 -22.53 12.92
N GLY C 26 25.95 -21.68 12.84
CA GLY C 26 26.32 -21.13 11.55
C GLY C 26 27.80 -20.80 11.44
N SER C 27 28.21 -20.57 10.20
CA SER C 27 29.56 -20.14 9.87
C SER C 27 29.49 -19.16 8.71
N VAL C 28 30.22 -18.06 8.84
CA VAL C 28 30.27 -17.02 7.82
C VAL C 28 31.73 -16.68 7.56
N ASN C 29 32.22 -17.00 6.36
CA ASN C 29 33.61 -16.74 5.98
C ASN C 29 34.58 -17.34 6.99
N GLY C 30 34.27 -18.53 7.48
CA GLY C 30 35.12 -19.25 8.40
C GLY C 30 34.89 -18.94 9.86
N HIS C 31 34.05 -17.96 10.20
CA HIS C 31 33.78 -17.59 11.58
C HIS C 31 32.51 -18.31 12.04
N GLU C 32 32.67 -19.25 12.96
CA GLU C 32 31.55 -20.03 13.48
C GLU C 32 30.89 -19.31 14.65
N PHE C 33 29.61 -19.62 14.85
CA PHE C 33 28.84 -18.94 15.88
C PHE C 33 27.58 -19.75 16.19
N GLU C 34 26.98 -19.44 17.34
CA GLU C 34 25.70 -20.00 17.73
C GLU C 34 24.80 -18.87 18.22
N ILE C 35 23.51 -18.98 17.91
CA ILE C 35 22.52 -17.99 18.30
C ILE C 35 21.30 -18.71 18.86
N GLU C 36 20.88 -18.32 20.05
CA GLU C 36 19.67 -18.83 20.67
C GLU C 36 18.66 -17.69 20.79
N GLY C 37 17.40 -18.00 20.55
CA GLY C 37 16.37 -16.97 20.54
C GLY C 37 15.01 -17.55 20.85
N GLU C 38 14.14 -16.68 21.40
CA GLU C 38 12.76 -17.02 21.66
C GLU C 38 11.86 -15.96 21.03
N GLY C 39 10.71 -16.39 20.54
CA GLY C 39 9.80 -15.47 19.87
C GLY C 39 8.35 -15.83 20.12
N GLU C 40 7.48 -14.97 19.59
CA GLU C 40 6.04 -15.17 19.69
C GLU C 40 5.38 -14.36 18.58
N GLY C 41 4.14 -14.72 18.27
CA GLY C 41 3.43 -14.02 17.22
C GLY C 41 2.03 -14.55 17.07
N ARG C 42 1.35 -14.03 16.04
CA ARG C 42 -0.03 -14.39 15.75
C ARG C 42 -0.08 -14.97 14.35
N PRO C 43 -0.06 -16.30 14.21
CA PRO C 43 0.20 -16.90 12.89
C PRO C 43 -0.83 -16.60 11.83
N TYR C 44 -2.09 -16.39 12.21
CA TYR C 44 -3.11 -16.11 11.21
C TYR C 44 -3.16 -14.65 10.83
N GLU C 45 -2.56 -13.77 11.63
CA GLU C 45 -2.43 -12.36 11.28
C GLU C 45 -1.08 -12.05 10.62
N GLY C 46 -0.15 -13.00 10.60
CA GLY C 46 1.10 -12.82 9.88
C GLY C 46 2.13 -11.97 10.58
N THR C 47 2.07 -11.90 11.91
CA THR C 47 2.97 -11.04 12.68
C THR C 47 3.73 -11.89 13.69
N GLN C 48 4.96 -11.47 13.99
CA GLN C 48 5.79 -12.20 14.93
C GLN C 48 6.94 -11.31 15.38
N THR C 49 7.44 -11.59 16.58
CA THR C 49 8.62 -10.93 17.11
C THR C 49 9.55 -11.99 17.70
N ALA C 50 10.82 -11.63 17.85
CA ALA C 50 11.79 -12.53 18.45
C ALA C 50 12.92 -11.73 19.05
N LYS C 51 13.49 -12.27 20.12
CA LYS C 51 14.71 -11.76 20.74
C LYS C 51 15.80 -12.79 20.51
N LEU C 52 16.86 -12.40 19.79
CA LEU C 52 17.94 -13.31 19.43
C LEU C 52 19.20 -12.95 20.20
N LYS C 53 19.91 -13.97 20.68
CA LYS C 53 21.09 -13.79 21.50
C LYS C 53 22.24 -14.64 20.96
N VAL C 54 23.36 -14.00 20.64
CA VAL C 54 24.56 -14.71 20.23
C VAL C 54 25.18 -15.35 21.47
N THR C 55 25.11 -16.67 21.56
CA THR C 55 25.61 -17.39 22.72
C THR C 55 27.01 -17.96 22.53
N LYS C 56 27.58 -17.84 21.34
CA LYS C 56 28.91 -18.38 21.06
C LYS C 56 29.44 -17.75 19.79
N GLY C 57 30.68 -17.29 19.83
CA GLY C 57 31.30 -16.65 18.69
C GLY C 57 31.04 -15.16 18.56
N GLY C 58 30.54 -14.52 19.61
CA GLY C 58 30.27 -13.10 19.58
C GLY C 58 31.47 -12.28 20.01
N PRO C 59 31.53 -11.02 19.57
CA PRO C 59 30.58 -10.33 18.68
C PRO C 59 30.79 -10.75 17.22
N LEU C 60 29.75 -10.70 16.40
CA LEU C 60 29.85 -11.17 15.03
C LEU C 60 30.56 -10.15 14.16
N PRO C 61 31.52 -10.57 13.32
CA PRO C 61 32.27 -9.60 12.50
C PRO C 61 31.62 -9.37 11.15
N PHE C 62 30.32 -9.57 11.05
CA PHE C 62 29.61 -9.40 9.79
C PHE C 62 28.22 -8.87 10.08
N ALA C 63 27.58 -8.34 9.02
CA ALA C 63 26.29 -7.68 9.17
C ALA C 63 25.23 -8.66 9.66
N TRP C 64 24.50 -8.26 10.70
CA TRP C 64 23.41 -9.08 11.22
C TRP C 64 22.35 -9.35 10.16
N ASP C 65 22.23 -8.46 9.17
CA ASP C 65 21.11 -8.52 8.24
C ASP C 65 21.10 -9.77 7.38
N ILE C 66 22.24 -10.45 7.22
CA ILE C 66 22.21 -11.71 6.47
C ILE C 66 21.60 -12.84 7.29
N LEU C 67 21.49 -12.68 8.60
CA LEU C 67 20.91 -13.71 9.46
C LEU C 67 19.44 -13.46 9.76
N SER C 68 18.99 -12.21 9.69
CA SER C 68 17.63 -11.89 10.13
C SER C 68 16.54 -12.63 9.35
N PRO C 69 16.61 -12.83 8.03
CA PRO C 69 15.53 -13.57 7.36
C PRO C 69 15.54 -15.07 7.62
N GLN C 70 16.43 -15.58 8.48
CA GLN C 70 16.49 -17.01 8.74
C GLN C 70 15.83 -17.42 10.05
N PHE C 71 15.46 -16.46 10.89
CA PHE C 71 14.83 -16.79 12.17
C PHE C 71 13.32 -16.89 12.07
N1 CH6 C 72 13.25 -16.23 10.81
CE CH6 C 72 10.84 -12.84 14.27
SD CH6 C 72 11.21 -12.25 12.58
CG1 CH6 C 72 10.91 -13.60 11.39
CB1 CH6 C 72 12.25 -14.02 10.71
CA1 CH6 C 72 12.11 -15.49 10.29
C1 CH6 C 72 12.03 -15.62 8.75
N2 CH6 C 72 11.81 -14.49 7.97
CB2 CH6 C 72 11.57 -14.13 5.53
CA2 CH6 C 72 11.76 -14.92 6.60
C2 CH6 C 72 11.97 -16.49 6.57
O2 CH6 C 72 12.01 -17.20 5.61
N3 CH6 C 72 12.13 -16.85 8.01
CA3 CH6 C 72 12.38 -18.23 8.48
C3 CH6 C 72 11.53 -18.68 9.67
O3 CH6 C 72 11.67 -19.85 10.14
N SER C 73 10.30 -18.17 9.15
CA SER C 73 9.25 -18.55 10.10
C SER C 73 7.91 -18.36 9.42
N LYS C 74 7.73 -19.03 8.28
CA LYS C 74 6.65 -18.75 7.37
C LYS C 74 5.31 -19.35 7.79
N ALA C 75 5.22 -19.96 8.97
CA ALA C 75 3.90 -20.29 9.51
C ALA C 75 3.18 -19.04 9.99
N TYR C 76 3.91 -17.95 10.24
CA TYR C 76 3.32 -16.67 10.62
C TYR C 76 3.12 -15.82 9.36
N VAL C 77 2.23 -16.30 8.50
CA VAL C 77 1.90 -15.61 7.26
C VAL C 77 0.38 -15.57 7.15
N LYS C 78 -0.17 -14.36 7.00
CA LYS C 78 -1.61 -14.22 6.82
C LYS C 78 -2.01 -14.66 5.43
N HIS C 79 -3.00 -15.54 5.35
CA HIS C 79 -3.47 -16.07 4.08
C HIS C 79 -4.94 -15.72 3.86
N PRO C 80 -5.33 -15.39 2.65
CA PRO C 80 -6.77 -15.35 2.33
C PRO C 80 -7.34 -16.76 2.35
N ALA C 81 -8.67 -16.84 2.43
CA ALA C 81 -9.32 -18.14 2.54
C ALA C 81 -9.04 -19.02 1.32
N ASP C 82 -8.87 -18.42 0.15
CA ASP C 82 -8.71 -19.18 -1.08
C ASP C 82 -7.30 -19.69 -1.31
N ILE C 83 -6.38 -19.47 -0.38
CA ILE C 83 -5.01 -19.97 -0.46
C ILE C 83 -4.78 -20.94 0.68
N PRO C 84 -4.74 -22.24 0.40
CA PRO C 84 -4.44 -23.21 1.46
C PRO C 84 -3.09 -22.93 2.09
N ASP C 85 -3.04 -23.04 3.42
CA ASP C 85 -1.82 -22.74 4.19
C ASP C 85 -1.01 -24.01 4.30
N TYR C 86 -0.13 -24.23 3.31
CA TYR C 86 0.67 -25.45 3.23
C TYR C 86 1.46 -25.69 4.52
N LEU C 87 2.15 -24.66 5.00
CA LEU C 87 3.05 -24.82 6.14
C LEU C 87 2.30 -24.95 7.46
N LYS C 88 1.15 -24.30 7.60
CA LYS C 88 0.35 -24.48 8.80
C LYS C 88 -0.20 -25.89 8.89
N LEU C 89 -0.72 -26.41 7.76
CA LEU C 89 -1.28 -27.75 7.72
C LEU C 89 -0.26 -28.85 7.94
N SER C 90 1.03 -28.54 7.86
CA SER C 90 2.06 -29.55 8.03
C SER C 90 2.26 -29.98 9.49
N PHE C 91 1.70 -29.25 10.44
CA PHE C 91 1.86 -29.55 11.85
C PHE C 91 0.74 -30.48 12.31
N PRO C 92 0.92 -31.22 13.42
CA PRO C 92 2.03 -31.19 14.40
C PRO C 92 3.36 -31.76 13.92
N GLU C 93 3.41 -32.50 12.81
CA GLU C 93 4.67 -33.04 12.34
C GLU C 93 5.66 -31.92 12.00
N GLY C 94 5.25 -31.00 11.15
CA GLY C 94 6.07 -29.85 10.80
C GLY C 94 6.60 -29.93 9.38
N PHE C 95 7.67 -29.17 9.14
CA PHE C 95 8.25 -29.10 7.82
C PHE C 95 9.72 -28.73 7.93
N LYS C 96 10.41 -28.83 6.80
CA LYS C 96 11.79 -28.39 6.67
C LYS C 96 11.89 -27.44 5.48
N TRP C 97 12.86 -26.55 5.51
CA TRP C 97 13.13 -25.71 4.35
C TRP C 97 14.63 -25.56 4.14
N GLU C 98 14.99 -25.39 2.87
CA GLU C 98 16.36 -25.17 2.44
C GLU C 98 16.40 -23.95 1.55
N ARG C 99 17.45 -23.14 1.69
CA ARG C 99 17.50 -21.85 1.02
C ARG C 99 18.93 -21.52 0.64
N VAL C 100 19.09 -20.93 -0.55
CA VAL C 100 20.36 -20.36 -0.99
C VAL C 100 20.11 -18.90 -1.31
N MET C 101 20.97 -18.03 -0.77
CA MET C 101 20.86 -16.58 -0.97
C MET C 101 22.12 -16.13 -1.70
N ASN C 102 21.96 -15.68 -2.94
CA ASN C 102 23.08 -15.24 -3.78
C ASN C 102 23.10 -13.71 -3.83
N PHE C 103 24.16 -13.11 -3.31
CA PHE C 103 24.31 -11.66 -3.34
C PHE C 103 25.02 -11.23 -4.60
N GLU C 104 24.84 -9.94 -4.94
CA GLU C 104 25.31 -9.43 -6.23
C GLU C 104 26.82 -9.44 -6.36
N ASP C 105 27.56 -9.51 -5.25
CA ASP C 105 29.02 -9.48 -5.29
C ASP C 105 29.64 -10.85 -5.04
N GLY C 106 28.85 -11.92 -5.20
CA GLY C 106 29.36 -13.28 -5.05
C GLY C 106 29.14 -13.88 -3.68
N GLY C 107 28.78 -13.09 -2.67
CA GLY C 107 28.48 -13.66 -1.37
C GLY C 107 27.34 -14.65 -1.45
N VAL C 108 27.46 -15.74 -0.69
CA VAL C 108 26.51 -16.84 -0.75
C VAL C 108 26.16 -17.25 0.68
N VAL C 109 24.86 -17.41 0.94
CA VAL C 109 24.37 -17.95 2.21
C VAL C 109 23.46 -19.13 1.90
N THR C 110 23.77 -20.29 2.47
CA THR C 110 22.95 -21.49 2.36
C THR C 110 22.41 -21.84 3.75
N VAL C 111 21.14 -22.21 3.79
CA VAL C 111 20.45 -22.50 5.04
C VAL C 111 19.66 -23.79 4.90
N THR C 112 19.70 -24.62 5.94
CA THR C 112 18.75 -25.71 6.12
C THR C 112 18.09 -25.54 7.48
N GLN C 113 16.80 -25.86 7.55
CA GLN C 113 16.03 -25.60 8.75
C GLN C 113 15.01 -26.69 8.99
N ASP C 114 14.80 -27.02 10.26
CA ASP C 114 13.78 -27.97 10.70
C ASP C 114 12.78 -27.22 11.57
N SER C 115 11.49 -27.40 11.28
CA SER C 115 10.41 -26.76 12.03
C SER C 115 9.51 -27.83 12.61
N SER C 116 9.39 -27.86 13.93
CA SER C 116 8.59 -28.85 14.63
C SER C 116 7.71 -28.16 15.67
N LEU C 117 6.79 -28.94 16.23
CA LEU C 117 5.88 -28.47 17.28
C LEU C 117 6.10 -29.33 18.52
N GLN C 118 6.54 -28.69 19.60
CA GLN C 118 6.82 -29.39 20.86
C GLN C 118 6.22 -28.58 22.00
N ASP C 119 5.34 -29.21 22.78
CA ASP C 119 4.72 -28.58 23.94
C ASP C 119 3.93 -27.33 23.55
N GLY C 120 3.21 -27.41 22.45
CA GLY C 120 2.36 -26.31 22.01
C GLY C 120 3.11 -25.10 21.49
N GLU C 121 4.39 -25.23 21.16
CA GLU C 121 5.16 -24.11 20.66
C GLU C 121 6.14 -24.61 19.61
N PHE C 122 6.45 -23.74 18.64
CA PHE C 122 7.31 -24.11 17.54
C PHE C 122 8.75 -24.23 17.99
N ILE C 123 9.47 -25.17 17.40
CA ILE C 123 10.90 -25.37 17.63
C ILE C 123 11.61 -25.29 16.29
N TYR C 124 12.52 -24.33 16.15
CA TYR C 124 13.24 -24.08 14.92
C TYR C 124 14.71 -24.44 15.11
N LYS C 125 15.23 -25.30 14.24
CA LYS C 125 16.65 -25.64 14.22
C LYS C 125 17.22 -25.19 12.88
N VAL C 126 18.21 -24.31 12.92
CA VAL C 126 18.76 -23.68 11.72
C VAL C 126 20.24 -24.00 11.61
N LYS C 127 20.68 -24.29 10.40
CA LYS C 127 22.10 -24.42 10.07
C LYS C 127 22.40 -23.51 8.88
N LEU C 128 23.38 -22.63 9.05
CA LEU C 128 23.67 -21.59 8.06
C LEU C 128 25.14 -21.63 7.68
N ARG C 129 25.41 -21.39 6.40
CA ARG C 129 26.77 -21.27 5.89
C ARG C 129 26.84 -20.07 4.97
N GLY C 130 27.71 -19.12 5.30
CA GLY C 130 27.95 -17.97 4.45
C GLY C 130 29.39 -17.94 3.95
N THR C 131 29.59 -17.87 2.64
CA THR C 131 30.93 -17.90 2.07
C THR C 131 31.05 -16.87 0.96
N ASN C 132 32.30 -16.66 0.52
CA ASN C 132 32.64 -15.82 -0.63
C ASN C 132 32.25 -14.36 -0.45
N PHE C 133 32.16 -13.90 0.80
CA PHE C 133 31.88 -12.49 1.03
C PHE C 133 33.18 -11.70 0.98
N PRO C 134 33.26 -10.62 0.18
CA PRO C 134 34.49 -9.84 0.10
C PRO C 134 34.85 -9.22 1.43
N SER C 135 36.16 -9.12 1.68
CA SER C 135 36.64 -8.60 2.95
C SER C 135 36.27 -7.12 3.13
N ASP C 136 36.13 -6.39 2.03
CA ASP C 136 35.77 -4.98 2.07
C ASP C 136 34.31 -4.74 1.69
N GLY C 137 33.53 -5.79 1.46
CA GLY C 137 32.15 -5.66 1.08
C GLY C 137 31.29 -5.19 2.23
N PRO C 138 30.06 -4.77 1.92
CA PRO C 138 29.18 -4.22 2.97
C PRO C 138 28.81 -5.22 4.04
N VAL C 139 28.90 -6.53 3.78
CA VAL C 139 28.56 -7.52 4.79
C VAL C 139 29.66 -7.66 5.83
N MET C 140 30.90 -7.92 5.38
CA MET C 140 32.01 -8.04 6.31
C MET C 140 32.38 -6.71 6.97
N GLN C 141 32.04 -5.59 6.34
CA GLN C 141 32.31 -4.27 6.90
C GLN C 141 31.15 -3.74 7.73
N LYS C 142 30.04 -4.48 7.83
CA LYS C 142 28.88 -4.08 8.63
C LYS C 142 28.35 -2.70 8.20
N LYS C 143 28.11 -2.55 6.90
CA LYS C 143 27.62 -1.28 6.35
C LYS C 143 26.20 -1.40 5.79
N THR C 144 25.48 -2.45 6.17
CA THR C 144 24.08 -2.61 5.80
C THR C 144 23.18 -2.05 6.90
N MET C 145 21.96 -1.67 6.52
CA MET C 145 21.00 -1.15 7.50
C MET C 145 19.57 -1.57 7.13
N GLY C 146 19.38 -2.86 6.94
CA GLY C 146 18.04 -3.42 6.90
C GLY C 146 17.57 -3.77 5.51
N TRP C 147 16.60 -4.66 5.46
CA TRP C 147 16.01 -5.13 4.21
C TRP C 147 14.86 -4.22 3.78
N GLU C 148 14.82 -3.90 2.49
CA GLU C 148 13.62 -3.32 1.92
C GLU C 148 12.49 -4.34 1.97
N ALA C 149 11.26 -3.85 1.98
CA ALA C 149 10.10 -4.73 1.85
C ALA C 149 10.24 -5.57 0.58
N SER C 150 9.89 -6.85 0.69
CA SER C 150 10.09 -7.80 -0.39
C SER C 150 8.79 -8.54 -0.67
N SER C 151 8.79 -9.26 -1.80
CA SER C 151 7.63 -10.05 -2.22
C SER C 151 8.14 -11.42 -2.67
N GLU C 152 7.84 -12.45 -1.89
CA GLU C 152 8.24 -13.81 -2.20
C GLU C 152 7.18 -14.45 -3.09
N ARG C 153 7.55 -14.73 -4.34
CA ARG C 153 6.66 -15.43 -5.26
C ARG C 153 6.79 -16.92 -5.02
N MET C 154 5.76 -17.54 -4.45
CA MET C 154 5.78 -18.95 -4.11
C MET C 154 4.87 -19.75 -5.03
N TYR C 155 5.26 -21.00 -5.28
CA TYR C 155 4.60 -21.83 -6.28
C TYR C 155 4.86 -23.29 -5.95
N PRO C 156 3.97 -24.19 -6.36
CA PRO C 156 4.22 -25.62 -6.15
C PRO C 156 5.11 -26.20 -7.22
N GLU C 157 5.92 -27.19 -6.81
CA GLU C 157 6.74 -27.94 -7.75
C GLU C 157 7.23 -29.19 -7.05
N ASP C 158 6.89 -30.36 -7.59
CA ASP C 158 7.44 -31.64 -7.17
C ASP C 158 7.12 -31.93 -5.71
N GLY C 159 5.84 -31.82 -5.37
CA GLY C 159 5.40 -32.12 -4.03
C GLY C 159 5.91 -31.17 -2.97
N ALA C 160 6.57 -30.08 -3.35
CA ALA C 160 7.13 -29.13 -2.40
C ALA C 160 6.69 -27.73 -2.76
N LEU C 161 6.79 -26.83 -1.77
CA LEU C 161 6.55 -25.41 -1.97
C LEU C 161 7.89 -24.72 -2.17
N LYS C 162 7.99 -23.92 -3.23
CA LYS C 162 9.19 -23.17 -3.53
C LYS C 162 8.90 -21.69 -3.52
N GLY C 163 9.94 -20.90 -3.26
CA GLY C 163 9.80 -19.46 -3.21
C GLY C 163 10.97 -18.73 -3.85
N GLU C 164 10.68 -17.73 -4.66
CA GLU C 164 11.70 -16.90 -5.31
C GLU C 164 11.54 -15.46 -4.83
N ILE C 165 12.64 -14.87 -4.36
CA ILE C 165 12.64 -13.50 -3.88
C ILE C 165 13.83 -12.77 -4.49
N LYS C 166 13.59 -11.59 -5.04
CA LYS C 166 14.64 -10.64 -5.38
C LYS C 166 14.63 -9.59 -4.27
N GLN C 167 15.59 -9.68 -3.37
CA GLN C 167 15.64 -8.90 -2.14
C GLN C 167 16.73 -7.84 -2.24
N ARG C 168 16.50 -6.70 -1.57
CA ARG C 168 17.43 -5.58 -1.60
C ARG C 168 17.78 -5.16 -0.18
N LEU C 169 19.07 -5.17 0.13
CA LEU C 169 19.56 -4.67 1.41
C LEU C 169 19.90 -3.19 1.27
N LYS C 170 19.42 -2.39 2.22
CA LYS C 170 19.79 -0.98 2.28
C LYS C 170 21.18 -0.84 2.90
N LEU C 171 21.94 0.13 2.41
CA LEU C 171 23.27 0.41 2.90
C LEU C 171 23.29 1.73 3.65
N LYS C 172 24.21 1.84 4.62
CA LYS C 172 24.34 3.07 5.39
C LYS C 172 24.73 4.25 4.51
N ASP C 173 25.48 3.99 3.43
CA ASP C 173 25.84 5.07 2.51
C ASP C 173 24.62 5.62 1.79
N GLY C 174 23.59 4.81 1.61
CA GLY C 174 22.40 5.21 0.87
C GLY C 174 22.16 4.42 -0.40
N GLY C 175 23.00 3.45 -0.72
CA GLY C 175 22.81 2.62 -1.89
C GLY C 175 21.96 1.41 -1.61
N HIS C 176 21.98 0.48 -2.56
CA HIS C 176 21.27 -0.79 -2.44
C HIS C 176 22.23 -1.93 -2.75
N TYR C 177 21.93 -3.09 -2.16
CA TYR C 177 22.77 -4.29 -2.26
C TYR C 177 21.84 -5.48 -2.43
N ASP C 178 21.86 -6.10 -3.61
CA ASP C 178 20.80 -6.98 -4.06
C ASP C 178 21.13 -8.45 -3.79
N ALA C 179 20.08 -9.24 -3.56
CA ALA C 179 20.20 -10.67 -3.35
C ALA C 179 19.07 -11.38 -4.09
N GLU C 180 19.40 -12.57 -4.60
CA GLU C 180 18.43 -13.47 -5.20
C GLU C 180 18.28 -14.67 -4.27
N VAL C 181 17.06 -14.94 -3.84
CA VAL C 181 16.80 -15.95 -2.81
C VAL C 181 15.87 -17.01 -3.39
N LYS C 182 16.25 -18.27 -3.24
CA LYS C 182 15.40 -19.41 -3.59
C LYS C 182 15.26 -20.31 -2.39
N THR C 183 14.01 -20.65 -2.05
CA THR C 183 13.71 -21.48 -0.90
C THR C 183 12.79 -22.61 -1.32
N THR C 184 13.04 -23.80 -0.77
CA THR C 184 12.16 -24.95 -0.95
C THR C 184 11.62 -25.36 0.41
N TYR C 185 10.30 -25.46 0.52
CA TYR C 185 9.63 -25.85 1.75
C TYR C 185 9.00 -27.22 1.57
N LYS C 186 9.34 -28.14 2.47
CA LYS C 186 8.91 -29.53 2.37
C LYS C 186 8.23 -29.96 3.66
N ALA C 187 6.94 -30.23 3.61
CA ALA C 187 6.24 -30.79 4.74
C ALA C 187 6.72 -32.21 5.01
N LYS C 188 6.78 -32.57 6.30
CA LYS C 188 7.25 -33.90 6.67
C LYS C 188 6.27 -34.98 6.27
N LYS C 189 4.98 -34.66 6.24
CA LYS C 189 3.95 -35.55 5.73
C LYS C 189 3.27 -34.89 4.53
N PRO C 190 2.79 -35.68 3.58
CA PRO C 190 2.11 -35.09 2.41
C PRO C 190 0.88 -34.31 2.83
N VAL C 191 0.86 -33.02 2.47
CA VAL C 191 -0.30 -32.17 2.66
C VAL C 191 -0.59 -31.46 1.35
N GLN C 192 -1.82 -30.96 1.23
CA GLN C 192 -2.27 -30.34 -0.02
C GLN C 192 -1.44 -29.12 -0.35
N LEU C 193 -1.04 -29.01 -1.62
CA LEU C 193 -0.27 -27.90 -2.16
C LEU C 193 -1.20 -26.84 -2.73
N PRO C 194 -0.87 -25.56 -2.57
CA PRO C 194 -1.71 -24.51 -3.16
C PRO C 194 -1.21 -24.13 -4.54
N GLY C 195 -1.91 -23.21 -5.21
CA GLY C 195 -1.42 -22.64 -6.43
C GLY C 195 -0.33 -21.63 -6.16
N ALA C 196 0.01 -20.88 -7.20
CA ALA C 196 1.03 -19.84 -7.08
C ALA C 196 0.43 -18.56 -6.50
N TYR C 197 1.21 -17.91 -5.65
CA TYR C 197 0.80 -16.65 -5.02
C TYR C 197 2.04 -15.94 -4.52
N ASN C 198 1.84 -14.71 -4.07
CA ASN C 198 2.93 -13.87 -3.57
C ASN C 198 2.75 -13.62 -2.08
N VAL C 199 3.88 -13.50 -1.39
CA VAL C 199 3.90 -13.20 0.04
C VAL C 199 4.69 -11.90 0.22
N ASN C 200 4.00 -10.83 0.60
CA ASN C 200 4.66 -9.58 0.95
C ASN C 200 5.26 -9.69 2.34
N ILE C 201 6.53 -9.32 2.47
CA ILE C 201 7.26 -9.47 3.72
C ILE C 201 7.89 -8.13 4.10
N LYS C 202 7.75 -7.76 5.36
CA LYS C 202 8.44 -6.60 5.93
C LYS C 202 9.09 -7.03 7.23
N LEU C 203 10.42 -6.98 7.27
CA LEU C 203 11.21 -7.44 8.42
C LEU C 203 11.96 -6.25 8.99
N ASP C 204 11.73 -5.97 10.27
CA ASP C 204 12.33 -4.83 10.96
C ASP C 204 13.23 -5.30 12.09
N ILE C 205 14.41 -4.67 12.18
CA ILE C 205 15.25 -4.78 13.37
C ILE C 205 14.73 -3.72 14.35
N THR C 206 14.02 -4.17 15.38
CA THR C 206 13.37 -3.23 16.29
C THR C 206 14.28 -2.72 17.39
N SER C 207 15.37 -3.44 17.69
CA SER C 207 16.34 -3.01 18.68
C SER C 207 17.56 -3.91 18.56
N HIS C 208 18.69 -3.42 19.08
CA HIS C 208 19.92 -4.18 19.12
C HIS C 208 20.91 -3.47 20.03
N ASN C 209 21.75 -4.24 20.70
CA ASN C 209 22.78 -3.65 21.56
C ASN C 209 23.95 -3.20 20.69
N GLU C 210 25.08 -2.88 21.33
CA GLU C 210 26.16 -2.20 20.61
C GLU C 210 26.84 -3.13 19.60
N ASP C 211 27.09 -4.38 19.97
CA ASP C 211 27.80 -5.33 19.13
C ASP C 211 26.90 -6.40 18.52
N TYR C 212 25.58 -6.19 18.57
CA TYR C 212 24.60 -7.08 17.93
C TYR C 212 24.64 -8.49 18.52
N THR C 213 24.91 -8.62 19.82
CA THR C 213 24.77 -9.90 20.49
C THR C 213 23.37 -10.13 21.04
N ILE C 214 22.58 -9.07 21.18
CA ILE C 214 21.17 -9.16 21.54
C ILE C 214 20.40 -8.33 20.53
N VAL C 215 19.58 -8.99 19.71
CA VAL C 215 18.88 -8.35 18.59
C VAL C 215 17.41 -8.71 18.67
N GLU C 216 16.55 -7.71 18.41
CA GLU C 216 15.11 -7.89 18.38
C GLU C 216 14.60 -7.67 16.96
N GLN C 217 13.68 -8.54 16.52
CA GLN C 217 13.16 -8.47 15.17
C GLN C 217 11.64 -8.49 15.20
N TYR C 218 11.05 -7.93 14.14
CA TYR C 218 9.59 -7.91 13.97
C TYR C 218 9.29 -8.08 12.50
N GLU C 219 8.44 -9.05 12.17
CA GLU C 219 8.13 -9.37 10.79
C GLU C 219 6.63 -9.39 10.57
N ARG C 220 6.19 -8.77 9.49
CA ARG C 220 4.80 -8.81 9.04
C ARG C 220 4.77 -9.39 7.62
N ALA C 221 3.97 -10.43 7.43
CA ALA C 221 3.91 -11.12 6.15
C ALA C 221 2.47 -11.51 5.83
N GLU C 222 2.08 -11.30 4.58
CA GLU C 222 0.72 -11.58 4.15
C GLU C 222 0.73 -12.09 2.73
N GLY C 223 -0.10 -13.09 2.45
CA GLY C 223 -0.21 -13.66 1.13
C GLY C 223 -1.25 -12.97 0.28
N ARG C 224 -0.99 -12.96 -1.02
CA ARG C 224 -1.92 -12.41 -2.02
C ARG C 224 -1.60 -13.06 -3.35
N HIS C 225 -2.54 -12.95 -4.28
CA HIS C 225 -2.36 -13.56 -5.59
C HIS C 225 -1.62 -12.61 -6.53
N SER C 226 -0.91 -13.19 -7.49
CA SER C 226 -0.09 -12.41 -8.42
C SER C 226 -0.95 -11.55 -9.33
N VAL D 5 10.40 -29.10 -18.75
CA VAL D 5 11.08 -27.99 -19.41
C VAL D 5 11.82 -28.48 -20.64
N GLN D 6 11.49 -27.91 -21.79
CA GLN D 6 12.12 -28.23 -23.07
C GLN D 6 12.82 -27.00 -23.60
N LEU D 7 14.13 -27.12 -23.82
CA LEU D 7 14.96 -26.01 -24.29
C LEU D 7 15.10 -26.10 -25.81
N VAL D 8 14.70 -25.04 -26.50
CA VAL D 8 14.80 -24.94 -27.95
C VAL D 8 15.74 -23.80 -28.29
N GLU D 9 16.84 -24.11 -28.97
CA GLU D 9 17.80 -23.10 -29.40
C GLU D 9 17.58 -22.73 -30.86
N SER D 10 18.15 -21.60 -31.25
CA SER D 10 18.07 -21.11 -32.62
C SER D 10 19.09 -19.99 -32.79
N GLY D 11 19.26 -19.56 -34.03
CA GLY D 11 20.10 -18.42 -34.35
C GLY D 11 21.50 -18.73 -34.85
N GLY D 12 21.83 -20.01 -35.04
CA GLY D 12 23.15 -20.37 -35.52
C GLY D 12 23.28 -20.26 -37.03
N GLY D 13 24.49 -20.48 -37.51
CA GLY D 13 24.74 -20.46 -38.94
C GLY D 13 26.19 -20.16 -39.23
N LEU D 14 26.45 -19.91 -40.52
CA LEU D 14 27.79 -19.63 -41.02
C LEU D 14 27.99 -18.13 -41.14
N VAL D 15 29.06 -17.62 -40.53
CA VAL D 15 29.42 -16.21 -40.58
C VAL D 15 30.89 -16.10 -40.93
N GLN D 16 31.36 -14.87 -41.08
CA GLN D 16 32.77 -14.59 -41.32
C GLN D 16 33.39 -13.95 -40.09
N ALA D 17 34.73 -13.96 -40.06
CA ALA D 17 35.45 -13.36 -38.94
C ALA D 17 35.07 -11.89 -38.79
N GLY D 18 34.82 -11.48 -37.55
CA GLY D 18 34.40 -10.13 -37.25
C GLY D 18 32.89 -9.92 -37.26
N ASP D 19 32.13 -10.87 -37.78
CA ASP D 19 30.67 -10.73 -37.83
C ASP D 19 30.07 -10.93 -36.46
N SER D 20 28.77 -10.62 -36.36
CA SER D 20 28.00 -10.79 -35.14
C SER D 20 26.95 -11.87 -35.33
N LEU D 21 26.48 -12.41 -34.21
CA LEU D 21 25.44 -13.43 -34.22
C LEU D 21 24.81 -13.48 -32.83
N ARG D 22 23.52 -13.82 -32.79
CA ARG D 22 22.80 -13.91 -31.53
C ARG D 22 22.09 -15.26 -31.48
N LEU D 23 22.39 -16.03 -30.44
CA LEU D 23 21.73 -17.31 -30.20
C LEU D 23 20.61 -17.11 -29.19
N SER D 24 19.52 -17.84 -29.38
CA SER D 24 18.38 -17.80 -28.47
C SER D 24 18.20 -19.17 -27.84
N CYS D 25 17.71 -19.16 -26.59
CA CYS D 25 17.42 -20.38 -25.84
C CYS D 25 16.03 -20.22 -25.23
N ALA D 26 15.01 -20.63 -25.98
CA ALA D 26 13.62 -20.45 -25.58
C ALA D 26 13.09 -21.73 -24.96
N ALA D 27 12.70 -21.65 -23.68
CA ALA D 27 12.09 -22.76 -22.99
C ALA D 27 10.58 -22.73 -23.16
N SER D 28 9.93 -23.85 -22.83
CA SER D 28 8.49 -23.95 -22.91
C SER D 28 8.03 -25.07 -22.00
N GLY D 29 6.90 -24.86 -21.34
CA GLY D 29 6.34 -25.87 -20.45
C GLY D 29 5.50 -25.22 -19.38
N ARG D 30 4.96 -26.07 -18.51
CA ARG D 30 4.10 -25.65 -17.41
C ARG D 30 4.90 -25.28 -16.16
N THR D 31 6.18 -25.00 -16.29
CA THR D 31 7.01 -24.73 -15.14
C THR D 31 6.74 -23.33 -14.59
N PHE D 32 6.78 -23.22 -13.26
CA PHE D 32 6.66 -21.94 -12.57
C PHE D 32 8.01 -21.34 -12.22
N GLU D 33 9.07 -22.16 -12.20
CA GLU D 33 10.36 -21.73 -11.71
C GLU D 33 11.12 -20.94 -12.76
N ASN D 34 11.85 -19.92 -12.30
CA ASN D 34 12.83 -19.21 -13.14
C ASN D 34 14.17 -19.91 -12.98
N TYR D 35 14.73 -20.35 -14.09
CA TYR D 35 15.93 -21.17 -14.08
C TYR D 35 17.17 -20.34 -14.40
N ALA D 36 18.24 -20.59 -13.67
CA ALA D 36 19.55 -20.12 -14.10
C ALA D 36 19.95 -20.86 -15.38
N MET D 37 20.61 -20.15 -16.29
CA MET D 37 20.94 -20.69 -17.59
C MET D 37 22.43 -20.53 -17.86
N GLY D 38 23.02 -21.56 -18.44
CA GLY D 38 24.42 -21.51 -18.84
C GLY D 38 24.58 -21.89 -20.29
N TRP D 39 25.63 -21.36 -20.91
CA TRP D 39 25.94 -21.60 -22.30
C TRP D 39 27.24 -22.40 -22.39
N PHE D 40 27.22 -23.46 -23.19
CA PHE D 40 28.39 -24.29 -23.42
C PHE D 40 28.60 -24.47 -24.92
N ARG D 41 29.86 -24.62 -25.32
CA ARG D 41 30.21 -24.89 -26.70
C ARG D 41 31.08 -26.14 -26.78
N GLN D 42 30.90 -26.89 -27.86
CA GLN D 42 31.59 -28.17 -28.03
C GLN D 42 32.06 -28.28 -29.47
N ALA D 43 33.37 -28.23 -29.66
CA ALA D 43 33.95 -28.57 -30.95
C ALA D 43 33.94 -30.08 -31.14
N PRO D 44 33.82 -30.56 -32.38
CA PRO D 44 33.76 -32.01 -32.60
C PRO D 44 35.00 -32.71 -32.08
N GLY D 45 34.80 -33.76 -31.30
CA GLY D 45 35.90 -34.49 -30.70
C GLY D 45 36.17 -34.07 -29.28
N LYS D 46 36.11 -32.76 -29.02
CA LYS D 46 36.32 -32.23 -27.68
C LYS D 46 35.03 -32.38 -26.86
N GLU D 47 35.11 -31.99 -25.59
CA GLU D 47 33.97 -32.04 -24.69
C GLU D 47 33.34 -30.66 -24.55
N ARG D 48 32.20 -30.62 -23.87
CA ARG D 48 31.46 -29.38 -23.68
C ARG D 48 32.26 -28.43 -22.81
N GLU D 49 32.52 -27.23 -23.32
CA GLU D 49 33.29 -26.22 -22.62
C GLU D 49 32.41 -25.05 -22.22
N PHE D 50 32.66 -24.51 -21.03
CA PHE D 50 31.84 -23.43 -20.49
C PHE D 50 32.07 -22.13 -21.27
N VAL D 51 30.97 -21.46 -21.60
CA VAL D 51 31.01 -20.16 -22.26
C VAL D 51 30.55 -19.04 -21.33
N GLY D 52 29.40 -19.23 -20.69
CA GLY D 52 28.88 -18.25 -19.76
C GLY D 52 27.62 -18.77 -19.10
N ALA D 53 27.12 -17.97 -18.16
CA ALA D 53 25.88 -18.32 -17.46
C ALA D 53 25.27 -17.05 -16.89
N VAL D 54 23.97 -17.14 -16.59
CA VAL D 54 23.23 -16.04 -15.97
C VAL D 54 22.37 -16.60 -14.85
N SER D 55 22.35 -15.89 -13.72
CA SER D 55 21.56 -16.34 -12.58
C SER D 55 20.07 -16.32 -12.91
N TRP D 56 19.29 -17.02 -12.08
CA TRP D 56 17.86 -17.18 -12.38
C TRP D 56 17.13 -15.85 -12.41
N GLY D 57 17.56 -14.89 -11.58
CA GLY D 57 16.96 -13.58 -11.57
C GLY D 57 17.57 -12.58 -12.53
N GLY D 58 18.75 -12.89 -13.07
CA GLY D 58 19.42 -12.00 -13.99
C GLY D 58 20.39 -11.02 -13.36
N GLY D 59 20.59 -11.08 -12.04
CA GLY D 59 21.46 -10.12 -11.39
C GLY D 59 22.93 -10.40 -11.58
N ARG D 60 23.30 -11.65 -11.83
CA ARG D 60 24.69 -12.04 -12.00
C ARG D 60 24.89 -12.76 -13.32
N THR D 61 25.97 -12.42 -14.02
CA THR D 61 26.39 -13.11 -15.23
C THR D 61 27.87 -13.45 -15.11
N TYR D 62 28.25 -14.60 -15.64
CA TYR D 62 29.64 -15.03 -15.63
C TYR D 62 30.04 -15.41 -17.05
N TYR D 63 31.32 -15.25 -17.34
CA TYR D 63 31.83 -15.47 -18.70
C TYR D 63 33.16 -16.20 -18.64
N ALA D 64 33.37 -17.09 -19.60
CA ALA D 64 34.68 -17.71 -19.78
C ALA D 64 35.71 -16.65 -20.17
N ASP D 65 36.98 -16.97 -19.95
CA ASP D 65 38.04 -16.00 -20.20
C ASP D 65 38.17 -15.69 -21.69
N ASN D 66 37.96 -16.68 -22.55
CA ASN D 66 38.19 -16.51 -23.97
C ASN D 66 37.07 -15.76 -24.69
N VAL D 67 35.99 -15.40 -23.99
CA VAL D 67 34.88 -14.67 -24.59
C VAL D 67 34.59 -13.36 -23.88
N LYS D 68 35.34 -13.02 -22.84
CA LYS D 68 35.07 -11.79 -22.10
C LYS D 68 35.26 -10.57 -22.99
N GLY D 69 34.28 -9.68 -22.97
CA GLY D 69 34.30 -8.47 -23.77
C GLY D 69 33.64 -8.58 -25.12
N ARG D 70 33.40 -9.80 -25.61
CA ARG D 70 32.80 -10.01 -26.92
C ARG D 70 31.44 -10.68 -26.86
N PHE D 71 31.24 -11.62 -25.93
CA PHE D 71 29.98 -12.32 -25.78
C PHE D 71 29.20 -11.70 -24.63
N THR D 72 27.87 -11.66 -24.78
CA THR D 72 27.00 -11.08 -23.76
C THR D 72 25.77 -11.96 -23.59
N ILE D 73 25.50 -12.36 -22.35
CA ILE D 73 24.34 -13.18 -22.02
C ILE D 73 23.32 -12.30 -21.33
N SER D 74 22.06 -12.42 -21.75
CA SER D 74 20.99 -11.64 -21.15
C SER D 74 19.70 -12.47 -21.17
N ARG D 75 18.88 -12.25 -20.15
CA ARG D 75 17.56 -12.85 -20.11
C ARG D 75 16.57 -11.96 -20.84
N ASP D 76 15.54 -12.59 -21.40
CA ASP D 76 14.47 -11.84 -22.05
C ASP D 76 13.49 -11.34 -21.00
N ASN D 77 13.33 -10.02 -20.91
CA ASN D 77 12.44 -9.43 -19.92
C ASN D 77 10.97 -9.76 -20.19
N ALA D 78 10.63 -10.27 -21.38
CA ALA D 78 9.26 -10.54 -21.74
C ALA D 78 8.89 -12.02 -21.76
N LYS D 79 9.82 -12.90 -22.14
CA LYS D 79 9.56 -14.33 -22.23
C LYS D 79 10.26 -15.05 -21.09
N LYS D 80 9.50 -15.87 -20.35
CA LYS D 80 10.06 -16.57 -19.20
C LYS D 80 11.03 -17.65 -19.63
N ASN D 81 12.16 -17.73 -18.93
CA ASN D 81 13.19 -18.74 -19.18
C ASN D 81 13.66 -18.70 -20.63
N THR D 82 13.99 -17.49 -21.10
CA THR D 82 14.52 -17.28 -22.44
C THR D 82 15.76 -16.41 -22.32
N VAL D 83 16.91 -16.94 -22.69
CA VAL D 83 18.17 -16.21 -22.63
C VAL D 83 18.75 -16.07 -24.03
N TYR D 84 19.58 -15.05 -24.18
CA TYR D 84 20.26 -14.78 -25.45
C TYR D 84 21.77 -14.80 -25.23
N LEU D 85 22.47 -15.37 -26.19
CA LEU D 85 23.93 -15.29 -26.25
C LEU D 85 24.27 -14.38 -27.43
N GLN D 86 24.59 -13.14 -27.14
CA GLN D 86 24.99 -12.17 -28.16
C GLN D 86 26.49 -12.30 -28.40
N MET D 87 26.86 -12.64 -29.62
CA MET D 87 28.24 -12.92 -29.98
C MET D 87 28.74 -11.82 -30.90
N ASN D 88 29.72 -11.05 -30.42
CA ASN D 88 30.33 -9.98 -31.20
C ASN D 88 31.79 -10.32 -31.49
N SER D 89 32.30 -9.76 -32.58
CA SER D 89 33.70 -9.93 -32.98
C SER D 89 34.09 -11.41 -33.01
N LEU D 90 33.31 -12.19 -33.76
CA LEU D 90 33.52 -13.63 -33.82
C LEU D 90 34.84 -13.94 -34.53
N LYS D 91 35.49 -15.01 -34.08
CA LYS D 91 36.74 -15.50 -34.60
C LYS D 91 36.58 -16.96 -34.98
N PRO D 92 37.44 -17.48 -35.86
CA PRO D 92 37.34 -18.91 -36.22
C PRO D 92 37.44 -19.84 -35.02
N GLU D 93 38.14 -19.42 -33.95
CA GLU D 93 38.24 -20.24 -32.75
C GLU D 93 36.89 -20.42 -32.07
N ASP D 94 35.91 -19.56 -32.37
CA ASP D 94 34.58 -19.68 -31.78
C ASP D 94 33.72 -20.72 -32.47
N THR D 95 34.21 -21.34 -33.54
CA THR D 95 33.45 -22.38 -34.24
C THR D 95 33.21 -23.56 -33.31
N ALA D 96 31.95 -23.90 -33.08
CA ALA D 96 31.57 -24.98 -32.19
C ALA D 96 30.06 -25.17 -32.25
N VAL D 97 29.60 -26.26 -31.66
CA VAL D 97 28.18 -26.47 -31.40
C VAL D 97 27.88 -25.86 -30.04
N TYR D 98 26.93 -24.94 -29.99
CA TYR D 98 26.62 -24.20 -28.77
C TYR D 98 25.36 -24.76 -28.13
N TYR D 99 25.45 -25.08 -26.84
CA TYR D 99 24.33 -25.60 -26.07
C TYR D 99 23.98 -24.62 -24.96
N CYS D 100 22.68 -24.48 -24.72
CA CYS D 100 22.18 -23.78 -23.55
C CYS D 100 21.63 -24.81 -22.56
N ALA D 101 21.96 -24.63 -21.29
CA ALA D 101 21.52 -25.55 -20.25
C ALA D 101 20.87 -24.77 -19.13
N ALA D 102 19.98 -25.44 -18.39
CA ALA D 102 19.22 -24.81 -17.32
C ALA D 102 19.40 -25.59 -16.03
N LYS D 103 19.46 -24.85 -14.92
CA LYS D 103 19.52 -25.45 -13.60
C LYS D 103 18.88 -24.48 -12.61
N SER D 104 18.63 -24.98 -11.40
CA SER D 104 17.88 -24.21 -10.41
C SER D 104 18.69 -22.99 -9.94
N VAL D 105 19.89 -23.22 -9.41
CA VAL D 105 20.75 -22.14 -8.94
C VAL D 105 22.17 -22.37 -9.45
N LEU D 106 22.90 -21.27 -9.65
CA LEU D 106 24.31 -21.34 -9.98
C LEU D 106 25.14 -21.35 -8.71
N THR D 107 26.16 -22.22 -8.70
CA THR D 107 27.20 -22.20 -7.69
C THR D 107 28.54 -22.13 -8.40
N ILE D 108 29.59 -21.79 -7.66
CA ILE D 108 30.91 -21.66 -8.26
C ILE D 108 31.43 -23.03 -8.72
N ALA D 109 31.10 -24.09 -7.98
CA ALA D 109 31.65 -25.41 -8.25
C ALA D 109 30.87 -26.17 -9.33
N THR D 110 29.67 -25.72 -9.70
CA THR D 110 28.84 -26.45 -10.65
C THR D 110 28.48 -25.67 -11.91
N MET D 111 28.67 -24.35 -11.94
CA MET D 111 28.22 -23.57 -13.09
C MET D 111 29.07 -23.82 -14.33
N ARG D 112 30.31 -24.28 -14.17
CA ARG D 112 31.19 -24.57 -15.30
C ARG D 112 31.33 -26.07 -15.57
N VAL D 113 30.47 -26.89 -14.97
CA VAL D 113 30.52 -28.34 -15.13
C VAL D 113 29.27 -28.77 -15.90
N PRO D 114 29.40 -29.27 -17.13
CA PRO D 114 28.19 -29.63 -17.91
C PRO D 114 27.31 -30.68 -17.25
N ASP D 115 27.91 -31.67 -16.59
CA ASP D 115 27.14 -32.76 -15.99
C ASP D 115 26.25 -32.31 -14.83
N GLU D 116 26.43 -31.08 -14.33
CA GLU D 116 25.65 -30.60 -13.21
C GLU D 116 24.31 -30.02 -13.61
N TYR D 117 24.11 -29.71 -14.89
CA TYR D 117 22.86 -29.16 -15.37
C TYR D 117 21.87 -30.26 -15.69
N ASN D 118 20.59 -30.01 -15.41
CA ASN D 118 19.55 -31.01 -15.59
C ASN D 118 18.99 -31.00 -17.02
N TYR D 119 18.67 -29.83 -17.54
CA TYR D 119 18.02 -29.69 -18.84
C TYR D 119 18.98 -29.10 -19.86
N TRP D 120 18.83 -29.52 -21.11
CA TRP D 120 19.71 -29.09 -22.19
C TRP D 120 18.90 -28.83 -23.45
N GLY D 121 19.42 -27.94 -24.29
CA GLY D 121 18.87 -27.74 -25.60
C GLY D 121 19.51 -28.67 -26.63
N GLN D 122 18.89 -28.72 -27.82
CA GLN D 122 19.39 -29.59 -28.87
C GLN D 122 20.73 -29.14 -29.42
N GLY D 123 21.11 -27.89 -29.20
CA GLY D 123 22.37 -27.38 -29.73
C GLY D 123 22.22 -26.80 -31.11
N THR D 124 23.02 -25.77 -31.39
CA THR D 124 23.01 -25.12 -32.68
C THR D 124 24.45 -24.88 -33.14
N GLN D 125 24.65 -24.98 -34.45
CA GLN D 125 26.00 -24.91 -35.02
C GLN D 125 26.36 -23.47 -35.34
N VAL D 126 27.56 -23.06 -34.93
CA VAL D 126 28.11 -21.75 -35.27
C VAL D 126 29.47 -21.99 -35.93
N THR D 127 29.61 -21.52 -37.17
CA THR D 127 30.83 -21.69 -37.93
C THR D 127 31.32 -20.32 -38.37
N VAL D 128 32.54 -19.97 -37.97
CA VAL D 128 33.16 -18.69 -38.32
C VAL D 128 34.30 -18.98 -39.27
N SER D 129 34.13 -18.59 -40.53
CA SER D 129 35.15 -18.81 -41.55
C SER D 129 36.27 -17.79 -41.44
N ALA E 12 27.57 8.87 27.96
CA ALA E 12 27.92 8.13 29.16
C ALA E 12 26.67 7.74 29.96
N ILE E 13 25.91 8.76 30.37
CA ILE E 13 24.69 8.51 31.16
C ILE E 13 23.64 7.81 30.30
N ILE E 14 23.26 8.44 29.19
CA ILE E 14 22.29 7.85 28.26
C ILE E 14 23.10 7.17 27.15
N LYS E 15 23.26 5.85 27.26
CA LYS E 15 23.98 5.10 26.25
C LYS E 15 23.13 4.94 25.00
N GLU E 16 23.80 4.54 23.90
CA GLU E 16 23.10 4.34 22.64
C GLU E 16 22.16 3.15 22.68
N PHE E 17 22.33 2.24 23.64
CA PHE E 17 21.39 1.17 23.91
C PHE E 17 21.04 1.21 25.39
N MET E 18 19.75 1.23 25.70
CA MET E 18 19.30 1.39 27.07
C MET E 18 18.10 0.48 27.32
N ARG E 19 18.10 -0.21 28.46
CA ARG E 19 16.96 -0.99 28.91
C ARG E 19 16.09 -0.13 29.83
N PHE E 20 14.86 -0.60 30.05
CA PHE E 20 14.00 0.06 31.03
C PHE E 20 13.02 -0.94 31.61
N LYS E 21 12.59 -0.67 32.83
CA LYS E 21 11.51 -1.40 33.48
C LYS E 21 10.37 -0.43 33.78
N VAL E 22 9.14 -0.92 33.66
CA VAL E 22 7.96 -0.09 33.87
C VAL E 22 6.95 -0.85 34.71
N HIS E 23 6.33 -0.16 35.65
CA HIS E 23 5.23 -0.67 36.45
C HIS E 23 4.09 0.33 36.39
N MET E 24 2.87 -0.15 36.15
CA MET E 24 1.71 0.73 36.07
C MET E 24 0.60 0.19 36.96
N GLU E 25 0.09 1.05 37.84
CA GLU E 25 -1.13 0.81 38.59
C GLU E 25 -2.23 1.68 38.01
N GLY E 26 -3.37 1.07 37.71
CA GLY E 26 -4.40 1.81 36.98
C GLY E 26 -5.80 1.39 37.38
N SER E 27 -6.75 2.25 37.02
CA SER E 27 -8.17 1.99 37.20
C SER E 27 -8.91 2.58 35.99
N VAL E 28 -9.70 1.74 35.33
CA VAL E 28 -10.46 2.14 34.15
C VAL E 28 -11.91 1.76 34.37
N ASN E 29 -12.79 2.76 34.44
CA ASN E 29 -14.22 2.56 34.72
C ASN E 29 -14.42 1.72 35.97
N GLY E 30 -13.57 1.94 36.97
CA GLY E 30 -13.68 1.24 38.23
C GLY E 30 -13.06 -0.13 38.28
N HIS E 31 -12.27 -0.52 37.28
CA HIS E 31 -11.62 -1.82 37.24
C HIS E 31 -10.13 -1.61 37.52
N GLU E 32 -9.67 -2.08 38.68
CA GLU E 32 -8.28 -1.93 39.07
C GLU E 32 -7.42 -3.00 38.41
N PHE E 33 -6.17 -2.65 38.14
CA PHE E 33 -5.24 -3.57 37.50
C PHE E 33 -3.81 -3.09 37.72
N GLU E 34 -2.87 -4.00 37.49
CA GLU E 34 -1.46 -3.71 37.58
C GLU E 34 -0.73 -4.36 36.41
N ILE E 35 0.31 -3.70 35.92
CA ILE E 35 1.07 -4.16 34.76
C ILE E 35 2.54 -3.94 35.03
N GLU E 36 3.35 -4.97 34.82
CA GLU E 36 4.80 -4.89 34.91
C GLU E 36 5.40 -5.17 33.53
N GLY E 37 6.40 -4.39 33.17
CA GLY E 37 6.97 -4.51 31.82
C GLY E 37 8.47 -4.30 31.84
N GLU E 38 9.12 -4.94 30.87
CA GLU E 38 10.54 -4.75 30.61
C GLU E 38 10.72 -4.38 29.15
N GLY E 39 11.59 -3.40 28.89
CA GLY E 39 11.79 -2.92 27.55
C GLY E 39 13.25 -2.59 27.29
N GLU E 40 13.53 -2.24 26.04
CA GLU E 40 14.87 -1.82 25.62
C GLU E 40 14.72 -1.03 24.33
N GLY E 41 15.75 -0.26 24.01
CA GLY E 41 15.70 0.54 22.80
C GLY E 41 16.97 1.32 22.63
N ARG E 42 16.97 2.16 21.59
CA ARG E 42 18.13 2.97 21.24
C ARG E 42 17.73 4.43 21.31
N PRO E 43 18.07 5.12 22.41
CA PRO E 43 17.44 6.43 22.69
C PRO E 43 17.74 7.51 21.66
N TYR E 44 18.87 7.43 20.96
CA TYR E 44 19.21 8.47 19.99
C TYR E 44 18.67 8.18 18.60
N GLU E 45 18.29 6.93 18.32
CA GLU E 45 17.61 6.61 17.08
C GLU E 45 16.08 6.70 17.20
N GLY E 46 15.56 6.86 18.42
CA GLY E 46 14.13 7.04 18.61
C GLY E 46 13.31 5.77 18.53
N THR E 47 13.92 4.61 18.79
CA THR E 47 13.23 3.34 18.69
C THR E 47 13.30 2.61 20.02
N GLN E 48 12.27 1.81 20.31
CA GLN E 48 12.18 1.09 21.57
C GLN E 48 11.12 0.01 21.45
N THR E 49 11.30 -1.06 22.24
CA THR E 49 10.34 -2.14 22.32
C THR E 49 10.14 -2.48 23.79
N ALA E 50 9.01 -3.14 24.08
CA ALA E 50 8.76 -3.56 25.44
C ALA E 50 7.80 -4.74 25.45
N LYS E 51 7.90 -5.54 26.51
CA LYS E 51 6.98 -6.63 26.78
C LYS E 51 6.24 -6.30 28.07
N LEU E 52 4.92 -6.19 27.98
CA LEU E 52 4.08 -5.84 29.11
C LEU E 52 3.28 -7.05 29.57
N LYS E 53 3.17 -7.21 30.89
CA LYS E 53 2.43 -8.32 31.48
C LYS E 53 1.45 -7.80 32.51
N VAL E 54 0.19 -8.20 32.38
CA VAL E 54 -0.83 -7.86 33.38
C VAL E 54 -0.60 -8.78 34.58
N THR E 55 -0.19 -8.19 35.71
CA THR E 55 0.10 -8.95 36.92
C THR E 55 -1.04 -8.93 37.92
N LYS E 56 -2.07 -8.11 37.69
CA LYS E 56 -3.20 -8.01 38.60
C LYS E 56 -4.39 -7.45 37.84
N GLY E 57 -5.57 -7.99 38.13
CA GLY E 57 -6.79 -7.53 37.48
C GLY E 57 -7.03 -8.07 36.09
N GLY E 58 -6.19 -8.98 35.59
CA GLY E 58 -6.38 -9.55 34.28
C GLY E 58 -7.46 -10.61 34.28
N PRO E 59 -8.10 -10.83 33.12
CA PRO E 59 -7.91 -10.12 31.85
C PRO E 59 -8.64 -8.79 31.82
N LEU E 60 -8.03 -7.76 31.23
CA LEU E 60 -8.63 -6.43 31.25
C LEU E 60 -9.91 -6.41 30.41
N PRO E 61 -10.97 -5.75 30.89
CA PRO E 61 -12.23 -5.75 30.14
C PRO E 61 -12.36 -4.57 29.19
N PHE E 62 -11.25 -3.91 28.87
CA PHE E 62 -11.25 -2.74 28.01
C PHE E 62 -10.13 -2.86 26.99
N ALA E 63 -10.08 -1.90 26.07
CA ALA E 63 -9.13 -1.94 24.97
C ALA E 63 -7.72 -1.61 25.48
N TRP E 64 -6.75 -2.45 25.09
CA TRP E 64 -5.37 -2.20 25.47
C TRP E 64 -4.86 -0.90 24.88
N ASP E 65 -5.47 -0.43 23.78
CA ASP E 65 -4.93 0.70 23.04
C ASP E 65 -4.88 1.98 23.86
N ILE E 66 -5.77 2.12 24.85
CA ILE E 66 -5.72 3.32 25.68
C ILE E 66 -4.54 3.28 26.65
N LEU E 67 -3.97 2.10 26.90
CA LEU E 67 -2.82 1.98 27.78
C LEU E 67 -1.50 2.05 27.02
N SER E 68 -1.49 1.65 25.75
CA SER E 68 -0.23 1.53 25.02
C SER E 68 0.62 2.80 24.98
N PRO E 69 0.06 4.01 24.87
CA PRO E 69 0.93 5.20 24.84
C PRO E 69 1.44 5.65 26.20
N GLN E 70 1.20 4.90 27.28
CA GLN E 70 1.68 5.28 28.60
C GLN E 70 2.91 4.51 29.02
N PHE E 71 3.36 3.55 28.23
CA PHE E 71 4.52 2.73 28.57
C PHE E 71 5.81 3.27 27.95
N1 CH6 E 72 5.15 4.18 27.06
CE CH6 E 72 7.47 0.41 24.31
SD CH6 E 72 6.48 1.53 23.26
CG1 CH6 E 72 6.60 3.22 23.92
CB1 CH6 E 72 5.32 3.55 24.72
CA1 CH6 E 72 5.65 4.61 25.78
C1 CH6 E 72 5.06 5.98 25.38
N2 CH6 E 72 4.57 6.18 24.07
CB2 CH6 E 72 3.56 8.11 22.93
CA2 CH6 E 72 4.10 7.53 24.02
C2 CH6 E 72 4.33 8.22 25.42
O2 CH6 E 72 4.06 9.32 25.74
N3 CH6 E 72 4.95 7.14 26.23
CA3 CH6 E 72 5.33 7.31 27.65
C3 CH6 E 72 6.69 6.71 28.05
O3 CH6 E 72 7.11 6.85 29.23
N SER E 73 7.59 7.48 27.26
CA SER E 73 8.97 6.99 27.21
C SER E 73 9.75 7.83 26.21
N LYS E 74 9.60 9.15 26.34
CA LYS E 74 10.12 10.10 25.35
C LYS E 74 11.61 10.37 25.50
N ALA E 75 12.33 9.59 26.33
CA ALA E 75 13.78 9.60 26.24
C ALA E 75 14.23 8.94 24.94
N TYR E 76 13.43 8.03 24.40
CA TYR E 76 13.72 7.37 23.13
C TYR E 76 13.08 8.15 21.98
N VAL E 77 13.57 9.37 21.78
CA VAL E 77 13.12 10.22 20.68
C VAL E 77 14.35 10.74 19.95
N LYS E 78 14.42 10.45 18.65
CA LYS E 78 15.54 10.94 17.84
C LYS E 78 15.43 12.45 17.67
N HIS E 79 16.51 13.17 17.98
CA HIS E 79 16.52 14.61 17.91
C HIS E 79 17.59 15.10 16.95
N PRO E 80 17.31 16.15 16.19
CA PRO E 80 18.39 16.83 15.46
C PRO E 80 19.31 17.55 16.44
N ALA E 81 20.49 17.91 15.93
CA ALA E 81 21.48 18.55 16.79
C ALA E 81 21.00 19.89 17.32
N ASP E 82 20.20 20.63 16.55
CA ASP E 82 19.78 21.97 16.90
C ASP E 82 18.58 22.01 17.85
N ILE E 83 18.10 20.86 18.32
CA ILE E 83 16.98 20.81 19.25
C ILE E 83 17.50 20.24 20.57
N PRO E 84 17.53 21.03 21.65
CA PRO E 84 18.00 20.51 22.94
C PRO E 84 17.11 19.37 23.43
N ASP E 85 17.74 18.25 23.76
CA ASP E 85 17.02 17.07 24.25
C ASP E 85 16.75 17.28 25.74
N TYR E 86 15.68 18.01 26.03
CA TYR E 86 15.35 18.37 27.41
C TYR E 86 15.20 17.14 28.30
N LEU E 87 14.54 16.10 27.80
CA LEU E 87 14.27 14.93 28.63
C LEU E 87 15.51 14.07 28.82
N LYS E 88 16.39 14.02 27.82
CA LYS E 88 17.63 13.25 27.98
C LYS E 88 18.56 13.90 29.00
N LEU E 89 18.70 15.23 28.94
CA LEU E 89 19.58 15.94 29.86
C LEU E 89 19.07 15.92 31.29
N SER E 90 17.82 15.54 31.52
CA SER E 90 17.26 15.52 32.88
C SER E 90 17.81 14.38 33.72
N PHE E 91 18.44 13.38 33.11
CA PHE E 91 18.99 12.24 33.81
C PHE E 91 20.41 12.54 34.27
N PRO E 92 20.94 11.81 35.28
CA PRO E 92 20.41 10.61 35.96
C PRO E 92 19.20 10.83 36.88
N GLU E 93 18.90 12.05 37.31
CA GLU E 93 17.76 12.23 38.20
C GLU E 93 16.44 11.93 37.48
N GLY E 94 16.29 12.42 36.25
CA GLY E 94 15.11 12.09 35.48
C GLY E 94 14.07 13.17 35.43
N PHE E 95 12.81 12.78 35.20
CA PHE E 95 11.73 13.74 35.01
C PHE E 95 10.41 13.05 35.33
N LYS E 96 9.37 13.87 35.44
CA LYS E 96 8.01 13.40 35.59
C LYS E 96 7.17 13.96 34.46
N TRP E 97 6.06 13.28 34.16
CA TRP E 97 5.09 13.85 33.25
C TRP E 97 3.68 13.52 33.72
N GLU E 98 2.75 14.41 33.35
CA GLU E 98 1.33 14.24 33.65
C GLU E 98 0.56 14.49 32.37
N ARG E 99 -0.50 13.71 32.16
CA ARG E 99 -1.16 13.65 30.86
C ARG E 99 -2.67 13.60 31.02
N VAL E 100 -3.37 14.40 30.24
CA VAL E 100 -4.82 14.33 30.11
C VAL E 100 -5.14 13.91 28.68
N MET E 101 -5.87 12.81 28.55
CA MET E 101 -6.31 12.32 27.24
C MET E 101 -7.83 12.31 27.24
N ASN E 102 -8.43 13.13 26.38
CA ASN E 102 -9.88 13.27 26.29
C ASN E 102 -10.36 12.64 24.98
N PHE E 103 -11.19 11.61 25.09
CA PHE E 103 -11.74 10.96 23.92
C PHE E 103 -13.05 11.64 23.51
N GLU E 104 -13.44 11.42 22.24
CA GLU E 104 -14.56 12.15 21.68
C GLU E 104 -15.90 11.78 22.33
N ASP E 105 -16.00 10.58 22.90
CA ASP E 105 -17.26 10.11 23.46
C ASP E 105 -17.34 10.32 24.97
N GLY E 106 -16.49 11.16 25.53
CA GLY E 106 -16.53 11.48 26.95
C GLY E 106 -15.53 10.74 27.80
N GLY E 107 -14.85 9.73 27.27
CA GLY E 107 -13.84 9.02 28.05
C GLY E 107 -12.65 9.92 28.35
N VAL E 108 -12.13 9.78 29.57
CA VAL E 108 -11.03 10.61 30.05
C VAL E 108 -9.99 9.71 30.71
N VAL E 109 -8.74 9.83 30.27
CA VAL E 109 -7.61 9.13 30.87
C VAL E 109 -6.65 10.19 31.41
N THR E 110 -6.37 10.11 32.71
CA THR E 110 -5.32 10.92 33.34
C THR E 110 -4.18 10.00 33.75
N VAL E 111 -2.96 10.46 33.52
CA VAL E 111 -1.75 9.67 33.78
C VAL E 111 -0.74 10.55 34.48
N THR E 112 -0.15 10.05 35.56
CA THR E 112 1.05 10.62 36.17
C THR E 112 2.17 9.59 36.08
N GLN E 113 3.40 10.06 35.87
CA GLN E 113 4.50 9.15 35.64
C GLN E 113 5.77 9.74 36.23
N ASP E 114 6.67 8.85 36.66
CA ASP E 114 7.96 9.22 37.20
C ASP E 114 9.04 8.42 36.48
N SER E 115 10.02 9.11 35.91
CA SER E 115 11.10 8.48 35.15
C SER E 115 12.42 8.76 35.85
N SER E 116 13.14 7.69 36.19
CA SER E 116 14.43 7.81 36.86
C SER E 116 15.39 6.76 36.30
N LEU E 117 16.65 6.87 36.70
CA LEU E 117 17.73 6.03 36.20
C LEU E 117 18.40 5.32 37.36
N GLN E 118 18.31 3.99 37.38
CA GLN E 118 18.89 3.17 38.43
C GLN E 118 19.62 1.99 37.79
N ASP E 119 20.92 1.89 38.06
CA ASP E 119 21.76 0.78 37.59
C ASP E 119 21.82 0.74 36.06
N GLY E 120 22.03 1.92 35.46
CA GLY E 120 22.21 2.01 34.02
C GLY E 120 20.97 1.75 33.19
N GLU E 121 19.80 1.68 33.81
CA GLU E 121 18.55 1.43 33.09
C GLU E 121 17.46 2.36 33.63
N PHE E 122 16.51 2.68 32.76
CA PHE E 122 15.42 3.57 33.13
C PHE E 122 14.39 2.84 33.99
N ILE E 123 13.82 3.55 34.95
CA ILE E 123 12.76 3.04 35.81
C ILE E 123 11.53 3.91 35.58
N TYR E 124 10.42 3.28 35.20
CA TYR E 124 9.17 3.98 34.93
C TYR E 124 8.11 3.53 35.91
N LYS E 125 7.49 4.48 36.60
CA LYS E 125 6.35 4.22 37.47
C LYS E 125 5.17 5.04 36.95
N VAL E 126 4.07 4.36 36.65
CA VAL E 126 2.92 4.97 35.99
C VAL E 126 1.69 4.79 36.87
N LYS E 127 0.94 5.87 37.06
CA LYS E 127 -0.35 5.84 37.74
C LYS E 127 -1.40 6.33 36.75
N LEU E 128 -2.37 5.48 36.45
CA LEU E 128 -3.36 5.77 35.42
C LEU E 128 -4.76 5.69 36.00
N ARG E 129 -5.64 6.58 35.52
CA ARG E 129 -7.05 6.56 35.89
C ARG E 129 -7.87 6.89 34.67
N GLY E 130 -8.75 5.97 34.28
CA GLY E 130 -9.67 6.19 33.17
C GLY E 130 -11.11 6.10 33.67
N THR E 131 -11.94 7.02 33.19
CA THR E 131 -13.33 7.07 33.62
C THR E 131 -14.22 7.48 32.45
N ASN E 132 -15.53 7.32 32.66
CA ASN E 132 -16.58 7.84 31.79
C ASN E 132 -16.54 7.24 30.39
N PHE E 133 -15.95 6.08 30.22
CA PHE E 133 -16.06 5.38 28.95
C PHE E 133 -17.43 4.73 28.84
N PRO E 134 -18.21 5.02 27.80
CA PRO E 134 -19.55 4.44 27.69
C PRO E 134 -19.49 2.91 27.61
N SER E 135 -20.55 2.28 28.12
CA SER E 135 -20.59 0.83 28.20
C SER E 135 -20.55 0.20 26.82
N ASP E 136 -21.22 0.82 25.84
CA ASP E 136 -21.28 0.31 24.48
C ASP E 136 -20.21 0.93 23.58
N GLY E 137 -19.30 1.73 24.13
CA GLY E 137 -18.27 2.37 23.36
C GLY E 137 -17.20 1.40 22.89
N PRO E 138 -16.37 1.84 21.94
CA PRO E 138 -15.34 0.94 21.38
C PRO E 138 -14.25 0.58 22.38
N VAL E 139 -14.03 1.38 23.41
CA VAL E 139 -13.00 1.05 24.41
C VAL E 139 -13.51 -0.05 25.34
N MET E 140 -14.72 0.12 25.88
CA MET E 140 -15.28 -0.91 26.76
C MET E 140 -15.59 -2.18 25.98
N GLN E 141 -15.94 -2.07 24.71
CA GLN E 141 -16.28 -3.23 23.89
C GLN E 141 -15.09 -3.80 23.13
N LYS E 142 -13.90 -3.22 23.28
CA LYS E 142 -12.68 -3.71 22.63
C LYS E 142 -12.83 -3.76 21.11
N LYS E 143 -13.20 -2.62 20.53
CA LYS E 143 -13.45 -2.52 19.09
C LYS E 143 -12.37 -1.72 18.36
N THR E 144 -11.22 -1.49 19.00
CA THR E 144 -10.14 -0.71 18.42
C THR E 144 -9.00 -1.64 18.01
N MET E 145 -8.20 -1.19 17.04
CA MET E 145 -7.01 -1.93 16.65
C MET E 145 -5.86 -0.97 16.29
N GLY E 146 -5.47 -0.16 17.25
CA GLY E 146 -4.19 0.49 17.11
C GLY E 146 -4.31 1.97 16.78
N TRP E 147 -3.30 2.73 17.19
CA TRP E 147 -3.23 4.15 16.92
C TRP E 147 -2.71 4.41 15.52
N GLU E 148 -3.36 5.32 14.81
CA GLU E 148 -2.75 5.86 13.60
C GLU E 148 -1.52 6.68 13.98
N ALA E 149 -0.61 6.83 13.02
CA ALA E 149 0.56 7.66 13.24
C ALA E 149 0.14 9.06 13.67
N SER E 150 0.87 9.62 14.63
CA SER E 150 0.50 10.89 15.24
C SER E 150 1.68 11.85 15.19
N SER E 151 1.38 13.13 15.44
CA SER E 151 2.38 14.19 15.50
C SER E 151 2.15 14.98 16.78
N GLU E 152 3.13 14.96 17.67
CA GLU E 152 3.08 15.69 18.93
C GLU E 152 3.74 17.05 18.75
N ARG E 153 2.97 18.12 18.97
CA ARG E 153 3.50 19.47 18.95
C ARG E 153 4.09 19.79 20.32
N MET E 154 5.40 20.01 20.37
CA MET E 154 6.11 20.29 21.60
C MET E 154 6.47 21.77 21.66
N TYR E 155 6.47 22.32 22.88
CA TYR E 155 6.79 23.72 23.08
C TYR E 155 7.08 23.95 24.56
N PRO E 156 7.91 24.94 24.88
CA PRO E 156 8.14 25.27 26.29
C PRO E 156 7.06 26.19 26.83
N GLU E 157 6.81 26.08 28.14
CA GLU E 157 5.86 26.96 28.82
C GLU E 157 5.97 26.82 30.32
N ASP E 158 6.12 27.95 31.02
CA ASP E 158 6.15 27.99 32.49
C ASP E 158 7.23 27.08 33.06
N GLY E 159 8.39 27.08 32.41
CA GLY E 159 9.53 26.31 32.86
C GLY E 159 9.44 24.82 32.61
N ALA E 160 8.40 24.35 31.93
CA ALA E 160 8.24 22.93 31.63
C ALA E 160 8.13 22.72 30.12
N LEU E 161 8.13 21.46 29.73
CA LEU E 161 7.93 21.06 28.34
C LEU E 161 6.52 20.52 28.19
N LYS E 162 5.78 21.06 27.21
CA LYS E 162 4.40 20.67 26.98
C LYS E 162 4.26 20.05 25.60
N GLY E 163 3.23 19.22 25.45
CA GLY E 163 2.95 18.56 24.19
C GLY E 163 1.47 18.44 23.91
N GLU E 164 1.08 18.65 22.66
CA GLU E 164 -0.31 18.52 22.23
C GLU E 164 -0.38 17.51 21.10
N ILE E 165 -1.30 16.55 21.20
CA ILE E 165 -1.45 15.50 20.21
C ILE E 165 -2.92 15.33 19.87
N LYS E 166 -3.23 15.36 18.57
CA LYS E 166 -4.53 14.94 18.06
C LYS E 166 -4.37 13.50 17.59
N GLN E 167 -4.85 12.57 18.39
CA GLN E 167 -4.66 11.14 18.15
C GLN E 167 -5.97 10.51 17.69
N ARG E 168 -5.84 9.50 16.82
CA ARG E 168 -6.99 8.82 16.24
C ARG E 168 -6.78 7.32 16.31
N LEU E 169 -7.68 6.63 16.99
CA LEU E 169 -7.70 5.18 17.05
C LEU E 169 -8.51 4.62 15.88
N LYS E 170 -8.08 3.47 15.37
CA LYS E 170 -8.79 2.80 14.29
C LYS E 170 -9.84 1.87 14.88
N LEU E 171 -11.04 1.90 14.29
CA LEU E 171 -12.18 1.14 14.75
C LEU E 171 -12.32 -0.13 13.94
N LYS E 172 -13.02 -1.10 14.53
CA LYS E 172 -13.05 -2.46 13.97
C LYS E 172 -13.69 -2.48 12.59
N ASP E 173 -14.56 -1.52 12.28
CA ASP E 173 -15.23 -1.45 10.99
C ASP E 173 -14.56 -0.45 10.04
N GLY E 174 -13.33 -0.04 10.34
CA GLY E 174 -12.64 0.93 9.53
C GLY E 174 -12.88 2.38 9.90
N GLY E 175 -13.71 2.64 10.92
CA GLY E 175 -13.93 3.97 11.40
C GLY E 175 -12.75 4.48 12.20
N HIS E 176 -12.98 5.59 12.91
CA HIS E 176 -11.92 6.23 13.67
C HIS E 176 -12.48 6.82 14.95
N TYR E 177 -11.64 6.82 15.99
CA TYR E 177 -12.03 7.19 17.35
C TYR E 177 -10.99 8.18 17.87
N ASP E 178 -11.36 9.46 17.92
CA ASP E 178 -10.40 10.53 18.13
C ASP E 178 -10.16 10.81 19.61
N ALA E 179 -8.93 11.22 19.92
CA ALA E 179 -8.55 11.65 21.25
C ALA E 179 -7.68 12.90 21.15
N GLU E 180 -7.81 13.77 22.14
CA GLU E 180 -6.94 14.93 22.29
C GLU E 180 -6.11 14.75 23.55
N VAL E 181 -4.79 14.89 23.41
CA VAL E 181 -3.85 14.57 24.47
C VAL E 181 -3.00 15.79 24.77
N LYS E 182 -2.93 16.16 26.05
CA LYS E 182 -2.01 17.18 26.51
C LYS E 182 -1.14 16.59 27.62
N THR E 183 0.16 16.86 27.54
CA THR E 183 1.13 16.32 28.48
C THR E 183 2.07 17.44 28.92
N THR E 184 2.47 17.41 30.18
CA THR E 184 3.48 18.31 30.71
C THR E 184 4.66 17.47 31.19
N TYR E 185 5.83 17.72 30.61
CA TYR E 185 7.06 17.05 31.01
C TYR E 185 7.90 18.02 31.83
N LYS E 186 8.30 17.60 33.03
CA LYS E 186 9.04 18.45 33.95
C LYS E 186 10.26 17.72 34.45
N ALA E 187 11.45 18.24 34.13
CA ALA E 187 12.68 17.68 34.65
C ALA E 187 12.75 17.89 36.16
N LYS E 188 13.26 16.87 36.87
CA LYS E 188 13.38 16.99 38.32
C LYS E 188 14.32 18.12 38.71
N LYS E 189 15.33 18.38 37.90
CA LYS E 189 16.25 19.49 38.08
C LYS E 189 16.23 20.38 36.84
N PRO E 190 16.41 21.69 37.00
CA PRO E 190 16.31 22.60 35.84
C PRO E 190 17.30 22.23 34.74
N VAL E 191 16.78 22.11 33.53
CA VAL E 191 17.55 21.74 32.35
C VAL E 191 17.07 22.61 31.19
N GLN E 192 18.00 22.92 30.28
CA GLN E 192 17.68 23.76 29.12
C GLN E 192 16.46 23.22 28.37
N LEU E 193 15.48 24.12 28.15
CA LEU E 193 14.29 23.82 27.38
C LEU E 193 14.53 24.11 25.91
N PRO E 194 13.86 23.37 25.02
CA PRO E 194 14.01 23.65 23.59
C PRO E 194 12.98 24.68 23.11
N GLY E 195 13.02 25.00 21.83
CA GLY E 195 11.97 25.78 21.21
C GLY E 195 10.79 24.90 20.83
N ALA E 196 9.97 25.42 19.93
CA ALA E 196 8.82 24.67 19.45
C ALA E 196 9.22 23.74 18.31
N TYR E 197 8.72 22.51 18.35
CA TYR E 197 9.01 21.52 17.32
C TYR E 197 7.95 20.43 17.39
N ASN E 198 8.06 19.47 16.47
CA ASN E 198 7.11 18.37 16.35
C ASN E 198 7.83 17.04 16.50
N VAL E 199 7.11 16.07 17.08
CA VAL E 199 7.61 14.70 17.23
C VAL E 199 6.64 13.77 16.52
N ASN E 200 7.12 13.08 15.49
CA ASN E 200 6.33 12.08 14.78
C ASN E 200 6.44 10.75 15.51
N ILE E 201 5.30 10.18 15.90
CA ILE E 201 5.25 8.96 16.70
C ILE E 201 4.52 7.89 15.92
N LYS E 202 5.09 6.68 15.92
CA LYS E 202 4.45 5.50 15.33
C LYS E 202 4.53 4.39 16.37
N LEU E 203 3.37 3.98 16.89
CA LEU E 203 3.28 3.00 17.96
C LEU E 203 2.55 1.77 17.45
N ASP E 204 3.22 0.61 17.53
CA ASP E 204 2.68 -0.64 17.01
C ASP E 204 2.55 -1.67 18.13
N ILE E 205 1.44 -2.40 18.12
CA ILE E 205 1.28 -3.60 18.93
C ILE E 205 1.85 -4.75 18.09
N THR E 206 3.07 -5.17 18.43
CA THR E 206 3.73 -6.19 17.62
C THR E 206 3.26 -7.60 17.93
N SER E 207 2.73 -7.84 19.13
CA SER E 207 2.18 -9.14 19.47
C SER E 207 1.34 -9.02 20.73
N HIS E 208 0.44 -9.98 20.90
CA HIS E 208 -0.39 -10.07 22.10
C HIS E 208 -1.04 -11.45 22.13
N ASN E 209 -1.19 -12.00 23.33
CA ASN E 209 -1.84 -13.29 23.48
C ASN E 209 -3.36 -13.09 23.43
N GLU E 210 -4.11 -14.13 23.80
CA GLU E 210 -5.55 -14.15 23.54
C GLU E 210 -6.28 -13.04 24.28
N ASP E 211 -5.99 -12.88 25.58
CA ASP E 211 -6.73 -11.95 26.41
C ASP E 211 -5.94 -10.69 26.74
N TYR E 212 -4.89 -10.39 25.95
CA TYR E 212 -4.07 -9.19 26.14
C TYR E 212 -3.47 -9.12 27.53
N THR E 213 -3.08 -10.27 28.08
CA THR E 213 -2.35 -10.29 29.34
C THR E 213 -0.85 -10.21 29.14
N ILE E 214 -0.36 -10.58 27.96
CA ILE E 214 1.03 -10.39 27.57
C ILE E 214 1.04 -9.65 26.24
N VAL E 215 1.62 -8.45 26.23
CA VAL E 215 1.54 -7.55 25.09
C VAL E 215 2.95 -7.04 24.77
N GLU E 216 3.26 -6.97 23.47
CA GLU E 216 4.54 -6.44 23.00
C GLU E 216 4.27 -5.21 22.14
N GLN E 217 5.07 -4.16 22.36
CA GLN E 217 4.91 -2.90 21.66
C GLN E 217 6.22 -2.47 21.05
N TYR E 218 6.13 -1.63 20.02
CA TYR E 218 7.29 -1.09 19.33
C TYR E 218 6.95 0.32 18.88
N GLU E 219 7.83 1.28 19.18
CA GLU E 219 7.57 2.68 18.91
C GLU E 219 8.77 3.33 18.24
N ARG E 220 8.49 4.19 17.26
CA ARG E 220 9.50 5.01 16.61
C ARG E 220 9.07 6.47 16.71
N ALA E 221 9.96 7.30 17.26
CA ALA E 221 9.66 8.72 17.43
C ALA E 221 10.88 9.55 17.05
N GLU E 222 10.65 10.63 16.33
CA GLU E 222 11.73 11.50 15.87
C GLU E 222 11.25 12.94 15.87
N GLY E 223 12.15 13.85 16.21
CA GLY E 223 11.83 15.26 16.22
C GLY E 223 12.15 15.94 14.91
N ARG E 224 11.40 17.00 14.61
CA ARG E 224 11.62 17.79 13.42
C ARG E 224 11.09 19.20 13.69
N HIS E 225 11.57 20.14 12.89
CA HIS E 225 11.16 21.54 13.04
C HIS E 225 9.82 21.77 12.37
N SER E 226 9.09 22.77 12.86
CA SER E 226 7.77 23.10 12.35
C SER E 226 7.83 23.59 10.90
N VAL F 5 -1.47 35.93 27.13
CA VAL F 5 -2.72 35.73 26.39
C VAL F 5 -3.72 36.82 26.74
N GLN F 6 -4.30 37.44 25.71
CA GLN F 6 -5.30 38.49 25.89
C GLN F 6 -6.49 38.19 24.98
N LEU F 7 -7.68 38.11 25.56
CA LEU F 7 -8.89 37.77 24.84
C LEU F 7 -9.65 39.04 24.50
N VAL F 8 -9.87 39.27 23.20
CA VAL F 8 -10.56 40.46 22.71
C VAL F 8 -11.82 39.99 21.99
N GLU F 9 -12.98 40.32 22.55
CA GLU F 9 -14.26 39.98 21.94
C GLU F 9 -14.71 41.07 20.97
N SER F 10 -15.74 40.75 20.19
CA SER F 10 -16.28 41.65 19.18
C SER F 10 -17.56 41.05 18.63
N GLY F 11 -18.40 41.91 18.06
CA GLY F 11 -19.55 41.47 17.31
C GLY F 11 -20.90 41.60 17.98
N GLY F 12 -20.98 42.27 19.13
CA GLY F 12 -22.23 42.44 19.83
C GLY F 12 -23.11 43.49 19.17
N GLY F 13 -24.02 44.04 19.97
CA GLY F 13 -24.90 45.10 19.54
C GLY F 13 -26.35 44.78 19.81
N LEU F 14 -27.22 45.61 19.26
CA LEU F 14 -28.66 45.45 19.40
C LEU F 14 -29.21 44.71 18.18
N VAL F 15 -30.03 43.69 18.44
CA VAL F 15 -30.64 42.88 17.38
C VAL F 15 -32.06 42.53 17.80
N GLN F 16 -32.91 42.27 16.82
CA GLN F 16 -34.29 41.89 17.08
C GLN F 16 -34.40 40.40 17.37
N ALA F 17 -35.50 40.01 17.99
CA ALA F 17 -35.73 38.61 18.31
C ALA F 17 -35.88 37.79 17.03
N GLY F 18 -35.17 36.67 16.97
CA GLY F 18 -35.16 35.83 15.79
C GLY F 18 -34.12 36.17 14.76
N ASP F 19 -33.28 37.19 15.00
CA ASP F 19 -32.26 37.57 14.04
C ASP F 19 -31.10 36.58 14.06
N SER F 20 -29.88 37.09 13.91
CA SER F 20 -28.69 36.26 14.00
C SER F 20 -27.49 37.14 14.29
N LEU F 21 -26.72 36.78 15.30
CA LEU F 21 -25.53 37.53 15.68
C LEU F 21 -24.39 36.58 15.96
N ARG F 22 -23.23 36.83 15.36
CA ARG F 22 -22.04 36.03 15.58
C ARG F 22 -21.08 36.80 16.49
N LEU F 23 -20.73 36.20 17.61
CA LEU F 23 -19.71 36.73 18.50
C LEU F 23 -18.37 36.06 18.21
N SER F 24 -17.30 36.83 18.36
CA SER F 24 -15.95 36.34 18.11
C SER F 24 -15.07 36.63 19.31
N CYS F 25 -14.24 35.65 19.68
CA CYS F 25 -13.29 35.79 20.78
C CYS F 25 -11.88 35.57 20.22
N ALA F 26 -11.12 36.65 20.12
CA ALA F 26 -9.78 36.61 19.54
C ALA F 26 -8.74 36.70 20.64
N ALA F 27 -7.75 35.82 20.59
CA ALA F 27 -6.64 35.81 21.53
C ALA F 27 -5.42 36.47 20.91
N SER F 28 -4.67 37.20 21.73
CA SER F 28 -3.47 37.88 21.26
C SER F 28 -2.21 37.26 21.84
N THR F 31 2.13 32.97 23.09
CA THR F 31 2.02 31.61 23.64
C THR F 31 1.88 30.57 22.52
N PHE F 32 2.49 29.41 22.72
CA PHE F 32 2.39 28.32 21.77
C PHE F 32 1.17 27.42 22.01
N GLU F 33 0.50 27.55 23.14
CA GLU F 33 -0.53 26.60 23.52
C GLU F 33 -1.85 26.91 22.84
N ASN F 34 -2.52 25.86 22.37
CA ASN F 34 -3.91 25.95 21.94
C ASN F 34 -4.81 25.80 23.17
N TYR F 35 -5.67 26.78 23.39
CA TYR F 35 -6.48 26.85 24.60
C TYR F 35 -7.91 26.41 24.32
N ALA F 36 -8.51 25.72 25.29
CA ALA F 36 -9.95 25.49 25.25
C ALA F 36 -10.69 26.77 25.62
N MET F 37 -11.80 27.02 24.95
CA MET F 37 -12.49 28.29 25.06
C MET F 37 -13.97 28.07 25.35
N GLY F 38 -14.50 28.81 26.32
CA GLY F 38 -15.90 28.71 26.67
C GLY F 38 -16.55 30.09 26.67
N TRP F 39 -17.87 30.09 26.64
CA TRP F 39 -18.66 31.31 26.58
C TRP F 39 -19.58 31.39 27.79
N PHE F 40 -19.69 32.59 28.34
CA PHE F 40 -20.54 32.86 29.49
C PHE F 40 -21.43 34.05 29.21
N ARG F 41 -22.40 34.28 30.08
CA ARG F 41 -23.27 35.44 29.97
C ARG F 41 -23.80 35.82 31.34
N GLN F 42 -24.00 37.12 31.54
CA GLN F 42 -24.35 37.66 32.85
C GLN F 42 -25.44 38.71 32.69
N ALA F 43 -26.53 38.55 33.45
CA ALA F 43 -27.62 39.50 33.43
C ALA F 43 -27.72 40.25 34.75
N GLU F 47 -24.84 36.60 38.33
CA GLU F 47 -23.57 35.89 38.16
C GLU F 47 -23.42 35.38 36.74
N ARG F 48 -22.17 35.26 36.28
CA ARG F 48 -21.89 34.80 34.92
C ARG F 48 -22.30 33.34 34.78
N GLU F 49 -23.25 33.08 33.89
CA GLU F 49 -23.77 31.75 33.65
C GLU F 49 -23.12 31.13 32.43
N PHE F 50 -23.00 29.81 32.44
CA PHE F 50 -22.31 29.07 31.38
C PHE F 50 -23.21 28.95 30.16
N VAL F 51 -22.65 29.25 28.98
CA VAL F 51 -23.35 29.13 27.71
C VAL F 51 -22.85 27.93 26.92
N GLY F 52 -21.54 27.82 26.73
CA GLY F 52 -20.98 26.71 25.99
C GLY F 52 -19.48 26.71 26.10
N ALA F 53 -18.86 25.73 25.44
CA ALA F 53 -17.41 25.59 25.45
C ALA F 53 -16.99 24.65 24.34
N VAL F 54 -15.73 24.77 23.94
CA VAL F 54 -15.14 23.90 22.92
C VAL F 54 -13.74 23.50 23.37
N SER F 55 -13.37 22.24 23.15
CA SER F 55 -12.08 21.73 23.55
C SER F 55 -10.96 22.47 22.81
N TRP F 56 -9.72 22.25 23.28
CA TRP F 56 -8.59 22.95 22.67
C TRP F 56 -8.34 22.49 21.24
N GLY F 57 -8.67 21.24 20.92
CA GLY F 57 -8.53 20.75 19.56
C GLY F 57 -9.79 20.83 18.73
N GLY F 58 -10.90 21.25 19.32
CA GLY F 58 -12.16 21.36 18.62
C GLY F 58 -12.94 20.07 18.49
N GLY F 59 -12.42 18.95 19.01
CA GLY F 59 -13.10 17.67 18.84
C GLY F 59 -14.33 17.51 19.70
N ARG F 60 -14.51 18.35 20.72
CA ARG F 60 -15.65 18.26 21.62
C ARG F 60 -16.22 19.64 21.85
N THR F 61 -17.55 19.73 21.86
CA THR F 61 -18.26 20.95 22.17
C THR F 61 -19.36 20.66 23.19
N TYR F 62 -19.62 21.65 24.04
CA TYR F 62 -20.60 21.51 25.10
C TYR F 62 -21.48 22.75 25.12
N TYR F 63 -22.75 22.55 25.47
CA TYR F 63 -23.73 23.63 25.43
C TYR F 63 -24.66 23.52 26.62
N ALA F 64 -25.01 24.66 27.21
CA ALA F 64 -26.08 24.70 28.19
C ALA F 64 -27.41 24.34 27.54
N ASP F 65 -28.33 23.81 28.35
CA ASP F 65 -29.58 23.30 27.80
C ASP F 65 -30.41 24.41 27.14
N ASN F 66 -30.39 25.61 27.72
CA ASN F 66 -31.22 26.69 27.20
C ASN F 66 -30.71 27.28 25.89
N VAL F 67 -29.60 26.80 25.35
CA VAL F 67 -29.07 27.28 24.08
C VAL F 67 -28.84 26.15 23.08
N LYS F 68 -29.13 24.91 23.43
CA LYS F 68 -28.91 23.79 22.51
C LYS F 68 -29.78 23.92 21.28
N GLY F 69 -29.17 23.76 20.11
CA GLY F 69 -29.86 23.86 18.84
C GLY F 69 -29.82 25.25 18.23
N ARG F 70 -29.81 26.29 19.05
CA ARG F 70 -29.79 27.66 18.55
C ARG F 70 -28.38 28.23 18.47
N PHE F 71 -27.53 27.91 19.45
CA PHE F 71 -26.18 28.45 19.52
C PHE F 71 -25.17 27.39 19.07
N THR F 72 -24.11 27.84 18.40
CA THR F 72 -23.08 26.94 17.90
C THR F 72 -21.72 27.59 18.11
N ILE F 73 -20.80 26.84 18.71
CA ILE F 73 -19.43 27.29 18.94
C ILE F 73 -18.51 26.55 17.99
N SER F 74 -17.50 27.24 17.47
CA SER F 74 -16.58 26.66 16.52
C SER F 74 -15.27 27.44 16.55
N ARG F 75 -14.18 26.72 16.31
CA ARG F 75 -12.85 27.34 16.25
C ARG F 75 -12.50 27.68 14.81
N ASP F 76 -11.88 28.84 14.62
CA ASP F 76 -11.33 29.18 13.31
C ASP F 76 -10.18 28.25 12.98
N ASN F 77 -10.13 27.79 11.73
CA ASN F 77 -9.08 26.85 11.33
C ASN F 77 -7.72 27.53 11.26
N ALA F 78 -7.66 28.73 10.69
CA ALA F 78 -6.38 29.39 10.46
C ALA F 78 -5.90 30.13 11.71
N LYS F 79 -6.67 31.12 12.16
CA LYS F 79 -6.24 31.95 13.28
C LYS F 79 -6.26 31.15 14.57
N LYS F 80 -5.13 31.13 15.27
CA LYS F 80 -5.01 30.34 16.49
C LYS F 80 -5.80 30.96 17.63
N ASN F 81 -6.43 30.10 18.43
CA ASN F 81 -7.12 30.50 19.66
C ASN F 81 -8.19 31.55 19.40
N THR F 82 -8.90 31.41 18.27
CA THR F 82 -10.00 32.29 17.92
C THR F 82 -11.24 31.44 17.68
N VAL F 83 -12.28 31.67 18.47
CA VAL F 83 -13.52 30.91 18.36
C VAL F 83 -14.68 31.85 18.12
N TYR F 84 -15.78 31.29 17.62
CA TYR F 84 -16.99 32.02 17.32
C TYR F 84 -18.16 31.41 18.08
N LEU F 85 -19.12 32.26 18.43
CA LEU F 85 -20.37 31.85 19.06
C LEU F 85 -21.49 32.29 18.13
N GLN F 86 -21.94 31.38 17.27
CA GLN F 86 -23.00 31.67 16.33
C GLN F 86 -24.35 31.57 17.05
N MET F 87 -25.08 32.68 17.09
CA MET F 87 -26.33 32.77 17.82
C MET F 87 -27.48 32.85 16.81
N ASN F 88 -28.44 31.93 16.93
CA ASN F 88 -29.60 31.89 16.05
C ASN F 88 -30.86 31.85 16.89
N SER F 89 -31.96 32.34 16.31
CA SER F 89 -33.28 32.35 16.95
C SER F 89 -33.21 33.01 18.33
N LEU F 90 -32.71 34.24 18.34
CA LEU F 90 -32.50 34.94 19.61
C LEU F 90 -33.82 35.24 20.30
N LYS F 91 -33.81 35.15 21.63
CA LYS F 91 -34.97 35.37 22.46
C LYS F 91 -34.69 36.47 23.48
N PRO F 92 -35.73 37.10 24.04
CA PRO F 92 -35.50 38.09 25.10
C PRO F 92 -34.75 37.54 26.30
N GLU F 93 -34.76 36.22 26.51
CA GLU F 93 -34.00 35.63 27.60
C GLU F 93 -32.50 35.56 27.31
N ASP F 94 -32.07 35.97 26.11
CA ASP F 94 -30.66 35.93 25.75
C ASP F 94 -29.93 37.23 26.02
N THR F 95 -30.65 38.31 26.35
CA THR F 95 -30.01 39.60 26.55
C THR F 95 -29.13 39.56 27.80
N ALA F 96 -27.83 39.74 27.61
CA ALA F 96 -26.86 39.74 28.70
C ALA F 96 -25.52 40.19 28.14
N VAL F 97 -24.57 40.42 29.04
CA VAL F 97 -23.19 40.65 28.65
C VAL F 97 -22.54 39.29 28.46
N TYR F 98 -21.95 39.07 27.29
CA TYR F 98 -21.38 37.78 26.93
C TYR F 98 -19.87 37.83 27.06
N TYR F 99 -19.32 36.91 27.87
CA TYR F 99 -17.89 36.81 28.10
C TYR F 99 -17.35 35.52 27.50
N CYS F 100 -16.19 35.61 26.87
CA CYS F 100 -15.42 34.44 26.49
C CYS F 100 -14.25 34.28 27.44
N ALA F 101 -13.77 33.05 27.58
CA ALA F 101 -12.67 32.76 28.49
C ALA F 101 -11.89 31.58 27.95
N ALA F 102 -10.66 31.43 28.45
CA ALA F 102 -9.76 30.39 27.98
C ALA F 102 -9.16 29.64 29.16
N LYS F 103 -8.87 28.36 28.92
CA LYS F 103 -8.20 27.51 29.90
C LYS F 103 -7.47 26.41 29.14
N SER F 104 -6.62 25.68 29.86
CA SER F 104 -5.76 24.69 29.21
C SER F 104 -6.57 23.53 28.65
N VAL F 105 -7.38 22.88 29.50
CA VAL F 105 -8.16 21.73 29.09
C VAL F 105 -9.56 21.83 29.69
N LEU F 106 -10.53 21.20 29.03
CA LEU F 106 -11.91 21.17 29.51
C LEU F 106 -12.15 19.93 30.35
N THR F 107 -12.69 20.12 31.54
CA THR F 107 -13.12 19.02 32.39
C THR F 107 -14.57 19.23 32.80
N ILE F 108 -15.26 18.13 33.10
CA ILE F 108 -16.67 18.21 33.48
C ILE F 108 -16.85 19.06 34.72
N ALA F 109 -15.84 19.10 35.60
CA ALA F 109 -15.96 19.78 36.89
C ALA F 109 -15.56 21.25 36.84
N THR F 110 -14.91 21.72 35.77
CA THR F 110 -14.43 23.08 35.70
C THR F 110 -15.03 23.91 34.57
N MET F 111 -15.44 23.27 33.47
CA MET F 111 -15.78 24.01 32.26
C MET F 111 -16.98 24.93 32.44
N ARG F 112 -17.85 24.66 33.40
CA ARG F 112 -19.01 25.50 33.64
C ARG F 112 -18.84 26.44 34.83
N VAL F 113 -17.68 26.41 35.48
CA VAL F 113 -17.40 27.26 36.64
C VAL F 113 -16.51 28.39 36.18
N PRO F 114 -16.92 29.66 36.34
CA PRO F 114 -16.08 30.77 35.84
C PRO F 114 -14.80 30.98 36.63
N ASP F 115 -14.75 30.53 37.89
CA ASP F 115 -13.55 30.74 38.69
C ASP F 115 -12.37 29.92 38.18
N GLU F 116 -12.64 28.80 37.52
CA GLU F 116 -11.56 27.94 37.03
C GLU F 116 -10.92 28.45 35.74
N TYR F 117 -11.45 29.53 35.16
CA TYR F 117 -10.86 30.11 33.97
C TYR F 117 -9.90 31.23 34.36
N ASN F 118 -8.77 31.29 33.67
CA ASN F 118 -7.67 32.20 34.00
C ASN F 118 -7.71 33.50 33.19
N TYR F 119 -7.70 33.41 31.87
CA TYR F 119 -7.81 34.60 31.04
C TYR F 119 -9.25 34.79 30.62
N TRP F 120 -9.68 36.06 30.59
CA TRP F 120 -11.05 36.42 30.26
C TRP F 120 -11.05 37.56 29.26
N GLY F 121 -12.16 37.67 28.52
CA GLY F 121 -12.37 38.79 27.64
C GLY F 121 -13.11 39.93 28.32
N GLN F 122 -13.05 41.10 27.68
CA GLN F 122 -13.66 42.28 28.29
C GLN F 122 -15.18 42.18 28.35
N GLY F 123 -15.80 41.52 27.38
CA GLY F 123 -17.23 41.31 27.40
C GLY F 123 -18.01 42.27 26.53
N THR F 124 -18.84 41.73 25.64
CA THR F 124 -19.64 42.52 24.72
C THR F 124 -21.12 42.41 25.10
N GLN F 125 -21.86 43.48 24.84
CA GLN F 125 -23.28 43.55 25.19
C GLN F 125 -24.13 43.07 24.01
N VAL F 126 -25.10 42.22 24.32
CA VAL F 126 -26.04 41.70 23.33
C VAL F 126 -27.44 41.96 23.87
N THR F 127 -28.17 42.87 23.23
CA THR F 127 -29.52 43.22 23.63
C THR F 127 -30.49 42.76 22.55
N VAL F 128 -31.42 41.88 22.93
CA VAL F 128 -32.46 41.38 22.04
C VAL F 128 -33.72 42.18 22.33
N SER F 129 -34.02 43.13 21.46
CA SER F 129 -35.23 43.94 21.60
C SER F 129 -36.44 43.17 21.07
N ALA G 12 -38.67 11.68 21.95
CA ALA G 12 -38.74 13.08 21.57
C ALA G 12 -37.84 13.36 20.36
N ILE G 13 -36.97 12.40 20.05
CA ILE G 13 -36.12 12.54 18.87
C ILE G 13 -36.89 12.14 17.61
N ILE G 14 -37.40 10.92 17.57
CA ILE G 14 -38.24 10.43 16.48
C ILE G 14 -39.68 10.61 16.92
N LYS G 15 -40.32 11.66 16.43
CA LYS G 15 -41.69 11.94 16.80
C LYS G 15 -42.66 11.09 15.99
N GLU G 16 -43.93 11.14 16.41
CA GLU G 16 -44.98 10.34 15.80
C GLU G 16 -45.26 10.78 14.37
N PHE G 17 -44.90 12.01 14.03
CA PHE G 17 -44.95 12.55 12.67
C PHE G 17 -43.59 13.16 12.37
N MET G 18 -43.00 12.77 11.24
CA MET G 18 -41.66 13.20 10.87
C MET G 18 -41.60 13.46 9.38
N ARG G 19 -41.08 14.62 9.00
CA ARG G 19 -40.82 14.92 7.60
C ARG G 19 -39.40 14.49 7.23
N PHE G 20 -39.15 14.38 5.93
CA PHE G 20 -37.81 14.14 5.43
C PHE G 20 -37.60 14.86 4.11
N LYS G 21 -36.35 15.20 3.83
CA LYS G 21 -35.91 15.67 2.53
C LYS G 21 -34.91 14.67 1.97
N VAL G 22 -34.96 14.45 0.66
CA VAL G 22 -34.09 13.47 0.02
C VAL G 22 -33.52 14.07 -1.26
N HIS G 23 -32.23 13.85 -1.47
CA HIS G 23 -31.56 14.19 -2.72
C HIS G 23 -30.91 12.91 -3.25
N MET G 24 -31.12 12.64 -4.54
CA MET G 24 -30.49 11.51 -5.20
C MET G 24 -29.63 12.00 -6.35
N GLU G 25 -28.40 11.51 -6.41
CA GLU G 25 -27.53 11.67 -7.57
C GLU G 25 -27.33 10.29 -8.17
N GLY G 26 -27.75 10.12 -9.42
CA GLY G 26 -27.79 8.80 -10.01
C GLY G 26 -27.26 8.78 -11.43
N SER G 27 -26.96 7.56 -11.88
CA SER G 27 -26.60 7.28 -13.26
C SER G 27 -27.10 5.88 -13.60
N VAL G 28 -27.85 5.76 -14.69
CA VAL G 28 -28.39 4.48 -15.14
C VAL G 28 -27.99 4.30 -16.59
N ASN G 29 -27.16 3.29 -16.86
CA ASN G 29 -26.67 2.99 -18.21
C ASN G 29 -26.01 4.22 -18.84
N GLY G 30 -25.26 4.96 -18.03
CA GLY G 30 -24.57 6.14 -18.50
C GLY G 30 -25.37 7.42 -18.51
N HIS G 31 -26.66 7.36 -18.17
CA HIS G 31 -27.51 8.55 -18.15
C HIS G 31 -27.52 9.14 -16.75
N GLU G 32 -26.90 10.30 -16.59
CA GLU G 32 -26.84 10.96 -15.30
C GLU G 32 -28.13 11.73 -15.03
N PHE G 33 -28.49 11.82 -13.76
CA PHE G 33 -29.69 12.54 -13.34
C PHE G 33 -29.57 12.88 -11.87
N GLU G 34 -30.39 13.84 -11.46
CA GLU G 34 -30.51 14.22 -10.05
C GLU G 34 -31.98 14.36 -9.70
N ILE G 35 -32.33 13.98 -8.48
CA ILE G 35 -33.72 14.02 -8.01
C ILE G 35 -33.75 14.65 -6.63
N GLU G 36 -34.65 15.61 -6.44
CA GLU G 36 -34.91 16.21 -5.15
C GLU G 36 -36.32 15.83 -4.70
N GLY G 37 -36.47 15.53 -3.41
CA GLY G 37 -37.75 15.11 -2.90
C GLY G 37 -37.99 15.62 -1.49
N GLU G 38 -39.27 15.68 -1.14
CA GLU G 38 -39.72 16.02 0.20
C GLU G 38 -40.78 15.02 0.60
N GLY G 39 -40.74 14.58 1.87
CA GLY G 39 -41.66 13.56 2.32
C GLY G 39 -42.08 13.77 3.75
N GLU G 40 -43.08 12.98 4.15
CA GLU G 40 -43.55 12.96 5.52
C GLU G 40 -44.18 11.60 5.79
N GLY G 41 -44.28 11.28 7.07
CA GLY G 41 -44.88 10.01 7.44
C GLY G 41 -45.01 9.89 8.94
N ARG G 42 -45.42 8.71 9.37
CA ARG G 42 -45.58 8.41 10.79
C ARG G 42 -44.71 7.20 11.10
N PRO G 43 -43.51 7.41 11.68
CA PRO G 43 -42.52 6.33 11.70
C PRO G 43 -42.91 5.12 12.52
N TYR G 44 -43.72 5.30 13.57
CA TYR G 44 -44.13 4.16 14.38
C TYR G 44 -45.31 3.42 13.79
N GLU G 45 -46.09 4.05 12.92
CA GLU G 45 -47.15 3.38 12.19
C GLU G 45 -46.67 2.75 10.89
N GLY G 46 -45.44 3.04 10.47
CA GLY G 46 -44.88 2.40 9.30
C GLY G 46 -45.35 2.95 7.98
N THR G 47 -45.88 4.16 7.94
CA THR G 47 -46.43 4.75 6.73
C THR G 47 -45.68 6.03 6.38
N GLN G 48 -45.56 6.29 5.09
CA GLN G 48 -44.88 7.49 4.62
C GLN G 48 -45.29 7.80 3.20
N THR G 49 -45.18 9.08 2.84
CA THR G 49 -45.42 9.55 1.49
C THR G 49 -44.28 10.47 1.08
N ALA G 50 -44.15 10.68 -0.23
CA ALA G 50 -43.11 11.58 -0.73
C ALA G 50 -43.49 12.03 -2.13
N LYS G 51 -43.00 13.22 -2.47
CA LYS G 51 -43.10 13.77 -3.82
C LYS G 51 -41.69 13.97 -4.35
N LEU G 52 -41.35 13.27 -5.43
CA LEU G 52 -40.02 13.33 -6.02
C LEU G 52 -40.06 14.15 -7.30
N LYS G 53 -39.01 14.93 -7.53
CA LYS G 53 -38.89 15.77 -8.71
C LYS G 53 -37.53 15.57 -9.35
N VAL G 54 -37.51 15.25 -10.62
CA VAL G 54 -36.26 15.14 -11.38
C VAL G 54 -35.78 16.56 -11.69
N THR G 55 -34.66 16.96 -11.08
CA THR G 55 -34.14 18.31 -11.24
C THR G 55 -33.04 18.41 -12.28
N LYS G 56 -32.48 17.30 -12.74
CA LYS G 56 -31.44 17.31 -13.75
C LYS G 56 -31.50 16.00 -14.53
N GLY G 57 -31.37 16.10 -15.85
CA GLY G 57 -31.37 14.92 -16.69
C GLY G 57 -32.73 14.36 -17.02
N GLY G 58 -33.79 15.15 -16.86
CA GLY G 58 -35.12 14.70 -17.19
C GLY G 58 -35.47 14.98 -18.64
N PRO G 59 -36.39 14.18 -19.21
CA PRO G 59 -37.07 13.03 -18.61
C PRO G 59 -36.18 11.79 -18.57
N LEU G 60 -36.35 10.92 -17.59
CA LEU G 60 -35.53 9.72 -17.49
C LEU G 60 -35.92 8.74 -18.59
N PRO G 61 -34.97 8.17 -19.32
CA PRO G 61 -35.31 7.20 -20.36
C PRO G 61 -35.57 5.80 -19.86
N PHE G 62 -35.45 5.55 -18.56
CA PHE G 62 -35.66 4.23 -17.97
C PHE G 62 -36.88 4.25 -17.07
N ALA G 63 -37.23 3.05 -16.57
CA ALA G 63 -38.42 2.90 -15.75
C ALA G 63 -38.18 3.45 -14.35
N TRP G 64 -39.14 4.24 -13.86
CA TRP G 64 -39.02 4.83 -12.53
C TRP G 64 -38.92 3.77 -11.44
N ASP G 65 -39.43 2.57 -11.70
CA ASP G 65 -39.59 1.58 -10.64
C ASP G 65 -38.25 1.17 -10.03
N ILE G 66 -37.17 1.20 -10.81
CA ILE G 66 -35.87 0.84 -10.24
C ILE G 66 -35.38 1.88 -9.24
N LEU G 67 -35.96 3.09 -9.26
CA LEU G 67 -35.59 4.13 -8.32
C LEU G 67 -36.50 4.17 -7.09
N SER G 68 -37.75 3.75 -7.23
CA SER G 68 -38.72 3.94 -6.16
C SER G 68 -38.30 3.37 -4.80
N PRO G 69 -37.68 2.19 -4.70
CA PRO G 69 -37.31 1.70 -3.37
C PRO G 69 -36.06 2.34 -2.78
N GLN G 70 -35.47 3.36 -3.41
CA GLN G 70 -34.30 4.01 -2.86
C GLN G 70 -34.60 5.33 -2.15
N PHE G 71 -35.86 5.78 -2.18
CA PHE G 71 -36.22 7.05 -1.57
C PHE G 71 -36.71 6.90 -0.13
N1 CH6 G 72 -36.91 5.49 -0.27
CE CH6 G 72 -41.66 7.50 0.18
SD CH6 G 72 -41.76 5.73 -0.22
CG1 CH6 G 72 -40.38 4.85 0.61
CB1 CH6 G 72 -39.19 4.70 -0.36
CA1 CH6 G 72 -37.88 4.70 0.43
C1 CH6 G 72 -37.39 3.25 0.63
N2 CH6 G 72 -38.27 2.18 0.42
CB2 CH6 G 72 -38.03 -0.26 0.60
CA2 CH6 G 72 -37.55 0.97 0.70
C2 CH6 G 72 -36.08 1.36 1.13
O2 CH6 G 72 -35.18 0.63 1.43
N3 CH6 G 72 -36.08 2.86 1.07
CA3 CH6 G 72 -34.90 3.69 1.36
C3 CH6 G 72 -35.16 4.75 2.46
O3 CH6 G 72 -34.29 5.62 2.69
N SER G 73 -36.15 4.15 3.29
CA SER G 73 -36.51 5.02 4.39
C SER G 73 -37.03 4.18 5.54
N LYS G 74 -36.19 3.28 6.01
CA LYS G 74 -36.61 2.23 6.93
C LYS G 74 -36.72 2.70 8.38
N ALA G 75 -36.62 4.00 8.65
CA ALA G 75 -37.05 4.49 9.95
C ALA G 75 -38.56 4.49 10.07
N TYR G 76 -39.27 4.49 8.94
CA TYR G 76 -40.74 4.45 8.92
C TYR G 76 -41.21 3.00 8.80
N VAL G 77 -40.84 2.18 9.78
CA VAL G 77 -41.24 0.79 9.83
C VAL G 77 -41.89 0.52 11.19
N LYS G 78 -43.09 -0.05 11.16
CA LYS G 78 -43.78 -0.42 12.39
C LYS G 78 -43.11 -1.64 13.01
N HIS G 79 -42.83 -1.56 14.31
CA HIS G 79 -42.14 -2.64 15.00
C HIS G 79 -42.92 -3.05 16.25
N PRO G 80 -43.05 -4.35 16.50
CA PRO G 80 -43.57 -4.79 17.79
C PRO G 80 -42.63 -4.38 18.92
N ALA G 81 -43.07 -4.65 20.16
CA ALA G 81 -42.30 -4.21 21.31
C ALA G 81 -41.01 -5.00 21.45
N ASP G 82 -41.05 -6.30 21.18
CA ASP G 82 -39.90 -7.17 21.41
C ASP G 82 -38.89 -7.17 20.27
N ILE G 83 -38.99 -6.24 19.33
CA ILE G 83 -38.01 -6.14 18.26
C ILE G 83 -37.29 -4.80 18.37
N PRO G 84 -36.04 -4.77 18.83
CA PRO G 84 -35.32 -3.50 18.97
C PRO G 84 -35.21 -2.79 17.62
N ASP G 85 -35.69 -1.56 17.57
CA ASP G 85 -35.69 -0.77 16.35
C ASP G 85 -34.30 -0.16 16.18
N TYR G 86 -33.42 -0.93 15.55
CA TYR G 86 -32.02 -0.54 15.38
C TYR G 86 -31.88 0.80 14.68
N LEU G 87 -32.67 1.03 13.63
CA LEU G 87 -32.50 2.23 12.83
C LEU G 87 -33.05 3.47 13.52
N LYS G 88 -34.16 3.34 14.24
CA LYS G 88 -34.70 4.48 14.97
C LYS G 88 -33.76 4.90 16.10
N LEU G 89 -33.19 3.92 16.82
CA LEU G 89 -32.29 4.22 17.91
C LEU G 89 -31.01 4.91 17.44
N SER G 90 -30.65 4.78 16.16
CA SER G 90 -29.42 5.35 15.65
C SER G 90 -29.44 6.87 15.60
N PHE G 91 -30.57 7.50 15.80
CA PHE G 91 -30.70 8.94 15.67
C PHE G 91 -30.49 9.62 17.02
N PRO G 92 -30.16 10.92 17.03
CA PRO G 92 -30.09 11.89 15.92
C PRO G 92 -28.89 11.73 14.99
N GLU G 93 -27.88 10.93 15.35
CA GLU G 93 -26.72 10.78 14.47
C GLU G 93 -27.10 10.14 13.15
N GLY G 94 -27.92 9.12 13.17
CA GLY G 94 -28.42 8.49 11.95
C GLY G 94 -27.69 7.21 11.61
N PHE G 95 -27.82 6.83 10.34
CA PHE G 95 -27.24 5.59 9.84
C PHE G 95 -26.97 5.71 8.35
N LYS G 96 -26.24 4.73 7.82
CA LYS G 96 -25.99 4.60 6.40
C LYS G 96 -26.42 3.22 5.95
N TRP G 97 -26.80 3.09 4.68
CA TRP G 97 -27.09 1.78 4.13
C TRP G 97 -26.54 1.68 2.71
N GLU G 98 -26.13 0.46 2.36
CA GLU G 98 -25.60 0.14 1.04
C GLU G 98 -26.36 -1.05 0.49
N ARG G 99 -26.65 -1.02 -0.82
CA ARG G 99 -27.56 -1.98 -1.42
C ARG G 99 -27.06 -2.39 -2.80
N VAL G 100 -27.25 -3.67 -3.13
CA VAL G 100 -27.02 -4.19 -4.47
C VAL G 100 -28.31 -4.84 -4.93
N MET G 101 -28.82 -4.41 -6.09
CA MET G 101 -30.02 -4.96 -6.69
C MET G 101 -29.65 -5.66 -7.99
N ASN G 102 -29.73 -6.98 -8.00
CA ASN G 102 -29.40 -7.79 -9.16
C ASN G 102 -30.69 -8.26 -9.82
N PHE G 103 -30.91 -7.85 -11.06
CA PHE G 103 -32.09 -8.24 -11.81
C PHE G 103 -31.83 -9.52 -12.59
N GLU G 104 -32.91 -10.14 -13.07
CA GLU G 104 -32.82 -11.45 -13.70
C GLU G 104 -32.12 -11.43 -15.05
N ASP G 105 -32.09 -10.28 -15.74
CA ASP G 105 -31.48 -10.17 -17.05
C ASP G 105 -30.11 -9.51 -17.02
N GLY G 106 -29.45 -9.51 -15.85
CA GLY G 106 -28.14 -8.91 -15.72
C GLY G 106 -28.14 -7.47 -15.27
N GLY G 107 -29.29 -6.82 -15.22
CA GLY G 107 -29.33 -5.45 -14.73
C GLY G 107 -28.86 -5.39 -13.29
N VAL G 108 -28.10 -4.33 -12.98
CA VAL G 108 -27.49 -4.17 -11.66
C VAL G 108 -27.71 -2.73 -11.21
N VAL G 109 -28.17 -2.56 -9.98
CA VAL G 109 -28.29 -1.26 -9.35
C VAL G 109 -27.60 -1.34 -7.99
N THR G 110 -26.69 -0.40 -7.72
CA THR G 110 -26.06 -0.27 -6.42
C THR G 110 -26.37 1.11 -5.86
N VAL G 111 -26.63 1.15 -4.56
CA VAL G 111 -27.07 2.38 -3.89
C VAL G 111 -26.29 2.52 -2.60
N THR G 112 -25.81 3.74 -2.34
CA THR G 112 -25.31 4.13 -1.03
C THR G 112 -26.14 5.31 -0.54
N GLN G 113 -26.36 5.35 0.77
CA GLN G 113 -27.25 6.37 1.31
C GLN G 113 -26.79 6.79 2.70
N ASP G 114 -26.98 8.07 3.00
CA ASP G 114 -26.68 8.65 4.30
C ASP G 114 -27.95 9.25 4.87
N SER G 115 -28.32 8.82 6.08
CA SER G 115 -29.53 9.29 6.74
C SER G 115 -29.17 10.00 8.03
N SER G 116 -29.73 11.20 8.23
CA SER G 116 -29.40 12.02 9.38
C SER G 116 -30.59 12.88 9.76
N LEU G 117 -30.50 13.51 10.93
CA LEU G 117 -31.55 14.34 11.49
C LEU G 117 -31.03 15.77 11.60
N GLN G 118 -31.70 16.70 10.93
CA GLN G 118 -31.31 18.11 10.95
C GLN G 118 -32.57 18.95 11.06
N ASP G 119 -32.63 19.79 12.10
CA ASP G 119 -33.77 20.68 12.33
C ASP G 119 -35.08 19.91 12.44
N GLY G 120 -35.05 18.80 13.15
CA GLY G 120 -36.23 18.00 13.43
C GLY G 120 -36.75 17.18 12.27
N GLU G 121 -36.04 17.12 11.14
CA GLU G 121 -36.50 16.37 9.99
C GLU G 121 -35.36 15.50 9.45
N PHE G 122 -35.73 14.36 8.88
CA PHE G 122 -34.74 13.45 8.32
C PHE G 122 -34.12 14.04 7.06
N ILE G 123 -32.84 13.76 6.87
CA ILE G 123 -32.12 14.18 5.66
C ILE G 123 -31.55 12.93 5.01
N TYR G 124 -31.92 12.71 3.74
CA TYR G 124 -31.50 11.55 2.98
C TYR G 124 -30.63 12.00 1.82
N LYS G 125 -29.45 11.40 1.68
CA LYS G 125 -28.55 11.65 0.57
C LYS G 125 -28.27 10.32 -0.12
N VAL G 126 -28.65 10.21 -1.39
CA VAL G 126 -28.65 8.93 -2.10
C VAL G 126 -27.75 9.04 -3.32
N LYS G 127 -26.88 8.05 -3.49
CA LYS G 127 -26.07 7.89 -4.69
C LYS G 127 -26.38 6.54 -5.32
N LEU G 128 -26.74 6.55 -6.59
CA LEU G 128 -27.20 5.35 -7.27
C LEU G 128 -26.48 5.18 -8.60
N ARG G 129 -26.12 3.93 -8.90
CA ARG G 129 -25.52 3.59 -10.19
C ARG G 129 -26.21 2.35 -10.73
N GLY G 130 -26.82 2.48 -11.92
CA GLY G 130 -27.41 1.35 -12.60
C GLY G 130 -26.72 1.09 -13.92
N THR G 131 -26.39 -0.17 -14.20
CA THR G 131 -25.67 -0.52 -15.41
C THR G 131 -26.19 -1.85 -15.96
N ASN G 132 -25.75 -2.16 -17.17
CA ASN G 132 -25.94 -3.47 -17.80
C ASN G 132 -27.42 -3.82 -18.01
N PHE G 133 -28.28 -2.83 -18.08
CA PHE G 133 -29.68 -3.08 -18.43
C PHE G 133 -29.79 -3.23 -19.95
N PRO G 134 -30.31 -4.33 -20.45
CA PRO G 134 -30.42 -4.50 -21.92
C PRO G 134 -31.26 -3.40 -22.54
N SER G 135 -30.82 -2.94 -23.71
CA SER G 135 -31.48 -1.82 -24.38
C SER G 135 -32.91 -2.15 -24.81
N ASP G 136 -33.24 -3.43 -24.96
CA ASP G 136 -34.60 -3.86 -25.27
C ASP G 136 -35.31 -4.46 -24.07
N GLY G 137 -34.72 -4.36 -22.88
CA GLY G 137 -35.34 -4.86 -21.68
C GLY G 137 -36.44 -3.96 -21.18
N PRO G 138 -37.18 -4.45 -20.19
CA PRO G 138 -38.32 -3.67 -19.68
C PRO G 138 -37.91 -2.38 -18.98
N VAL G 139 -36.78 -2.36 -18.28
CA VAL G 139 -36.35 -1.15 -17.58
C VAL G 139 -36.02 -0.05 -18.59
N MET G 140 -35.18 -0.38 -19.58
CA MET G 140 -34.78 0.63 -20.57
C MET G 140 -35.94 1.05 -21.46
N GLN G 141 -36.90 0.15 -21.69
CA GLN G 141 -38.02 0.44 -22.58
C GLN G 141 -39.27 0.90 -21.85
N LYS G 142 -39.20 1.05 -20.52
CA LYS G 142 -40.32 1.53 -19.71
C LYS G 142 -41.55 0.62 -19.88
N LYS G 143 -41.37 -0.64 -19.48
CA LYS G 143 -42.41 -1.65 -19.64
C LYS G 143 -42.84 -2.25 -18.29
N THR G 144 -42.49 -1.60 -17.19
CA THR G 144 -42.85 -2.06 -15.85
C THR G 144 -44.00 -1.23 -15.29
N MET G 145 -44.67 -1.77 -14.28
CA MET G 145 -45.75 -1.03 -13.64
C MET G 145 -45.88 -1.45 -12.17
N GLY G 146 -44.89 -1.10 -11.38
CA GLY G 146 -45.03 -1.17 -9.94
C GLY G 146 -44.45 -2.44 -9.34
N TRP G 147 -43.99 -2.32 -8.10
CA TRP G 147 -43.48 -3.47 -7.36
C TRP G 147 -44.61 -4.22 -6.69
N GLU G 148 -44.47 -5.54 -6.60
CA GLU G 148 -45.37 -6.33 -5.79
C GLU G 148 -44.94 -6.28 -4.33
N ALA G 149 -45.91 -6.50 -3.45
CA ALA G 149 -45.61 -6.54 -2.02
C ALA G 149 -44.49 -7.53 -1.76
N SER G 150 -43.53 -7.09 -0.95
CA SER G 150 -42.32 -7.87 -0.69
C SER G 150 -42.17 -8.12 0.81
N SER G 151 -41.31 -9.07 1.13
CA SER G 151 -40.97 -9.37 2.52
C SER G 151 -39.45 -9.36 2.64
N GLU G 152 -38.92 -8.41 3.40
CA GLU G 152 -37.48 -8.29 3.62
C GLU G 152 -37.10 -9.12 4.83
N ARG G 153 -36.24 -10.12 4.62
CA ARG G 153 -35.72 -10.93 5.72
C ARG G 153 -34.54 -10.18 6.35
N MET G 154 -34.72 -9.71 7.57
CA MET G 154 -33.70 -8.94 8.27
C MET G 154 -33.02 -9.79 9.34
N TYR G 155 -31.73 -9.52 9.55
CA TYR G 155 -30.95 -10.28 10.51
C TYR G 155 -29.67 -9.51 10.82
N PRO G 156 -29.08 -9.69 11.99
CA PRO G 156 -27.80 -9.05 12.29
C PRO G 156 -26.62 -9.86 11.80
N GLU G 157 -25.55 -9.15 11.48
CA GLU G 157 -24.29 -9.77 11.06
C GLU G 157 -23.15 -8.77 11.03
N ASP G 158 -22.05 -9.10 11.70
CA ASP G 158 -20.82 -8.29 11.67
C ASP G 158 -21.08 -6.87 12.19
N GLY G 159 -21.88 -6.76 13.24
CA GLY G 159 -22.14 -5.48 13.87
C GLY G 159 -23.11 -4.58 13.15
N ALA G 160 -23.74 -5.06 12.08
CA ALA G 160 -24.67 -4.27 11.29
C ALA G 160 -25.97 -5.05 11.09
N LEU G 161 -26.95 -4.40 10.48
CA LEU G 161 -28.24 -4.99 10.15
C LEU G 161 -28.29 -5.25 8.65
N LYS G 162 -28.64 -6.47 8.27
CA LYS G 162 -28.68 -6.86 6.86
C LYS G 162 -30.10 -7.28 6.47
N GLY G 163 -30.41 -7.08 5.20
CA GLY G 163 -31.71 -7.47 4.67
C GLY G 163 -31.62 -8.13 3.31
N GLU G 164 -32.41 -9.16 3.08
CA GLU G 164 -32.50 -9.83 1.79
C GLU G 164 -33.94 -9.76 1.30
N ILE G 165 -34.12 -9.41 0.03
CA ILE G 165 -35.44 -9.36 -0.59
C ILE G 165 -35.37 -10.02 -1.95
N LYS G 166 -36.38 -10.83 -2.26
CA LYS G 166 -36.60 -11.33 -3.62
C LYS G 166 -37.80 -10.55 -4.15
N GLN G 167 -37.51 -9.46 -4.86
CA GLN G 167 -38.52 -8.52 -5.31
C GLN G 167 -38.96 -8.84 -6.72
N ARG G 168 -40.22 -8.52 -7.02
CA ARG G 168 -40.82 -8.81 -8.32
C ARG G 168 -41.45 -7.54 -8.87
N LEU G 169 -41.04 -7.16 -10.08
CA LEU G 169 -41.60 -6.02 -10.78
C LEU G 169 -42.66 -6.50 -11.77
N LYS G 170 -43.83 -5.88 -11.73
CA LYS G 170 -44.90 -6.22 -12.65
C LYS G 170 -44.63 -5.62 -14.03
N LEU G 171 -44.88 -6.40 -15.07
CA LEU G 171 -44.68 -5.97 -16.45
C LEU G 171 -46.01 -5.55 -17.07
N LYS G 172 -45.96 -4.50 -17.90
CA LYS G 172 -47.15 -4.04 -18.59
C LYS G 172 -47.77 -5.14 -19.44
N ASP G 173 -46.94 -6.01 -20.02
CA ASP G 173 -47.46 -7.11 -20.84
C ASP G 173 -48.29 -8.06 -20.00
N GLY G 174 -47.76 -8.48 -18.86
CA GLY G 174 -48.50 -9.36 -17.96
C GLY G 174 -47.61 -10.23 -17.09
N GLY G 175 -46.32 -10.28 -17.42
CA GLY G 175 -45.38 -11.13 -16.72
C GLY G 175 -44.79 -10.46 -15.49
N HIS G 176 -43.68 -11.03 -15.03
CA HIS G 176 -42.97 -10.58 -13.83
C HIS G 176 -41.49 -10.44 -14.13
N TYR G 177 -40.89 -9.41 -13.56
CA TYR G 177 -39.47 -9.12 -13.72
C TYR G 177 -38.83 -9.16 -12.34
N ASP G 178 -37.99 -10.17 -12.11
CA ASP G 178 -37.52 -10.49 -10.77
C ASP G 178 -36.18 -9.82 -10.47
N ALA G 179 -35.92 -9.63 -9.18
CA ALA G 179 -34.69 -9.02 -8.71
C ALA G 179 -34.37 -9.56 -7.32
N GLU G 180 -33.08 -9.65 -7.01
CA GLU G 180 -32.60 -10.07 -5.71
C GLU G 180 -31.86 -8.90 -5.08
N VAL G 181 -32.28 -8.51 -3.87
CA VAL G 181 -31.81 -7.31 -3.22
C VAL G 181 -31.14 -7.69 -1.90
N LYS G 182 -29.95 -7.14 -1.67
CA LYS G 182 -29.26 -7.27 -0.39
C LYS G 182 -28.83 -5.90 0.08
N THR G 183 -29.15 -5.57 1.33
CA THR G 183 -28.87 -4.26 1.90
C THR G 183 -28.19 -4.45 3.24
N THR G 184 -27.25 -3.54 3.55
CA THR G 184 -26.57 -3.53 4.84
C THR G 184 -26.85 -2.18 5.50
N TYR G 185 -27.44 -2.22 6.69
CA TYR G 185 -27.75 -1.01 7.45
C TYR G 185 -26.81 -0.91 8.63
N LYS G 186 -26.13 0.23 8.76
CA LYS G 186 -25.13 0.43 9.80
C LYS G 186 -25.37 1.77 10.47
N ALA G 187 -25.61 1.74 11.78
CA ALA G 187 -25.71 2.97 12.55
C ALA G 187 -24.35 3.64 12.67
N LYS G 188 -24.36 4.98 12.72
CA LYS G 188 -23.12 5.71 12.90
C LYS G 188 -22.54 5.48 14.28
N LYS G 189 -23.40 5.47 15.30
CA LYS G 189 -23.03 5.11 16.67
C LYS G 189 -23.57 3.72 17.00
N PRO G 190 -22.77 2.89 17.67
CA PRO G 190 -23.21 1.51 17.94
C PRO G 190 -24.44 1.48 18.84
N VAL G 191 -25.49 0.81 18.37
CA VAL G 191 -26.73 0.66 19.12
C VAL G 191 -27.11 -0.81 19.13
N GLN G 192 -28.14 -1.13 19.91
CA GLN G 192 -28.55 -2.51 20.11
C GLN G 192 -29.11 -3.10 18.82
N LEU G 193 -28.50 -4.20 18.36
CA LEU G 193 -28.95 -4.92 17.19
C LEU G 193 -30.11 -5.85 17.53
N PRO G 194 -31.05 -6.05 16.61
CA PRO G 194 -32.16 -6.96 16.88
C PRO G 194 -31.85 -8.38 16.43
N GLY G 195 -32.75 -9.31 16.71
CA GLY G 195 -32.68 -10.64 16.16
C GLY G 195 -33.17 -10.65 14.72
N ALA G 196 -33.30 -11.86 14.18
CA ALA G 196 -33.83 -12.01 12.83
C ALA G 196 -35.34 -11.86 12.84
N TYR G 197 -35.85 -11.13 11.85
CA TYR G 197 -37.29 -10.91 11.71
C TYR G 197 -37.56 -10.52 10.25
N ASN G 198 -38.84 -10.38 9.92
CA ASN G 198 -39.26 -10.03 8.58
C ASN G 198 -39.92 -8.65 8.57
N VAL G 199 -39.84 -7.99 7.42
CA VAL G 199 -40.49 -6.70 7.20
C VAL G 199 -41.32 -6.80 5.94
N ASN G 200 -42.65 -6.68 6.08
CA ASN G 200 -43.54 -6.66 4.93
C ASN G 200 -43.62 -5.23 4.39
N ILE G 201 -43.42 -5.08 3.09
CA ILE G 201 -43.34 -3.76 2.45
C ILE G 201 -44.30 -3.72 1.28
N LYS G 202 -45.11 -2.66 1.21
CA LYS G 202 -45.93 -2.37 0.05
C LYS G 202 -45.58 -0.96 -0.42
N LEU G 203 -45.10 -0.85 -1.65
CA LEU G 203 -44.65 0.41 -2.22
C LEU G 203 -45.52 0.73 -3.43
N ASP G 204 -46.16 1.91 -3.41
CA ASP G 204 -47.12 2.30 -4.44
C ASP G 204 -46.74 3.64 -5.04
N ILE G 205 -46.82 3.71 -6.37
CA ILE G 205 -46.75 4.98 -7.08
C ILE G 205 -48.16 5.57 -7.06
N THR G 206 -48.37 6.59 -6.24
CA THR G 206 -49.72 7.13 -6.08
C THR G 206 -50.09 8.10 -7.19
N SER G 207 -49.11 8.74 -7.82
CA SER G 207 -49.36 9.63 -8.94
C SER G 207 -48.05 9.93 -9.64
N HIS G 208 -48.16 10.41 -10.88
CA HIS G 208 -47.01 10.79 -11.69
C HIS G 208 -47.50 11.55 -12.91
N ASN G 209 -46.69 12.50 -13.36
CA ASN G 209 -46.99 13.20 -14.61
C ASN G 209 -46.55 12.34 -15.79
N GLU G 210 -46.68 12.90 -17.00
CA GLU G 210 -46.56 12.10 -18.21
C GLU G 210 -45.18 11.48 -18.36
N ASP G 211 -44.12 12.26 -18.09
CA ASP G 211 -42.75 11.79 -18.30
C ASP G 211 -42.07 11.33 -17.01
N TYR G 212 -42.82 11.24 -15.91
CA TYR G 212 -42.28 10.79 -14.62
C TYR G 212 -41.18 11.71 -14.10
N THR G 213 -41.26 13.01 -14.39
CA THR G 213 -40.37 13.97 -13.72
C THR G 213 -40.91 14.42 -12.38
N ILE G 214 -42.20 14.20 -12.10
CA ILE G 214 -42.81 14.47 -10.81
C ILE G 214 -43.59 13.22 -10.42
N VAL G 215 -43.22 12.59 -9.32
CA VAL G 215 -43.75 11.30 -8.91
C VAL G 215 -44.13 11.36 -7.44
N GLU G 216 -45.29 10.80 -7.10
CA GLU G 216 -45.73 10.67 -5.72
C GLU G 216 -45.68 9.21 -5.31
N GLN G 217 -45.19 8.95 -4.10
CA GLN G 217 -44.97 7.60 -3.63
C GLN G 217 -45.58 7.44 -2.24
N TYR G 218 -46.07 6.25 -1.96
CA TYR G 218 -46.58 5.88 -0.64
C TYR G 218 -46.03 4.51 -0.30
N GLU G 219 -45.64 4.33 0.97
CA GLU G 219 -45.12 3.05 1.40
C GLU G 219 -45.60 2.73 2.81
N ARG G 220 -45.99 1.47 2.99
CA ARG G 220 -46.44 0.94 4.27
C ARG G 220 -45.58 -0.27 4.61
N ALA G 221 -44.96 -0.26 5.78
CA ALA G 221 -44.03 -1.31 6.15
C ALA G 221 -44.17 -1.64 7.64
N GLU G 222 -44.15 -2.92 7.95
CA GLU G 222 -44.35 -3.39 9.33
C GLU G 222 -43.49 -4.62 9.58
N GLY G 223 -42.88 -4.67 10.76
CA GLY G 223 -42.04 -5.79 11.13
C GLY G 223 -42.83 -6.87 11.86
N ARG G 224 -42.47 -8.12 11.60
CA ARG G 224 -43.11 -9.27 12.23
C ARG G 224 -42.06 -10.34 12.51
N HIS G 225 -42.33 -11.15 13.54
CA HIS G 225 -41.43 -12.23 13.89
C HIS G 225 -41.53 -13.36 12.87
N SER G 226 -40.43 -14.07 12.67
CA SER G 226 -40.38 -15.18 11.72
C SER G 226 -41.32 -16.31 12.15
N GLN H 4 -19.68 -16.65 10.52
CA GLN H 4 -18.83 -17.71 10.01
C GLN H 4 -19.65 -18.87 9.47
N VAL H 5 -19.20 -19.43 8.34
CA VAL H 5 -19.81 -20.61 7.75
C VAL H 5 -18.71 -21.61 7.44
N GLN H 6 -19.08 -22.90 7.44
CA GLN H 6 -18.14 -23.98 7.15
C GLN H 6 -18.73 -24.84 6.04
N LEU H 7 -18.05 -24.87 4.89
CA LEU H 7 -18.50 -25.65 3.74
C LEU H 7 -17.86 -27.03 3.78
N VAL H 8 -18.68 -28.05 3.55
CA VAL H 8 -18.23 -29.44 3.53
C VAL H 8 -18.59 -30.04 2.18
N GLU H 9 -17.58 -30.49 1.44
CA GLU H 9 -17.77 -31.09 0.12
C GLU H 9 -17.74 -32.61 0.22
N SER H 10 -18.37 -33.25 -0.77
CA SER H 10 -18.38 -34.70 -0.90
C SER H 10 -18.93 -35.05 -2.27
N GLY H 11 -18.68 -36.30 -2.69
CA GLY H 11 -19.21 -36.80 -3.94
C GLY H 11 -18.18 -37.09 -5.01
N GLY H 12 -16.89 -36.88 -4.74
CA GLY H 12 -15.86 -37.11 -5.73
C GLY H 12 -15.35 -38.54 -5.73
N GLY H 13 -14.37 -38.78 -6.59
CA GLY H 13 -13.77 -40.10 -6.71
C GLY H 13 -13.36 -40.35 -8.14
N LEU H 14 -13.08 -41.62 -8.42
CA LEU H 14 -12.63 -42.06 -9.74
C LEU H 14 -13.81 -42.54 -10.57
N VAL H 15 -13.92 -42.01 -11.79
CA VAL H 15 -14.93 -42.44 -12.74
C VAL H 15 -14.26 -42.68 -14.09
N GLN H 16 -15.03 -43.19 -15.03
CA GLN H 16 -14.57 -43.37 -16.40
C GLN H 16 -15.21 -42.32 -17.29
N ALA H 17 -14.57 -42.09 -18.44
CA ALA H 17 -15.05 -41.07 -19.36
C ALA H 17 -16.48 -41.36 -19.80
N GLY H 18 -17.28 -40.29 -19.90
CA GLY H 18 -18.68 -40.41 -20.22
C GLY H 18 -19.61 -40.57 -19.03
N ASP H 19 -19.06 -40.89 -17.86
CA ASP H 19 -19.87 -41.12 -16.67
C ASP H 19 -20.31 -39.79 -16.07
N SER H 20 -21.27 -39.88 -15.15
CA SER H 20 -21.76 -38.73 -14.41
C SER H 20 -21.19 -38.76 -12.99
N LEU H 21 -21.36 -37.63 -12.31
CA LEU H 21 -20.93 -37.50 -10.92
C LEU H 21 -21.63 -36.28 -10.33
N ARG H 22 -21.95 -36.37 -9.04
CA ARG H 22 -22.68 -35.32 -8.34
C ARG H 22 -21.90 -34.90 -7.11
N LEU H 23 -21.42 -33.66 -7.10
CA LEU H 23 -20.76 -33.10 -5.93
C LEU H 23 -21.77 -32.31 -5.11
N SER H 24 -21.58 -32.35 -3.79
CA SER H 24 -22.41 -31.60 -2.86
C SER H 24 -21.54 -30.68 -2.02
N CYS H 25 -22.11 -29.54 -1.63
CA CYS H 25 -21.42 -28.53 -0.82
C CYS H 25 -22.34 -28.16 0.34
N ALA H 26 -22.18 -28.86 1.47
CA ALA H 26 -23.00 -28.62 2.64
C ALA H 26 -22.35 -27.58 3.53
N ALA H 27 -23.15 -26.60 3.94
CA ALA H 27 -22.68 -25.53 4.82
C ALA H 27 -23.28 -25.68 6.21
N SER H 28 -22.60 -25.10 7.19
CA SER H 28 -23.06 -25.12 8.58
C SER H 28 -22.50 -23.91 9.29
N GLY H 29 -23.24 -23.43 10.28
CA GLY H 29 -22.80 -22.30 11.06
C GLY H 29 -23.99 -21.52 11.59
N ARG H 30 -23.67 -20.51 12.40
CA ARG H 30 -24.69 -19.66 13.02
C ARG H 30 -25.35 -18.70 12.04
N THR H 31 -24.87 -18.65 10.80
CA THR H 31 -25.24 -17.55 9.90
C THR H 31 -26.72 -17.57 9.56
N PHE H 32 -27.27 -16.37 9.40
CA PHE H 32 -28.62 -16.17 8.89
C PHE H 32 -28.65 -15.87 7.41
N GLU H 33 -27.50 -15.62 6.79
CA GLU H 33 -27.43 -15.15 5.42
C GLU H 33 -27.52 -16.29 4.42
N ASN H 34 -28.23 -16.05 3.32
CA ASN H 34 -28.20 -16.92 2.16
C ASN H 34 -27.07 -16.44 1.26
N TYR H 35 -26.05 -17.28 1.09
CA TYR H 35 -24.86 -16.90 0.35
C TYR H 35 -24.97 -17.33 -1.10
N ALA H 36 -24.39 -16.51 -1.98
CA ALA H 36 -24.12 -16.96 -3.34
C ALA H 36 -23.02 -18.01 -3.30
N MET H 37 -23.06 -18.93 -4.25
CA MET H 37 -22.15 -20.07 -4.24
C MET H 37 -21.56 -20.29 -5.62
N GLY H 38 -20.24 -20.44 -5.67
CA GLY H 38 -19.55 -20.73 -6.91
C GLY H 38 -18.72 -22.00 -6.78
N TRP H 39 -18.51 -22.66 -7.90
CA TRP H 39 -17.70 -23.88 -7.96
C TRP H 39 -16.42 -23.58 -8.74
N PHE H 40 -15.29 -24.04 -8.20
CA PHE H 40 -13.99 -23.90 -8.85
C PHE H 40 -13.31 -25.26 -8.90
N ARG H 41 -12.40 -25.41 -9.86
CA ARG H 41 -11.63 -26.63 -9.99
C ARG H 41 -10.17 -26.30 -10.23
N GLN H 42 -9.28 -27.11 -9.67
CA GLN H 42 -7.84 -26.86 -9.70
C GLN H 42 -7.14 -28.13 -10.16
N ALA H 43 -6.57 -28.09 -11.36
CA ALA H 43 -5.78 -29.20 -11.86
C ALA H 43 -4.55 -29.40 -10.96
N PRO H 44 -3.97 -30.60 -10.97
CA PRO H 44 -2.80 -30.86 -10.11
C PRO H 44 -1.64 -29.90 -10.33
N GLY H 45 -1.58 -29.23 -11.48
CA GLY H 45 -0.52 -28.28 -11.72
C GLY H 45 -1.00 -26.96 -12.28
N LYS H 46 -2.11 -26.44 -11.75
CA LYS H 46 -2.70 -25.21 -12.23
C LYS H 46 -3.38 -24.50 -11.05
N GLU H 47 -4.04 -23.40 -11.36
CA GLU H 47 -4.76 -22.59 -10.37
C GLU H 47 -6.26 -22.89 -10.43
N ARG H 48 -6.98 -22.35 -9.45
CA ARG H 48 -8.41 -22.62 -9.33
C ARG H 48 -9.18 -21.91 -10.43
N GLU H 49 -9.91 -22.68 -11.24
CA GLU H 49 -10.60 -22.13 -12.41
C GLU H 49 -12.10 -22.14 -12.16
N PHE H 50 -12.77 -21.08 -12.65
CA PHE H 50 -14.19 -20.92 -12.45
C PHE H 50 -14.96 -21.97 -13.25
N VAL H 51 -15.85 -22.70 -12.56
CA VAL H 51 -16.72 -23.67 -13.21
C VAL H 51 -18.14 -23.14 -13.35
N GLY H 52 -18.68 -22.58 -12.26
CA GLY H 52 -20.02 -22.05 -12.29
C GLY H 52 -20.36 -21.43 -10.96
N ALA H 53 -21.49 -20.71 -10.94
CA ALA H 53 -21.93 -20.02 -9.74
C ALA H 53 -23.43 -19.78 -9.80
N VAL H 54 -24.06 -19.78 -8.63
CA VAL H 54 -25.49 -19.55 -8.50
C VAL H 54 -25.72 -18.42 -7.50
N SER H 55 -26.65 -17.53 -7.82
CA SER H 55 -26.92 -16.37 -6.97
C SER H 55 -27.47 -16.81 -5.61
N TRP H 56 -27.42 -15.87 -4.65
CA TRP H 56 -27.81 -16.19 -3.28
C TRP H 56 -29.28 -16.60 -3.19
N GLY H 57 -30.10 -16.13 -4.13
CA GLY H 57 -31.50 -16.49 -4.16
C GLY H 57 -31.88 -17.55 -5.16
N GLY H 58 -30.91 -18.05 -5.94
CA GLY H 58 -31.18 -19.06 -6.94
C GLY H 58 -31.65 -18.54 -8.27
N GLY H 59 -31.89 -17.23 -8.40
CA GLY H 59 -32.45 -16.69 -9.61
C GLY H 59 -31.50 -16.61 -10.79
N ARG H 60 -30.19 -16.60 -10.53
CA ARG H 60 -29.20 -16.47 -11.59
C ARG H 60 -28.13 -17.53 -11.42
N THR H 61 -27.79 -18.21 -12.51
CA THR H 61 -26.71 -19.20 -12.54
C THR H 61 -25.83 -18.95 -13.75
N TYR H 62 -24.52 -19.06 -13.55
CA TYR H 62 -23.54 -18.80 -14.59
C TYR H 62 -22.60 -20.00 -14.72
N TYR H 63 -22.15 -20.28 -15.94
CA TYR H 63 -21.31 -21.43 -16.21
C TYR H 63 -20.13 -21.04 -17.09
N ALA H 64 -18.99 -21.67 -16.84
CA ALA H 64 -17.86 -21.55 -17.75
C ALA H 64 -18.20 -22.20 -19.09
N ASP H 65 -17.57 -21.70 -20.15
CA ASP H 65 -17.89 -22.18 -21.50
C ASP H 65 -17.60 -23.67 -21.65
N ASN H 66 -16.53 -24.16 -21.03
CA ASN H 66 -16.11 -25.54 -21.22
C ASN H 66 -16.93 -26.55 -20.43
N VAL H 67 -17.96 -26.11 -19.70
CA VAL H 67 -18.83 -27.01 -18.96
C VAL H 67 -20.30 -26.81 -19.29
N LYS H 68 -20.65 -25.84 -20.14
CA LYS H 68 -22.04 -25.58 -20.45
C LYS H 68 -22.70 -26.80 -21.09
N GLY H 69 -23.95 -27.06 -20.69
CA GLY H 69 -24.68 -28.21 -21.15
C GLY H 69 -24.35 -29.50 -20.40
N ARG H 70 -23.11 -29.64 -19.94
CA ARG H 70 -22.70 -30.86 -19.24
C ARG H 70 -22.82 -30.74 -17.73
N PHE H 71 -22.58 -29.56 -17.18
CA PHE H 71 -22.60 -29.35 -15.73
C PHE H 71 -23.82 -28.52 -15.35
N THR H 72 -24.43 -28.86 -14.21
CA THR H 72 -25.62 -28.15 -13.73
C THR H 72 -25.46 -27.87 -12.24
N ILE H 73 -25.73 -26.63 -11.84
CA ILE H 73 -25.64 -26.19 -10.45
C ILE H 73 -27.03 -25.82 -9.97
N SER H 74 -27.39 -26.27 -8.77
CA SER H 74 -28.68 -25.98 -8.19
C SER H 74 -28.55 -25.86 -6.68
N ARG H 75 -29.43 -25.06 -6.08
CA ARG H 75 -29.49 -24.94 -4.64
C ARG H 75 -30.47 -25.96 -4.07
N ASP H 76 -30.28 -26.29 -2.79
CA ASP H 76 -31.23 -27.11 -2.05
C ASP H 76 -32.23 -26.18 -1.37
N ASN H 77 -33.49 -26.26 -1.80
CA ASN H 77 -34.52 -25.39 -1.23
C ASN H 77 -34.89 -25.75 0.20
N ALA H 78 -34.45 -26.91 0.69
CA ALA H 78 -34.78 -27.35 2.04
C ALA H 78 -33.67 -27.12 3.05
N LYS H 79 -32.41 -27.12 2.61
CA LYS H 79 -31.27 -26.92 3.49
C LYS H 79 -30.56 -25.63 3.10
N LYS H 80 -30.34 -24.76 4.10
CA LYS H 80 -29.76 -23.45 3.84
C LYS H 80 -28.32 -23.57 3.34
N ASN H 81 -28.01 -22.83 2.28
CA ASN H 81 -26.66 -22.75 1.73
C ASN H 81 -26.08 -24.13 1.45
N THR H 82 -26.83 -24.91 0.67
CA THR H 82 -26.37 -26.22 0.20
C THR H 82 -26.62 -26.29 -1.29
N VAL H 83 -25.55 -26.49 -2.05
CA VAL H 83 -25.62 -26.53 -3.51
C VAL H 83 -25.02 -27.82 -4.01
N TYR H 84 -25.41 -28.19 -5.23
CA TYR H 84 -24.97 -29.41 -5.87
C TYR H 84 -24.40 -29.08 -7.24
N LEU H 85 -23.34 -29.80 -7.62
CA LEU H 85 -22.76 -29.69 -8.95
C LEU H 85 -22.95 -31.04 -9.63
N GLN H 86 -23.90 -31.09 -10.56
CA GLN H 86 -24.17 -32.30 -11.34
C GLN H 86 -23.29 -32.27 -12.58
N MET H 87 -22.35 -33.20 -12.66
CA MET H 87 -21.39 -33.28 -13.76
C MET H 87 -21.76 -34.46 -14.65
N ASN H 88 -22.25 -34.16 -15.85
CA ASN H 88 -22.61 -35.16 -16.84
C ASN H 88 -21.57 -35.20 -17.95
N SER H 89 -21.51 -36.36 -18.62
CA SER H 89 -20.68 -36.56 -19.81
C SER H 89 -19.23 -36.15 -19.54
N LEU H 90 -18.68 -36.70 -18.46
CA LEU H 90 -17.35 -36.30 -18.02
C LEU H 90 -16.29 -36.69 -19.02
N LYS H 91 -15.28 -35.83 -19.18
CA LYS H 91 -14.17 -36.03 -20.07
C LYS H 91 -12.86 -35.98 -19.29
N PRO H 92 -11.83 -36.69 -19.75
CA PRO H 92 -10.53 -36.68 -19.03
C PRO H 92 -10.02 -35.28 -18.69
N GLU H 93 -10.37 -34.27 -19.48
CA GLU H 93 -9.94 -32.91 -19.18
C GLU H 93 -10.54 -32.37 -17.89
N ASP H 94 -11.63 -32.96 -17.41
CA ASP H 94 -12.28 -32.50 -16.20
C ASP H 94 -11.56 -32.95 -14.93
N THR H 95 -10.49 -33.74 -15.05
CA THR H 95 -9.77 -34.19 -13.88
C THR H 95 -9.19 -33.00 -13.12
N ALA H 96 -9.55 -32.89 -11.85
CA ALA H 96 -9.14 -31.77 -11.01
C ALA H 96 -9.67 -32.03 -9.61
N VAL H 97 -9.20 -31.23 -8.67
CA VAL H 97 -9.83 -31.13 -7.37
C VAL H 97 -10.81 -29.96 -7.41
N TYR H 98 -12.05 -30.22 -7.01
CA TYR H 98 -13.13 -29.26 -7.17
C TYR H 98 -13.44 -28.61 -5.83
N TYR H 99 -13.66 -27.29 -5.87
CA TYR H 99 -13.96 -26.51 -4.69
C TYR H 99 -15.30 -25.81 -4.85
N CYS H 100 -16.05 -25.72 -3.75
CA CYS H 100 -17.19 -24.83 -3.67
C CYS H 100 -16.82 -23.65 -2.77
N ALA H 101 -17.32 -22.47 -3.12
CA ALA H 101 -17.00 -21.27 -2.38
C ALA H 101 -18.26 -20.41 -2.25
N ALA H 102 -18.27 -19.57 -1.22
CA ALA H 102 -19.45 -18.76 -0.90
C ALA H 102 -19.05 -17.30 -0.74
N LYS H 103 -19.97 -16.42 -1.14
CA LYS H 103 -19.80 -14.99 -0.93
C LYS H 103 -21.19 -14.36 -0.91
N SER H 104 -21.25 -13.11 -0.42
CA SER H 104 -22.54 -12.47 -0.17
C SER H 104 -23.32 -12.26 -1.46
N VAL H 105 -22.67 -11.66 -2.47
CA VAL H 105 -23.35 -11.32 -3.71
C VAL H 105 -22.42 -11.58 -4.89
N LEU H 106 -23.01 -11.84 -6.05
CA LEU H 106 -22.26 -12.10 -7.27
C LEU H 106 -22.24 -10.86 -8.14
N THR H 107 -21.05 -10.45 -8.56
CA THR H 107 -20.89 -9.39 -9.55
C THR H 107 -20.08 -9.92 -10.72
N ILE H 108 -20.20 -9.25 -11.86
CA ILE H 108 -19.47 -9.66 -13.06
C ILE H 108 -17.96 -9.67 -12.79
N ALA H 109 -17.47 -8.68 -12.05
CA ALA H 109 -16.04 -8.53 -11.85
C ALA H 109 -15.49 -9.36 -10.69
N THR H 110 -16.35 -10.05 -9.93
CA THR H 110 -15.88 -10.83 -8.79
C THR H 110 -16.26 -12.30 -8.84
N MET H 111 -17.32 -12.69 -9.56
CA MET H 111 -17.84 -14.04 -9.44
C MET H 111 -16.87 -15.10 -9.94
N ARG H 112 -15.96 -14.73 -10.85
CA ARG H 112 -15.04 -15.68 -11.43
C ARG H 112 -13.65 -15.63 -10.81
N VAL H 113 -13.42 -14.76 -9.83
CA VAL H 113 -12.11 -14.55 -9.25
C VAL H 113 -12.08 -15.25 -7.88
N PRO H 114 -11.20 -16.23 -7.67
CA PRO H 114 -11.20 -16.97 -6.40
C PRO H 114 -10.97 -16.09 -5.18
N ASP H 115 -10.15 -15.04 -5.31
CA ASP H 115 -9.76 -14.24 -4.14
C ASP H 115 -10.92 -13.46 -3.55
N GLU H 116 -12.00 -13.23 -4.30
CA GLU H 116 -13.13 -12.48 -3.80
C GLU H 116 -14.11 -13.31 -2.98
N TYR H 117 -13.88 -14.63 -2.88
CA TYR H 117 -14.71 -15.50 -2.07
C TYR H 117 -14.08 -15.67 -0.70
N ASN H 118 -14.89 -15.55 0.35
CA ASN H 118 -14.39 -15.55 1.72
C ASN H 118 -14.53 -16.89 2.43
N TYR H 119 -15.26 -17.84 1.86
CA TYR H 119 -15.46 -19.15 2.49
C TYR H 119 -15.27 -20.23 1.44
N TRP H 120 -14.54 -21.28 1.81
CA TRP H 120 -14.17 -22.33 0.87
C TRP H 120 -14.34 -23.69 1.52
N GLY H 121 -14.66 -24.68 0.70
CA GLY H 121 -14.71 -26.05 1.16
C GLY H 121 -13.35 -26.72 1.12
N GLN H 122 -13.30 -27.92 1.69
CA GLN H 122 -12.04 -28.66 1.77
C GLN H 122 -11.56 -29.13 0.39
N GLY H 123 -12.46 -29.26 -0.57
CA GLY H 123 -12.08 -29.77 -1.88
C GLY H 123 -12.19 -31.28 -1.95
N THR H 124 -12.51 -31.78 -3.14
CA THR H 124 -12.62 -33.21 -3.37
C THR H 124 -12.04 -33.55 -4.74
N GLN H 125 -11.31 -34.65 -4.80
CA GLN H 125 -10.66 -35.07 -6.04
C GLN H 125 -11.66 -35.73 -6.98
N VAL H 126 -11.61 -35.34 -8.25
CA VAL H 126 -12.40 -35.97 -9.30
C VAL H 126 -11.43 -36.41 -10.38
N THR H 127 -11.23 -37.72 -10.52
CA THR H 127 -10.40 -38.29 -11.57
C THR H 127 -11.28 -39.06 -12.54
N VAL H 128 -11.14 -38.76 -13.82
CA VAL H 128 -11.89 -39.42 -14.88
C VAL H 128 -10.88 -40.11 -15.80
N SER H 129 -10.94 -41.43 -15.86
CA SER H 129 -10.02 -42.21 -16.67
C SER H 129 -10.55 -42.40 -18.08
S SO4 I . 47.17 19.15 -27.91
O1 SO4 I . 48.06 19.17 -26.76
O2 SO4 I . 45.84 19.59 -27.51
O3 SO4 I . 47.09 17.79 -28.45
O4 SO4 I . 47.69 20.05 -28.95
S SO4 J . 47.21 17.88 -35.59
O1 SO4 J . 47.53 17.46 -34.24
O2 SO4 J . 45.97 18.65 -35.58
O3 SO4 J . 47.04 16.70 -36.43
O4 SO4 J . 48.29 18.70 -36.12
S SO4 K . 48.22 19.38 -14.64
O1 SO4 K . 48.59 20.27 -13.53
O2 SO4 K . 47.24 18.41 -14.17
O3 SO4 K . 49.41 18.67 -15.11
O4 SO4 K . 47.66 20.16 -15.73
S SO4 L . 18.63 -2.66 -9.37
O1 SO4 L . 18.87 -2.53 -7.93
O2 SO4 L . 17.32 -2.10 -9.69
O3 SO4 L . 19.67 -1.95 -10.09
O4 SO4 L . 18.66 -4.07 -9.74
S SO4 M . -0.83 -17.75 27.04
O1 SO4 M . -1.00 -18.50 28.28
O2 SO4 M . -2.14 -17.25 26.59
O3 SO4 M . 0.07 -16.62 27.27
O4 SO4 M . -0.27 -18.62 26.01
S SO4 N . 6.38 -15.07 27.59
O1 SO4 N . 5.48 -15.72 28.53
O2 SO4 N . 5.61 -14.32 26.60
O3 SO4 N . 7.26 -14.15 28.31
O4 SO4 N . 7.20 -16.08 26.90
S SO4 O . 24.74 -5.16 26.96
O1 SO4 O . 23.90 -6.25 26.49
O2 SO4 O . 24.02 -4.41 28.00
O3 SO4 O . 25.05 -4.26 25.85
O4 SO4 O . 25.98 -5.68 27.52
S SO4 P . 18.02 -8.64 27.88
O1 SO4 P . 17.00 -8.18 28.82
O2 SO4 P . 17.59 -9.92 27.30
O3 SO4 P . 18.20 -7.66 26.82
O4 SO4 P . 19.27 -8.83 28.59
S SO4 Q . 6.07 -0.30 9.14
O1 SO4 Q . 5.23 -1.06 8.22
O2 SO4 Q . 5.30 0.02 10.35
O3 SO4 Q . 6.50 0.94 8.49
O4 SO4 Q . 7.24 -1.09 9.51
S SO4 R . -45.91 20.30 12.44
O1 SO4 R . -46.83 20.45 11.32
O2 SO4 R . -46.58 20.66 13.69
O3 SO4 R . -44.74 21.15 12.25
O4 SO4 R . -45.47 18.91 12.52
#